data_9ML3
#
_entry.id   9ML3
#
_cell.length_a   1.00
_cell.length_b   1.00
_cell.length_c   1.00
_cell.angle_alpha   90.00
_cell.angle_beta   90.00
_cell.angle_gamma   90.00
#
_symmetry.space_group_name_H-M   'P 1'
#
loop_
_entity.id
_entity.type
_entity.pdbx_description
1 polymer 'Major capsid protein L1'
2 polymer 'B25M05 Fab Heavy Chain'
3 polymer 'B25M05 Fab Light Chain'
#
loop_
_entity_poly.entity_id
_entity_poly.type
_entity_poly.pdbx_seq_one_letter_code
_entity_poly.pdbx_strand_id
1 'polypeptide(L)'
;AVVSTDEYVARTNIYYHAGTSRLLAVGHPYFPIKKPNNNKILVPKVSGLQYRVFRIHLPDPNKFGFPDTSFYNPDTQRLV
WACVGVEVGRGQPLGVGISGHPLLNKLDDTENASAYAANAGVDNRECISMDYKQTQLCLIGCKPPIGEHWGKGSPCTNVA
VQPGDCPPLELINTVIQDGDMVDTGFGAMDFTTLQANKSEVPLDICTSICKYPDYIKMVSEPYGDSLFFYLRREQMFVRH
LFNRAGTVGENVPDDLYIKGSGSTANLASSNYFPTPSGSMVTSDAQIFNKPYWLQRAQGHNNGICWGNQLFVTVVDTTRS
TNMSLCAAISTSETTYKNTNFKEYLRHGEEYDLQFIFQLCKITLTADVMTYIHSMNSTILEDWNGGSGGEDPLKKYTFWE
VNLKEKFSADLDQFPLGRKFLLQLGL
;
A,B,C,D,E
2 'polypeptide(L)'
;QVQLQQWGAGLLKPSETLSLTCAVNGGSFSIYYWSWIRQPPGKGLDWIGEINQSGSTNYNPSLKSRVTMSVDTSKSQFSL
RMTSVTAADTAIYYCARAPRIRWGSYRLKQTNFDSWGQGTLVTVSSRSTKGPSVFPLAPSSKSTSGGTAALGCLVKDYFP
EPVTVSWNSGALTSGVHTFPAVLQSSGLYSLSSVVTVPSSSLGTQTYICNVNHKPSNTKVDKRVEPKSCDKTHHHHHH
;
H
3 'polypeptide(L)'
;QSALTQPASVSGSPGQSITISCTGTSNDVGDYDYVSWYQLHPGKAPKLLIFDVSRRPSGVSDRFSGSKSGDTASLTISGL
QAEDEADYYCSSYTGSSTYVFGTGTKVSVLSQPKANPTVTLFPPSSEELQANKATLVCLISDFYPGAVTVAWKADSSPVK
AGVETTTPSKQSNNKYAASSYLSLTPEQWKSHRSYSCQVTHEGSTVEKTVAPTECS
;
L
#
# COMPACT_ATOMS: atom_id res chain seq x y z
N ALA A 1 0.55 37.80 -37.45
CA ALA A 1 -0.13 37.23 -36.25
C ALA A 1 -1.06 36.11 -36.64
N VAL A 2 -0.81 34.91 -36.10
CA VAL A 2 -1.66 33.76 -36.41
C VAL A 2 -3.05 33.97 -35.84
N VAL A 3 -4.04 33.42 -36.53
CA VAL A 3 -5.44 33.56 -36.13
C VAL A 3 -6.08 32.19 -36.06
N SER A 4 -7.02 32.03 -35.13
CA SER A 4 -7.69 30.76 -34.95
C SER A 4 -8.50 30.39 -36.18
N THR A 5 -8.59 29.09 -36.44
CA THR A 5 -9.28 28.63 -37.65
C THR A 5 -10.76 28.99 -37.63
N ASP A 6 -11.32 29.34 -36.47
CA ASP A 6 -12.74 29.66 -36.40
C ASP A 6 -13.07 30.90 -37.20
N GLU A 7 -12.11 31.81 -37.36
CA GLU A 7 -12.41 33.09 -37.99
C GLU A 7 -12.41 33.03 -39.51
N TYR A 8 -11.90 31.94 -40.11
CA TYR A 8 -11.87 31.82 -41.56
C TYR A 8 -12.22 30.43 -42.06
N VAL A 9 -12.74 29.56 -41.20
CA VAL A 9 -13.26 28.26 -41.62
C VAL A 9 -14.70 28.17 -41.16
N ALA A 10 -15.62 28.01 -42.11
CA ALA A 10 -17.05 27.95 -41.83
C ALA A 10 -17.49 26.50 -41.74
N ARG A 11 -18.09 26.14 -40.62
CA ARG A 11 -18.51 24.77 -40.36
C ARG A 11 -19.93 24.54 -40.87
N THR A 12 -20.28 23.26 -40.99
CA THR A 12 -21.54 22.85 -41.60
C THR A 12 -22.31 21.87 -40.73
N ASN A 13 -23.35 21.26 -41.30
CA ASN A 13 -24.15 20.27 -40.62
C ASN A 13 -23.68 18.85 -40.94
N ILE A 14 -22.88 18.69 -42.00
CA ILE A 14 -22.53 17.37 -42.52
C ILE A 14 -21.62 16.67 -41.52
N TYR A 15 -21.98 15.44 -41.15
CA TYR A 15 -21.17 14.60 -40.27
C TYR A 15 -21.01 13.21 -40.88
N TYR A 16 -19.84 12.60 -40.64
CA TYR A 16 -19.53 11.27 -41.14
C TYR A 16 -18.84 10.47 -40.06
N HIS A 17 -19.02 9.15 -40.10
CA HIS A 17 -18.39 8.23 -39.16
C HIS A 17 -17.43 7.32 -39.91
N ALA A 18 -16.20 7.24 -39.43
CA ALA A 18 -15.16 6.42 -40.05
C ALA A 18 -14.60 5.46 -39.02
N GLY A 19 -14.58 4.17 -39.34
CA GLY A 19 -14.04 3.18 -38.44
C GLY A 19 -13.07 2.24 -39.12
N THR A 20 -12.00 1.87 -38.42
CA THR A 20 -10.97 1.01 -38.99
C THR A 20 -11.23 -0.47 -38.75
N SER A 21 -12.17 -0.82 -37.87
CA SER A 21 -12.41 -2.21 -37.51
C SER A 21 -11.19 -2.79 -36.82
N ARG A 22 -11.24 -4.06 -36.47
CA ARG A 22 -10.18 -4.70 -35.69
C ARG A 22 -8.84 -4.64 -36.42
N LEU A 23 -7.81 -4.22 -35.70
CA LEU A 23 -6.43 -4.21 -36.18
C LEU A 23 -5.58 -5.05 -35.25
N LEU A 24 -4.81 -5.99 -35.80
CA LEU A 24 -4.06 -6.94 -35.01
C LEU A 24 -2.57 -6.86 -35.35
N ALA A 25 -1.75 -7.24 -34.38
CA ALA A 25 -0.31 -7.30 -34.54
C ALA A 25 0.23 -8.32 -33.57
N VAL A 26 1.00 -9.29 -34.06
CA VAL A 26 1.55 -10.37 -33.26
C VAL A 26 3.03 -10.49 -33.55
N GLY A 27 3.83 -10.71 -32.52
CA GLY A 27 5.26 -10.83 -32.69
C GLY A 27 5.95 -11.16 -31.38
N HIS A 28 7.26 -11.02 -31.39
CA HIS A 28 8.07 -11.32 -30.21
C HIS A 28 8.21 -10.07 -29.36
N PRO A 29 7.98 -10.14 -28.04
CA PRO A 29 8.03 -8.92 -27.23
C PRO A 29 9.38 -8.21 -27.22
N TYR A 30 10.49 -8.94 -27.28
CA TYR A 30 11.81 -8.35 -27.04
C TYR A 30 12.54 -7.96 -28.33
N PHE A 31 12.73 -8.90 -29.25
CA PHE A 31 13.54 -8.64 -30.43
C PHE A 31 12.89 -9.28 -31.65
N PRO A 32 13.13 -8.75 -32.84
CA PRO A 32 12.60 -9.39 -34.05
C PRO A 32 13.42 -10.61 -34.43
N ILE A 33 12.73 -11.66 -34.85
CA ILE A 33 13.36 -12.91 -35.23
C ILE A 33 13.80 -12.81 -36.69
N LYS A 34 15.04 -13.20 -36.95
CA LYS A 34 15.60 -13.20 -38.29
C LYS A 34 16.29 -14.53 -38.54
N LYS A 35 16.57 -14.81 -39.80
CA LYS A 35 17.22 -16.07 -40.17
C LYS A 35 18.25 -15.83 -41.26
N PRO A 36 19.51 -16.25 -41.06
CA PRO A 36 20.51 -16.05 -42.12
C PRO A 36 20.30 -16.97 -43.32
N ASN A 38 19.30 -14.51 -44.82
CA ASN A 38 18.95 -13.12 -45.10
C ASN A 38 18.78 -12.33 -43.81
N ASN A 39 18.56 -11.02 -43.94
CA ASN A 39 18.40 -10.15 -42.79
C ASN A 39 16.97 -9.66 -42.62
N LYS A 40 16.03 -10.08 -43.46
CA LYS A 40 14.67 -9.60 -43.35
C LYS A 40 13.96 -10.25 -42.17
N ILE A 41 12.97 -9.55 -41.63
CA ILE A 41 12.31 -9.95 -40.41
C ILE A 41 11.30 -11.06 -40.71
N LEU A 42 11.44 -12.18 -40.00
CA LEU A 42 10.47 -13.26 -40.05
C LEU A 42 9.36 -13.11 -39.02
N VAL A 43 9.61 -12.38 -37.94
CA VAL A 43 8.60 -12.06 -36.94
C VAL A 43 8.87 -10.66 -36.41
N PRO A 44 7.94 -9.72 -36.55
CA PRO A 44 8.20 -8.37 -36.04
C PRO A 44 8.24 -8.33 -34.52
N LYS A 45 8.83 -7.26 -34.00
CA LYS A 45 8.90 -7.05 -32.56
C LYS A 45 7.66 -6.28 -32.13
N VAL A 46 6.68 -6.99 -31.56
CA VAL A 46 5.45 -6.40 -31.05
C VAL A 46 5.50 -6.46 -29.54
N SER A 47 5.58 -5.30 -28.90
CA SER A 47 5.69 -5.20 -27.46
C SER A 47 4.65 -4.23 -26.94
N GLY A 48 4.37 -4.32 -25.65
CA GLY A 48 3.41 -3.43 -25.04
C GLY A 48 3.92 -2.04 -24.75
N LEU A 49 5.21 -1.80 -24.92
CA LEU A 49 5.81 -0.50 -24.63
C LEU A 49 6.14 0.30 -25.87
N GLN A 50 5.67 -0.12 -27.04
CA GLN A 50 5.99 0.56 -28.28
C GLN A 50 4.96 1.63 -28.59
N TYR A 51 5.43 2.76 -29.09
CA TYR A 51 4.53 3.77 -29.63
C TYR A 51 3.77 3.21 -30.81
N ARG A 52 2.51 3.59 -30.93
CA ARG A 52 1.68 3.22 -32.08
C ARG A 52 1.26 4.52 -32.76
N VAL A 53 2.00 4.92 -33.79
CA VAL A 53 1.71 6.16 -34.50
C VAL A 53 0.92 5.83 -35.76
N PHE A 54 -0.40 5.82 -35.67
CA PHE A 54 -1.24 5.60 -36.83
C PHE A 54 -1.28 6.86 -37.68
N ARG A 55 -1.20 6.68 -38.99
CA ARG A 55 -1.30 7.78 -39.95
C ARG A 55 -2.57 7.56 -40.77
N ILE A 56 -3.64 8.24 -40.39
CA ILE A 56 -4.94 8.05 -41.01
C ILE A 56 -5.05 8.91 -42.25
N HIS A 57 -5.44 8.31 -43.36
CA HIS A 57 -5.70 9.02 -44.60
C HIS A 57 -7.21 9.16 -44.78
N LEU A 58 -7.64 10.35 -45.09
CA LEU A 58 -9.05 10.62 -45.28
C LEU A 58 -9.36 10.87 -46.74
N PRO A 59 -10.58 10.61 -47.19
CA PRO A 59 -10.93 10.93 -48.57
C PRO A 59 -10.89 12.43 -48.80
N ASP A 60 -10.60 12.81 -50.04
CA ASP A 60 -10.54 14.23 -50.38
C ASP A 60 -11.96 14.76 -50.55
N PRO A 61 -12.43 15.69 -49.71
CA PRO A 61 -13.80 16.18 -49.88
C PRO A 61 -14.02 16.99 -51.14
N ASN A 62 -12.95 17.57 -51.70
CA ASN A 62 -13.08 18.30 -52.96
C ASN A 62 -13.35 17.38 -54.14
N LYS A 63 -13.25 16.07 -53.95
CA LYS A 63 -13.46 15.10 -55.01
C LYS A 63 -14.43 14.01 -54.55
N PHE A 64 -14.92 14.11 -53.31
CA PHE A 64 -15.78 13.11 -52.71
C PHE A 64 -17.21 13.25 -53.23
N GLY A 65 -17.89 12.12 -53.35
CA GLY A 65 -19.23 12.08 -53.91
C GLY A 65 -20.35 12.33 -52.92
N PHE A 66 -20.56 13.59 -52.52
CA PHE A 66 -21.67 13.90 -51.64
C PHE A 66 -23.00 13.70 -52.36
N PRO A 67 -24.07 13.39 -51.62
CA PRO A 67 -25.40 13.33 -52.24
C PRO A 67 -25.86 14.67 -52.79
N ASP A 68 -25.31 15.78 -52.30
CA ASP A 68 -25.66 17.11 -52.79
C ASP A 68 -24.43 18.00 -52.66
N THR A 69 -24.38 19.06 -53.47
CA THR A 69 -23.28 20.01 -53.43
C THR A 69 -23.77 21.45 -53.39
N SER A 70 -25.05 21.68 -53.09
CA SER A 70 -25.59 23.03 -53.07
C SER A 70 -25.06 23.85 -51.91
N PHE A 71 -24.62 23.20 -50.82
CA PHE A 71 -24.22 23.93 -49.63
C PHE A 71 -22.98 24.80 -49.86
N TYR A 72 -22.16 24.50 -50.86
CA TYR A 72 -20.94 25.25 -51.10
C TYR A 72 -20.84 25.58 -52.58
N ASN A 73 -20.07 26.63 -52.88
CA ASN A 73 -19.85 27.05 -54.26
C ASN A 73 -18.62 26.33 -54.79
N PRO A 74 -18.78 25.37 -55.70
CA PRO A 74 -17.64 24.49 -56.05
C PRO A 74 -16.45 25.20 -56.67
N ASP A 75 -16.58 26.46 -57.07
CA ASP A 75 -15.50 27.15 -57.77
C ASP A 75 -14.75 28.15 -56.91
N THR A 76 -15.42 28.81 -55.96
CA THR A 76 -14.79 29.81 -55.11
C THR A 76 -14.53 29.32 -53.69
N GLN A 77 -14.97 28.11 -53.35
CA GLN A 77 -14.79 27.57 -52.02
C GLN A 77 -14.25 26.15 -52.10
N ARG A 78 -13.48 25.78 -51.08
CA ARG A 78 -12.91 24.45 -50.95
C ARG A 78 -13.47 23.79 -49.70
N LEU A 79 -13.19 22.50 -49.56
CA LEU A 79 -13.67 21.70 -48.45
C LEU A 79 -12.50 21.10 -47.71
N VAL A 80 -12.72 20.77 -46.44
CA VAL A 80 -11.67 20.19 -45.59
C VAL A 80 -12.36 19.57 -44.38
N TRP A 81 -11.80 18.48 -43.89
CA TRP A 81 -12.39 17.74 -42.79
C TRP A 81 -12.00 18.37 -41.46
N ALA A 82 -12.83 18.14 -40.45
CA ALA A 82 -12.57 18.56 -39.09
C ALA A 82 -12.91 17.42 -38.15
N CYS A 83 -12.10 17.23 -37.11
CA CYS A 83 -12.32 16.15 -36.16
C CYS A 83 -13.11 16.67 -34.97
N VAL A 84 -14.21 16.00 -34.64
CA VAL A 84 -15.07 16.38 -33.53
C VAL A 84 -15.24 15.26 -32.52
N GLY A 85 -14.61 14.12 -32.72
CA GLY A 85 -14.72 13.01 -31.80
C GLY A 85 -13.81 11.86 -32.19
N VAL A 86 -13.42 11.04 -31.24
CA VAL A 86 -12.53 9.92 -31.52
C VAL A 86 -12.58 8.97 -30.33
N GLU A 87 -12.47 7.68 -30.62
CA GLU A 87 -12.41 6.65 -29.59
C GLU A 87 -11.38 5.62 -29.99
N VAL A 88 -10.50 5.26 -29.06
CA VAL A 88 -9.46 4.28 -29.31
C VAL A 88 -9.85 3.01 -28.58
N GLY A 89 -10.13 1.95 -29.34
CA GLY A 89 -10.53 0.70 -28.74
C GLY A 89 -9.32 -0.17 -28.41
N ARG A 90 -9.47 -0.98 -27.37
CA ARG A 90 -8.40 -1.86 -26.91
C ARG A 90 -9.04 -3.17 -26.46
N GLY A 91 -9.09 -4.14 -27.38
CA GLY A 91 -9.80 -5.37 -27.13
C GLY A 91 -8.97 -6.52 -26.60
N GLN A 92 -8.23 -6.29 -25.53
CA GLN A 92 -7.44 -7.34 -24.90
C GLN A 92 -7.57 -7.22 -23.40
N PRO A 93 -7.39 -8.31 -22.66
CA PRO A 93 -7.51 -8.24 -21.21
C PRO A 93 -6.36 -7.47 -20.57
N LEU A 94 -6.67 -6.82 -19.45
CA LEU A 94 -5.64 -6.09 -18.73
C LEU A 94 -4.58 -7.04 -18.21
N GLY A 95 -3.34 -6.57 -18.17
CA GLY A 95 -2.24 -7.38 -17.69
C GLY A 95 -0.97 -6.59 -17.69
N VAL A 96 0.07 -7.20 -17.14
CA VAL A 96 1.38 -6.57 -17.00
C VAL A 96 2.44 -7.53 -17.53
N GLY A 97 3.36 -7.02 -18.33
CA GLY A 97 4.43 -7.84 -18.88
C GLY A 97 5.69 -7.76 -18.05
N ILE A 98 6.68 -8.55 -18.46
CA ILE A 98 7.96 -8.63 -17.76
C ILE A 98 9.07 -8.60 -18.79
N SER A 99 10.14 -7.88 -18.50
CA SER A 99 11.31 -7.82 -19.34
C SER A 99 12.54 -8.10 -18.50
N GLY A 100 13.65 -8.40 -19.18
CA GLY A 100 14.87 -8.68 -18.46
C GLY A 100 16.02 -8.93 -19.41
N HIS A 101 17.20 -9.05 -18.83
CA HIS A 101 18.43 -9.28 -19.56
C HIS A 101 19.11 -10.52 -18.97
N PRO A 102 19.51 -11.49 -19.80
CA PRO A 102 20.24 -12.63 -19.24
C PRO A 102 21.55 -12.26 -18.58
N LEU A 103 22.13 -11.12 -18.93
CA LEU A 103 23.43 -10.70 -18.43
C LEU A 103 23.38 -9.24 -17.98
N LEU A 104 22.37 -8.89 -17.20
CA LEU A 104 22.26 -7.52 -16.70
C LEU A 104 23.47 -7.19 -15.83
N ASN A 105 23.89 -5.93 -15.90
CA ASN A 105 25.08 -5.49 -15.17
C ASN A 105 24.67 -5.06 -13.77
N LYS A 106 24.68 -6.02 -12.84
CA LYS A 106 24.29 -5.79 -11.46
C LYS A 106 25.30 -6.44 -10.55
N LEU A 107 25.86 -5.67 -9.62
CA LEU A 107 26.90 -6.17 -8.74
C LEU A 107 26.33 -6.66 -7.41
N ASP A 108 25.69 -5.77 -6.66
CA ASP A 108 25.19 -6.09 -5.33
C ASP A 108 23.80 -5.51 -5.16
N ASP A 109 23.14 -5.89 -4.06
CA ASP A 109 21.87 -5.30 -3.66
C ASP A 109 22.13 -4.43 -2.44
N THR A 110 22.10 -3.12 -2.64
CA THR A 110 22.46 -2.16 -1.61
C THR A 110 21.27 -1.70 -0.77
N GLU A 111 20.08 -2.22 -1.04
CA GLU A 111 18.92 -1.85 -0.22
C GLU A 111 19.14 -2.27 1.22
N ASN A 112 19.69 -3.46 1.44
CA ASN A 112 20.00 -3.96 2.77
C ASN A 112 21.14 -4.94 2.63
N ALA A 113 22.23 -4.71 3.36
CA ALA A 113 23.44 -5.49 3.22
C ALA A 113 23.79 -6.13 4.54
N SER A 114 24.63 -7.17 4.48
CA SER A 114 25.07 -7.87 5.67
C SER A 114 26.56 -8.19 5.65
N ALA A 115 27.29 -7.76 4.63
CA ALA A 115 28.72 -8.04 4.53
C ALA A 115 29.34 -7.12 3.50
N TYR A 116 30.53 -6.60 3.80
CA TYR A 116 31.24 -5.74 2.87
C TYR A 116 32.12 -6.56 1.94
N ALA A 120 33.62 -9.44 -6.44
CA ALA A 120 34.96 -9.50 -7.03
C ALA A 120 35.01 -10.55 -8.13
N GLY A 121 35.44 -10.13 -9.31
CA GLY A 121 35.57 -11.03 -10.44
C GLY A 121 35.62 -10.27 -11.74
N VAL A 122 35.99 -11.00 -12.80
CA VAL A 122 36.07 -10.40 -14.13
C VAL A 122 34.67 -10.05 -14.63
N ASP A 123 33.73 -10.98 -14.50
CA ASP A 123 32.37 -10.81 -14.98
C ASP A 123 31.42 -11.11 -13.83
N ASN A 124 30.53 -10.16 -13.54
CA ASN A 124 29.57 -10.29 -12.44
C ASN A 124 28.13 -10.15 -12.92
N ARG A 125 27.89 -10.13 -14.22
CA ARG A 125 26.54 -9.97 -14.73
C ARG A 125 25.69 -11.19 -14.39
N GLU A 126 24.39 -10.97 -14.24
CA GLU A 126 23.48 -12.05 -13.89
C GLU A 126 22.09 -11.73 -14.41
N CYS A 127 21.26 -12.77 -14.48
CA CYS A 127 19.92 -12.65 -15.04
C CYS A 127 18.99 -11.91 -14.07
N ILE A 128 18.36 -10.85 -14.54
CA ILE A 128 17.46 -10.05 -13.72
C ILE A 128 16.35 -9.53 -14.61
N SER A 129 15.13 -9.51 -14.06
CA SER A 129 13.95 -9.04 -14.78
C SER A 129 13.16 -8.09 -13.90
N MET A 130 12.50 -7.13 -14.53
CA MET A 130 11.68 -6.16 -13.80
C MET A 130 10.48 -5.79 -14.65
N ASP A 131 9.40 -5.42 -13.96
CA ASP A 131 8.22 -4.87 -14.62
C ASP A 131 8.39 -3.37 -14.75
N TYR A 132 8.03 -2.85 -15.91
CA TYR A 132 8.38 -1.48 -16.27
C TYR A 132 7.45 -0.47 -15.62
N LYS A 133 7.76 0.80 -15.84
CA LYS A 133 6.86 1.87 -15.47
C LYS A 133 5.58 1.79 -16.30
N GLN A 134 4.48 2.25 -15.73
CA GLN A 134 3.17 2.18 -16.37
C GLN A 134 2.83 3.51 -17.00
N THR A 135 2.32 3.48 -18.23
CA THR A 135 2.04 4.69 -18.97
C THR A 135 0.82 4.48 -19.86
N GLN A 136 0.12 5.58 -20.14
CA GLN A 136 -0.92 5.61 -21.14
C GLN A 136 -0.99 7.02 -21.70
N LEU A 137 -1.12 7.14 -23.02
CA LEU A 137 -1.26 8.46 -23.62
C LEU A 137 -1.95 8.32 -24.97
N CYS A 138 -2.50 9.43 -25.44
CA CYS A 138 -3.21 9.46 -26.72
C CYS A 138 -3.10 10.87 -27.27
N LEU A 139 -2.19 11.08 -28.22
CA LEU A 139 -2.01 12.36 -28.88
C LEU A 139 -2.69 12.32 -30.24
N ILE A 140 -3.37 13.40 -30.59
CA ILE A 140 -4.03 13.53 -31.89
C ILE A 140 -3.63 14.87 -32.49
N GLY A 141 -3.27 14.85 -33.77
CA GLY A 141 -2.88 16.07 -34.45
C GLY A 141 -2.80 15.83 -35.93
N CYS A 142 -2.67 16.93 -36.68
CA CYS A 142 -2.55 16.85 -38.13
C CYS A 142 -1.10 16.81 -38.58
N LYS A 143 -0.16 16.69 -37.66
CA LYS A 143 1.25 16.54 -37.97
C LYS A 143 1.86 15.47 -37.08
N PRO A 144 2.92 14.81 -37.52
CA PRO A 144 3.52 13.77 -36.71
C PRO A 144 4.02 14.36 -35.39
N PRO A 145 3.96 13.58 -34.31
CA PRO A 145 4.38 14.11 -33.01
C PRO A 145 5.89 14.30 -32.95
N ILE A 146 6.33 14.91 -31.85
CA ILE A 146 7.73 15.20 -31.61
C ILE A 146 8.10 14.68 -30.23
N GLY A 147 9.29 14.10 -30.11
CA GLY A 147 9.72 13.49 -28.87
C GLY A 147 11.19 13.75 -28.60
N GLU A 148 11.50 14.00 -27.33
CA GLU A 148 12.84 14.33 -26.88
C GLU A 148 13.52 13.13 -26.24
N HIS A 149 14.85 13.09 -26.35
CA HIS A 149 15.66 12.10 -25.67
C HIS A 149 17.07 12.65 -25.56
N TRP A 150 17.83 12.10 -24.61
CA TRP A 150 19.21 12.51 -24.40
C TRP A 150 20.12 11.66 -25.26
N GLY A 151 20.93 12.31 -26.11
CA GLY A 151 21.83 11.61 -27.00
C GLY A 151 23.20 12.26 -26.99
N LYS A 152 24.18 11.53 -27.52
CA LYS A 152 25.55 12.00 -27.54
C LYS A 152 25.64 13.31 -28.33
N GLY A 153 26.40 14.25 -27.79
CA GLY A 153 26.53 15.57 -28.37
C GLY A 153 27.82 15.75 -29.14
N SER A 154 28.23 17.01 -29.27
CA SER A 154 29.44 17.36 -30.01
C SER A 154 30.65 16.60 -29.50
N VAL A 161 39.77 13.42 -26.81
CA VAL A 161 39.49 12.91 -25.47
C VAL A 161 40.06 11.52 -25.32
N GLN A 162 40.45 11.18 -24.10
CA GLN A 162 40.99 9.86 -23.85
C GLN A 162 39.91 8.81 -24.08
N PRO A 163 40.29 7.60 -24.50
CA PRO A 163 39.27 6.55 -24.64
C PRO A 163 38.58 6.29 -23.31
N GLY A 164 37.27 6.05 -23.38
CA GLY A 164 36.50 5.76 -22.19
C GLY A 164 36.08 6.97 -21.39
N ASP A 165 36.16 8.16 -21.95
CA ASP A 165 35.72 9.35 -21.22
C ASP A 165 34.20 9.50 -21.30
N CYS A 166 33.67 10.29 -20.38
CA CYS A 166 32.22 10.47 -20.31
C CYS A 166 31.73 11.16 -21.58
N PRO A 167 30.75 10.60 -22.29
CA PRO A 167 30.26 11.25 -23.50
C PRO A 167 29.67 12.61 -23.15
N PRO A 168 29.82 13.59 -24.05
CA PRO A 168 29.03 14.81 -23.89
C PRO A 168 27.56 14.53 -24.09
N LEU A 169 26.73 15.33 -23.45
CA LEU A 169 25.30 15.07 -23.34
C LEU A 169 24.52 16.25 -23.90
N GLU A 170 23.54 15.96 -24.76
CA GLU A 170 22.72 16.98 -25.39
C GLU A 170 21.29 16.49 -25.52
N LEU A 171 20.35 17.43 -25.52
CA LEU A 171 18.93 17.10 -25.67
C LEU A 171 18.55 17.19 -27.14
N ILE A 172 17.94 16.13 -27.65
CA ILE A 172 17.61 15.99 -29.06
C ILE A 172 16.12 15.69 -29.17
N ASN A 173 15.46 16.32 -30.14
CA ASN A 173 14.04 16.06 -30.40
C ASN A 173 13.87 15.68 -31.87
N THR A 174 13.18 14.56 -32.09
CA THR A 174 12.93 14.04 -33.43
C THR A 174 11.54 13.45 -33.47
N VAL A 175 11.00 13.35 -34.69
CA VAL A 175 9.64 12.84 -34.85
C VAL A 175 9.55 11.42 -34.29
N ILE A 176 8.48 11.14 -33.57
CA ILE A 176 8.23 9.79 -33.07
C ILE A 176 7.61 8.96 -34.19
N GLN A 177 8.16 7.78 -34.41
CA GLN A 177 7.72 6.88 -35.46
C GLN A 177 7.17 5.60 -34.85
N ASP A 178 6.41 4.87 -35.64
CA ASP A 178 5.85 3.61 -35.17
C ASP A 178 6.96 2.67 -34.71
N GLY A 179 6.75 2.03 -33.58
CA GLY A 179 7.68 1.05 -33.06
C GLY A 179 8.75 1.59 -32.13
N ASP A 180 8.83 2.91 -31.96
CA ASP A 180 9.77 3.46 -31.00
C ASP A 180 9.39 3.02 -29.60
N MET A 181 10.38 2.95 -28.72
CA MET A 181 10.14 2.55 -27.34
C MET A 181 9.87 3.78 -26.49
N VAL A 182 8.97 3.62 -25.52
CA VAL A 182 8.64 4.71 -24.61
C VAL A 182 9.54 4.59 -23.39
N ASP A 183 9.73 5.72 -22.70
CA ASP A 183 10.57 5.73 -21.51
C ASP A 183 10.01 4.75 -20.49
N THR A 184 10.90 3.93 -19.92
CA THR A 184 10.49 2.79 -19.11
C THR A 184 10.91 2.92 -17.66
N GLY A 185 11.30 4.11 -17.21
CA GLY A 185 11.78 4.30 -15.86
C GLY A 185 13.28 4.37 -15.73
N PHE A 186 14.02 4.03 -16.79
CA PHE A 186 15.46 4.22 -16.84
C PHE A 186 15.86 5.54 -17.46
N GLY A 187 14.90 6.39 -17.79
CA GLY A 187 15.17 7.66 -18.42
C GLY A 187 14.96 7.60 -19.92
N ALA A 188 14.73 8.77 -20.50
CA ALA A 188 14.55 8.89 -21.95
C ALA A 188 15.90 9.24 -22.55
N MET A 189 16.68 8.21 -22.88
CA MET A 189 18.01 8.40 -23.42
C MET A 189 18.26 7.46 -24.58
N ASP A 190 19.43 7.58 -25.20
CA ASP A 190 19.84 6.74 -26.32
C ASP A 190 20.84 5.72 -25.79
N PHE A 191 20.39 4.48 -25.61
CA PHE A 191 21.23 3.48 -24.96
C PHE A 191 22.33 2.99 -25.88
N THR A 192 22.03 2.80 -27.16
CA THR A 192 22.99 2.17 -28.06
C THR A 192 24.27 2.99 -28.22
N THR A 193 24.24 4.28 -27.91
CA THR A 193 25.44 5.11 -28.00
C THR A 193 25.96 5.57 -26.65
N LEU A 194 25.10 5.68 -25.63
CA LEU A 194 25.52 6.13 -24.32
C LEU A 194 25.80 4.98 -23.36
N GLN A 195 25.71 3.73 -23.81
CA GLN A 195 26.05 2.58 -22.98
C GLN A 195 26.73 1.55 -23.88
N ALA A 196 28.06 1.46 -23.78
CA ALA A 196 28.83 0.67 -24.72
C ALA A 196 28.85 -0.81 -24.39
N ASN A 197 28.55 -1.20 -23.15
CA ASN A 197 28.63 -2.62 -22.79
C ASN A 197 27.37 -3.39 -23.14
N LYS A 198 26.29 -2.72 -23.54
CA LYS A 198 25.09 -3.37 -24.04
C LYS A 198 24.43 -4.27 -23.00
N SER A 199 24.69 -4.03 -21.71
CA SER A 199 24.06 -4.82 -20.67
C SER A 199 23.63 -3.97 -19.48
N GLU A 200 23.32 -2.69 -19.70
CA GLU A 200 22.87 -1.83 -18.61
C GLU A 200 21.38 -1.96 -18.36
N VAL A 201 20.59 -2.17 -19.41
CA VAL A 201 19.13 -2.15 -19.32
C VAL A 201 18.57 -3.43 -19.91
N PRO A 202 17.27 -3.68 -19.81
CA PRO A 202 16.72 -4.96 -20.29
C PRO A 202 16.95 -5.20 -21.78
N LEU A 203 16.53 -6.38 -22.24
CA LEU A 203 16.91 -6.84 -23.57
C LEU A 203 16.15 -6.12 -24.67
N ASP A 204 14.99 -5.56 -24.38
CA ASP A 204 14.15 -4.97 -25.42
C ASP A 204 14.35 -3.47 -25.58
N ILE A 205 15.25 -2.85 -24.82
CA ILE A 205 15.60 -1.46 -25.02
C ILE A 205 17.11 -1.22 -25.05
N CYS A 206 17.92 -2.25 -24.83
CA CYS A 206 19.36 -2.04 -24.69
C CYS A 206 20.03 -1.59 -25.98
N THR A 207 19.34 -1.65 -27.11
CA THR A 207 19.88 -1.16 -28.38
C THR A 207 18.82 -0.36 -29.12
N SER A 208 18.17 0.55 -28.41
CA SER A 208 17.11 1.36 -28.98
C SER A 208 17.06 2.70 -28.25
N ILE A 209 16.35 3.65 -28.85
CA ILE A 209 16.21 4.99 -28.31
C ILE A 209 14.85 5.08 -27.63
N CYS A 210 14.85 5.42 -26.34
CA CYS A 210 13.62 5.63 -25.59
C CYS A 210 13.26 7.11 -25.66
N LYS A 211 12.07 7.42 -26.17
CA LYS A 211 11.67 8.78 -26.46
C LYS A 211 10.43 9.15 -25.64
N TYR A 212 10.39 10.40 -25.18
CA TYR A 212 9.30 10.95 -24.40
C TYR A 212 8.68 12.13 -25.16
N PRO A 213 7.36 12.26 -25.17
CA PRO A 213 6.76 13.35 -25.95
C PRO A 213 7.23 14.71 -25.46
N ASP A 214 7.45 15.61 -26.41
CA ASP A 214 7.91 16.97 -26.11
C ASP A 214 6.69 17.86 -25.97
N TYR A 215 6.00 17.71 -24.83
CA TYR A 215 4.75 18.43 -24.64
C TYR A 215 4.97 19.93 -24.68
N ILE A 216 6.03 20.42 -24.03
CA ILE A 216 6.27 21.85 -23.99
C ILE A 216 6.40 22.40 -25.40
N LYS A 217 7.24 21.76 -26.22
CA LYS A 217 7.48 22.26 -27.57
C LYS A 217 6.22 22.14 -28.42
N MET A 218 5.53 21.00 -28.36
CA MET A 218 4.35 20.82 -29.21
C MET A 218 3.25 21.80 -28.84
N VAL A 219 3.05 22.06 -27.55
CA VAL A 219 2.04 23.01 -27.12
C VAL A 219 2.44 24.43 -27.52
N SER A 220 3.73 24.76 -27.38
CA SER A 220 4.21 26.10 -27.69
C SER A 220 4.30 26.37 -29.19
N GLU A 221 3.87 25.44 -30.03
CA GLU A 221 3.95 25.66 -31.47
C GLU A 221 3.07 26.85 -31.85
N PRO A 222 3.53 27.70 -32.78
CA PRO A 222 2.71 28.87 -33.14
C PRO A 222 1.36 28.52 -33.72
N TYR A 223 1.27 27.45 -34.51
CA TYR A 223 0.03 27.10 -35.20
C TYR A 223 -0.78 26.02 -34.50
N GLY A 224 -0.15 25.18 -33.68
CA GLY A 224 -0.88 24.15 -32.98
C GLY A 224 -1.35 23.01 -33.84
N ASP A 225 -0.61 22.67 -34.89
CA ASP A 225 -0.98 21.55 -35.75
C ASP A 225 -0.66 20.21 -35.12
N SER A 226 0.43 20.12 -34.36
CA SER A 226 0.91 18.84 -33.88
C SER A 226 0.12 18.29 -32.70
N LEU A 227 -0.78 19.07 -32.11
CA LEU A 227 -1.48 18.59 -30.90
C LEU A 227 -2.81 19.31 -30.77
N PHE A 228 -3.89 18.62 -31.14
CA PHE A 228 -5.24 19.07 -30.78
C PHE A 228 -5.59 18.70 -29.36
N PHE A 229 -5.31 17.46 -28.97
CA PHE A 229 -5.86 16.89 -27.74
C PHE A 229 -4.97 15.75 -27.30
N TYR A 230 -4.58 15.76 -26.03
CA TYR A 230 -3.72 14.73 -25.47
C TYR A 230 -4.18 14.36 -24.07
N LEU A 231 -3.99 13.09 -23.73
CA LEU A 231 -4.15 12.59 -22.37
C LEU A 231 -2.89 11.84 -21.99
N ARG A 232 -2.61 11.79 -20.69
CA ARG A 232 -1.44 11.06 -20.22
C ARG A 232 -1.66 10.63 -18.78
N ARG A 233 -1.13 9.46 -18.44
CA ARG A 233 -1.23 8.89 -17.11
C ARG A 233 -0.02 8.01 -16.86
N GLU A 234 0.73 8.31 -15.82
CA GLU A 234 1.96 7.59 -15.51
C GLU A 234 2.00 7.28 -14.03
N GLN A 235 2.73 6.22 -13.68
CA GLN A 235 2.97 5.92 -12.27
C GLN A 235 4.09 4.92 -12.16
N MET A 236 4.86 5.03 -11.08
CA MET A 236 6.09 4.27 -10.93
C MET A 236 6.54 4.35 -9.48
N PHE A 237 7.18 3.28 -9.02
CA PHE A 237 7.87 3.29 -7.74
C PHE A 237 9.02 2.30 -7.81
N VAL A 238 10.09 2.60 -7.08
CA VAL A 238 11.28 1.76 -7.13
C VAL A 238 11.01 0.46 -6.40
N ARG A 239 11.26 -0.65 -7.08
CA ARG A 239 11.08 -1.99 -6.53
C ARG A 239 12.31 -2.47 -5.78
N HIS A 240 13.49 -2.29 -6.38
CA HIS A 240 14.75 -2.75 -5.81
C HIS A 240 15.81 -1.69 -6.02
N LEU A 241 16.87 -1.78 -5.22
CA LEU A 241 17.98 -0.82 -5.26
C LEU A 241 19.26 -1.62 -5.47
N PHE A 242 19.87 -1.47 -6.64
CA PHE A 242 21.00 -2.27 -7.05
C PHE A 242 22.26 -1.42 -7.18
N ASN A 243 23.33 -2.06 -7.66
CA ASN A 243 24.64 -1.46 -7.77
C ASN A 243 25.21 -1.80 -9.14
N ARG A 244 26.14 -0.98 -9.62
CA ARG A 244 26.79 -1.22 -10.91
C ARG A 244 28.19 -1.79 -10.70
N ALA A 245 28.72 -2.43 -11.74
CA ALA A 245 29.95 -3.20 -11.62
C ALA A 245 31.16 -2.55 -12.27
N GLY A 246 31.00 -1.93 -13.43
CA GLY A 246 32.14 -1.40 -14.16
C GLY A 246 33.00 -0.50 -13.31
N THR A 247 34.21 -0.23 -13.81
CA THR A 247 35.15 0.59 -13.07
C THR A 247 34.62 2.01 -12.93
N VAL A 248 34.94 2.64 -11.80
CA VAL A 248 34.37 3.94 -11.47
C VAL A 248 34.96 4.99 -12.39
N GLY A 249 34.11 5.70 -13.14
CA GLY A 249 34.59 6.74 -14.01
C GLY A 249 35.11 7.95 -13.25
N GLU A 250 34.40 8.36 -12.21
CA GLU A 250 34.72 9.56 -11.45
C GLU A 250 34.85 9.18 -9.97
N ASN A 251 36.06 9.29 -9.44
CA ASN A 251 36.29 8.88 -8.06
C ASN A 251 35.52 9.77 -7.11
N VAL A 252 35.01 9.18 -6.04
CA VAL A 252 34.33 9.98 -5.01
C VAL A 252 35.34 10.94 -4.39
N PRO A 253 35.02 12.22 -4.24
CA PRO A 253 35.97 13.14 -3.60
C PRO A 253 36.35 12.65 -2.22
N ASP A 254 37.62 12.83 -1.87
CA ASP A 254 38.13 12.34 -0.59
C ASP A 254 37.58 13.12 0.59
N ASP A 255 36.91 14.25 0.36
CA ASP A 255 36.41 15.08 1.44
C ASP A 255 34.94 14.80 1.78
N LEU A 256 34.32 13.82 1.12
CA LEU A 256 32.93 13.47 1.43
C LEU A 256 32.82 12.26 2.36
N TYR A 257 33.92 11.72 2.84
CA TYR A 257 33.88 10.54 3.70
C TYR A 257 35.21 10.43 4.45
N ILE A 258 35.24 9.53 5.42
CA ILE A 258 36.43 9.25 6.21
C ILE A 258 37.01 7.93 5.72
N LYS A 259 38.29 7.94 5.38
CA LYS A 259 38.94 6.76 4.82
C LYS A 259 38.85 5.60 5.80
N GLY A 260 38.53 4.42 5.27
CA GLY A 260 38.42 3.21 6.06
C GLY A 260 39.73 2.47 6.18
N SER A 261 39.62 1.21 6.58
CA SER A 261 40.79 0.36 6.73
C SER A 261 40.36 -1.10 6.59
N GLY A 262 41.33 -1.96 6.34
CA GLY A 262 41.05 -3.37 6.23
C GLY A 262 40.10 -3.66 5.09
N SER A 263 38.97 -4.30 5.41
CA SER A 263 38.01 -4.65 4.37
C SER A 263 37.43 -3.41 3.70
N THR A 264 37.23 -2.34 4.46
CA THR A 264 36.68 -1.10 3.92
C THR A 264 37.76 -0.19 3.34
N ALA A 265 38.93 -0.74 3.01
CA ALA A 265 39.98 0.08 2.42
C ALA A 265 39.55 0.62 1.06
N ASN A 266 38.89 -0.20 0.26
CA ASN A 266 38.44 0.18 -1.08
C ASN A 266 36.93 0.39 -1.07
N LEU A 267 36.48 1.49 -1.67
CA LEU A 267 35.07 1.81 -1.68
C LEU A 267 34.30 0.87 -2.59
N ALA A 268 33.08 0.54 -2.19
CA ALA A 268 32.17 -0.19 -3.07
C ALA A 268 31.62 0.75 -4.13
N SER A 269 31.19 0.16 -5.24
CA SER A 269 30.71 0.96 -6.36
C SER A 269 29.57 1.86 -5.92
N SER A 270 29.65 3.14 -6.30
CA SER A 270 28.68 4.14 -5.90
C SER A 270 27.76 4.55 -7.05
N ASN A 271 27.63 3.71 -8.08
CA ASN A 271 26.77 3.98 -9.22
C ASN A 271 25.47 3.21 -9.03
N TYR A 272 24.61 3.72 -8.16
CA TYR A 272 23.35 3.07 -7.86
C TYR A 272 22.35 3.27 -8.99
N PHE A 273 21.42 2.32 -9.11
CA PHE A 273 20.34 2.43 -10.07
C PHE A 273 19.15 1.63 -9.54
N PRO A 274 17.93 2.13 -9.67
CA PRO A 274 16.76 1.37 -9.26
C PRO A 274 16.18 0.57 -10.42
N THR A 275 15.29 -0.36 -10.06
CA THR A 275 14.47 -1.07 -11.04
C THR A 275 13.03 -0.62 -10.87
N PRO A 276 12.40 -0.01 -11.87
CA PRO A 276 11.07 0.56 -11.67
C PRO A 276 10.03 -0.54 -11.44
N SER A 277 8.81 -0.08 -11.16
CA SER A 277 7.66 -0.96 -11.07
C SER A 277 6.41 -0.16 -11.38
N GLY A 278 5.56 -0.69 -12.25
CA GLY A 278 4.34 -0.01 -12.61
C GLY A 278 3.25 -0.10 -11.58
N SER A 279 3.40 -0.95 -10.57
CA SER A 279 2.39 -1.13 -9.53
C SER A 279 1.13 -1.73 -10.17
N MET A 280 -0.04 -1.37 -9.64
CA MET A 280 -1.27 -2.04 -10.03
C MET A 280 -1.88 -1.41 -11.27
N VAL A 281 -2.34 -2.26 -12.18
CA VAL A 281 -3.16 -1.83 -13.31
C VAL A 281 -4.61 -2.12 -12.95
N THR A 282 -5.45 -1.10 -13.02
CA THR A 282 -6.85 -1.23 -12.62
C THR A 282 -7.73 -0.70 -13.74
N SER A 283 -8.98 -1.16 -13.75
CA SER A 283 -9.91 -0.78 -14.82
C SER A 283 -10.45 0.63 -14.63
N ASP A 284 -10.52 1.11 -13.38
CA ASP A 284 -11.07 2.43 -13.13
C ASP A 284 -10.16 3.55 -13.63
N ALA A 285 -8.87 3.26 -13.86
CA ALA A 285 -7.91 4.26 -14.30
C ALA A 285 -7.63 4.20 -15.79
N GLN A 286 -8.43 3.45 -16.54
CA GLN A 286 -8.20 3.33 -17.98
C GLN A 286 -8.56 4.62 -18.68
N ILE A 287 -7.86 4.88 -19.79
CA ILE A 287 -8.07 6.08 -20.59
C ILE A 287 -8.84 5.72 -21.85
N PHE A 288 -8.63 4.51 -22.35
CA PHE A 288 -9.16 4.10 -23.64
C PHE A 288 -10.57 3.53 -23.50
N ASN A 289 -11.17 3.20 -24.64
CA ASN A 289 -12.55 2.71 -24.70
C ASN A 289 -13.54 3.76 -24.23
N LYS A 290 -13.17 5.03 -24.35
CA LYS A 290 -14.05 6.14 -24.03
C LYS A 290 -14.00 7.16 -25.16
N PRO A 291 -15.11 7.86 -25.42
CA PRO A 291 -15.11 8.88 -26.48
C PRO A 291 -14.56 10.19 -25.96
N TYR A 292 -13.61 10.76 -26.70
CA TYR A 292 -13.07 12.08 -26.41
C TYR A 292 -13.65 13.06 -27.41
N TRP A 293 -14.33 14.08 -26.92
CA TRP A 293 -14.94 15.10 -27.78
C TRP A 293 -13.99 16.28 -27.88
N LEU A 294 -13.54 16.58 -29.10
CA LEU A 294 -12.58 17.65 -29.33
C LEU A 294 -13.31 18.97 -29.59
N GLN A 295 -14.08 19.39 -28.58
CA GLN A 295 -14.91 20.58 -28.74
C GLN A 295 -14.06 21.82 -29.00
N ARG A 296 -12.97 21.98 -28.26
CA ARG A 296 -12.10 23.14 -28.42
C ARG A 296 -10.66 22.70 -28.19
N ALA A 297 -9.81 22.92 -29.19
CA ALA A 297 -8.40 22.59 -29.06
C ALA A 297 -7.66 23.69 -28.29
N GLN A 298 -6.56 23.29 -27.67
CA GLN A 298 -5.76 24.26 -26.94
C GLN A 298 -5.18 25.32 -27.87
N GLY A 299 -4.56 24.89 -28.96
CA GLY A 299 -3.88 25.79 -29.87
C GLY A 299 -4.85 26.60 -30.70
N HIS A 300 -4.38 27.01 -31.88
CA HIS A 300 -5.20 27.78 -32.80
C HIS A 300 -5.92 26.91 -33.82
N ASN A 301 -5.38 25.73 -34.14
CA ASN A 301 -6.05 24.80 -35.03
C ASN A 301 -7.13 24.08 -34.25
N ASN A 302 -8.38 24.35 -34.58
CA ASN A 302 -9.52 23.82 -33.84
C ASN A 302 -10.02 22.52 -34.46
N GLY A 303 -9.09 21.57 -34.60
CA GLY A 303 -9.43 20.26 -35.09
C GLY A 303 -9.34 20.06 -36.58
N ILE A 304 -9.07 21.12 -37.35
CA ILE A 304 -9.02 21.01 -38.80
C ILE A 304 -7.89 20.08 -39.20
N CYS A 305 -8.21 19.11 -40.05
CA CYS A 305 -7.24 18.12 -40.51
C CYS A 305 -6.66 18.58 -41.85
N TRP A 306 -5.68 19.47 -41.77
CA TRP A 306 -5.05 19.98 -42.98
C TRP A 306 -4.40 18.86 -43.76
N GLY A 307 -4.61 18.84 -45.07
CA GLY A 307 -4.00 17.84 -45.91
C GLY A 307 -4.67 16.48 -45.87
N ASN A 308 -5.79 16.35 -45.16
CA ASN A 308 -6.53 15.10 -45.06
C ASN A 308 -5.74 14.02 -44.32
N GLN A 309 -5.02 14.41 -43.27
CA GLN A 309 -4.21 13.49 -42.48
C GLN A 309 -4.54 13.64 -41.00
N LEU A 310 -4.34 12.55 -40.26
CA LEU A 310 -4.41 12.56 -38.81
C LEU A 310 -3.26 11.70 -38.29
N PHE A 311 -2.86 11.94 -37.06
CA PHE A 311 -1.83 11.14 -36.40
C PHE A 311 -2.31 10.82 -34.99
N VAL A 312 -2.51 9.54 -34.71
CA VAL A 312 -3.01 9.09 -33.42
C VAL A 312 -1.92 8.24 -32.79
N THR A 313 -1.20 8.81 -31.83
CA THR A 313 -0.16 8.11 -31.10
C THR A 313 -0.74 7.53 -29.83
N VAL A 314 -0.54 6.22 -29.63
CA VAL A 314 -1.11 5.50 -28.51
C VAL A 314 -0.01 4.70 -27.83
N VAL A 315 0.10 4.85 -26.51
CA VAL A 315 0.97 4.01 -25.68
C VAL A 315 0.09 3.41 -24.60
N ASP A 316 0.22 2.10 -24.40
CA ASP A 316 -0.63 1.41 -23.43
C ASP A 316 0.14 0.22 -22.87
N THR A 317 0.74 0.42 -21.69
CA THR A 317 1.46 -0.64 -21.00
C THR A 317 0.59 -1.39 -20.01
N THR A 318 -0.73 -1.18 -20.05
CA THR A 318 -1.65 -1.89 -19.18
C THR A 318 -2.22 -3.14 -19.83
N ARG A 319 -1.75 -3.51 -21.02
CA ARG A 319 -2.16 -4.73 -21.70
C ARG A 319 -0.95 -5.41 -22.32
N SER A 320 0.13 -5.52 -21.56
CA SER A 320 1.40 -6.01 -22.07
C SER A 320 1.69 -7.45 -21.64
N THR A 321 0.67 -8.29 -21.57
CA THR A 321 0.84 -9.67 -21.11
C THR A 321 1.45 -10.50 -22.23
N ASN A 322 2.72 -10.85 -22.10
CA ASN A 322 3.34 -11.81 -23.00
C ASN A 322 2.92 -13.21 -22.60
N MET A 323 2.64 -14.04 -23.59
CA MET A 323 2.19 -15.41 -23.36
C MET A 323 3.27 -16.39 -23.79
N SER A 324 3.31 -17.54 -23.13
CA SER A 324 4.31 -18.57 -23.38
C SER A 324 3.68 -19.71 -24.17
N LEU A 325 4.30 -20.08 -25.28
CA LEU A 325 3.88 -21.20 -26.09
C LEU A 325 4.96 -22.27 -26.06
N CYS A 326 4.56 -23.51 -25.83
CA CYS A 326 5.48 -24.63 -25.68
C CYS A 326 5.14 -25.70 -26.70
N ALA A 327 6.16 -26.18 -27.41
CA ALA A 327 6.00 -27.23 -28.40
C ALA A 327 6.93 -28.38 -28.08
N ALA A 328 6.50 -29.59 -28.41
CA ALA A 328 7.22 -30.80 -28.04
C ALA A 328 7.90 -31.39 -29.27
N ILE A 329 9.20 -31.68 -29.15
CA ILE A 329 9.93 -32.31 -30.24
C ILE A 329 9.36 -33.70 -30.52
N SER A 330 9.13 -34.48 -29.48
CA SER A 330 8.60 -35.83 -29.60
C SER A 330 7.44 -36.01 -28.63
N THR A 331 6.50 -36.88 -29.01
CA THR A 331 5.32 -37.15 -28.21
C THR A 331 5.27 -38.60 -27.76
N SER A 332 6.44 -39.20 -27.54
CA SER A 332 6.54 -40.59 -27.10
C SER A 332 7.24 -40.73 -25.76
N GLU A 333 7.42 -39.64 -25.02
CA GLU A 333 8.09 -39.67 -23.73
C GLU A 333 7.05 -39.90 -22.64
N THR A 334 7.28 -40.91 -21.80
CA THR A 334 6.40 -41.16 -20.66
C THR A 334 6.76 -40.31 -19.45
N THR A 335 7.93 -39.66 -19.44
CA THR A 335 8.36 -38.82 -18.34
C THR A 335 8.80 -37.47 -18.87
N TYR A 336 8.80 -36.47 -18.00
CA TYR A 336 9.12 -35.12 -18.40
C TYR A 336 10.63 -34.93 -18.49
N LYS A 337 11.09 -34.34 -19.59
CA LYS A 337 12.48 -34.00 -19.79
C LYS A 337 12.57 -32.61 -20.38
N ASN A 338 13.50 -31.80 -19.87
CA ASN A 338 13.58 -30.41 -20.31
C ASN A 338 14.06 -30.31 -21.74
N THR A 339 14.77 -31.33 -22.23
CA THR A 339 15.31 -31.29 -23.58
C THR A 339 14.27 -31.58 -24.64
N ASN A 340 13.06 -31.98 -24.26
CA ASN A 340 12.02 -32.36 -25.20
C ASN A 340 11.04 -31.23 -25.49
N PHE A 341 11.28 -30.04 -24.98
CA PHE A 341 10.34 -28.93 -25.13
C PHE A 341 11.09 -27.67 -25.52
N LYS A 342 10.43 -26.82 -26.32
CA LYS A 342 10.96 -25.55 -26.74
C LYS A 342 10.02 -24.44 -26.28
N GLU A 343 10.59 -23.40 -25.69
CA GLU A 343 9.83 -22.34 -25.06
C GLU A 343 9.85 -21.10 -25.95
N TYR A 344 8.68 -20.52 -26.19
CA TYR A 344 8.53 -19.34 -27.02
C TYR A 344 7.73 -18.29 -26.27
N LEU A 345 7.92 -17.04 -26.68
CA LEU A 345 7.14 -15.91 -26.18
C LEU A 345 6.43 -15.26 -27.35
N ARG A 346 5.26 -14.70 -27.09
CA ARG A 346 4.52 -13.97 -28.12
C ARG A 346 3.69 -12.89 -27.45
N HIS A 347 3.35 -11.87 -28.22
CA HIS A 347 2.51 -10.79 -27.76
C HIS A 347 1.47 -10.48 -28.83
N GLY A 348 0.33 -9.97 -28.40
CA GLY A 348 -0.74 -9.65 -29.32
C GLY A 348 -1.47 -8.38 -28.95
N GLU A 349 -1.58 -7.46 -29.91
CA GLU A 349 -2.22 -6.16 -29.70
C GLU A 349 -3.45 -6.07 -30.58
N GLU A 350 -4.49 -5.43 -30.05
CA GLU A 350 -5.75 -5.25 -30.76
C GLU A 350 -6.22 -3.82 -30.62
N TYR A 351 -6.60 -3.19 -31.73
CA TYR A 351 -7.03 -1.81 -31.76
C TYR A 351 -8.30 -1.68 -32.59
N ASP A 352 -9.05 -0.61 -32.34
CA ASP A 352 -10.23 -0.30 -33.16
C ASP A 352 -10.52 1.18 -33.00
N LEU A 353 -10.20 1.97 -34.02
CA LEU A 353 -10.32 3.42 -33.95
C LEU A 353 -11.60 3.88 -34.65
N GLN A 354 -12.37 4.72 -33.97
CA GLN A 354 -13.55 5.35 -34.54
C GLN A 354 -13.34 6.86 -34.56
N PHE A 355 -13.91 7.52 -35.58
CA PHE A 355 -13.79 8.96 -35.74
C PHE A 355 -15.13 9.55 -36.14
N ILE A 356 -15.31 10.82 -35.82
CA ILE A 356 -16.44 11.61 -36.29
C ILE A 356 -15.87 12.85 -36.95
N PHE A 357 -16.23 13.09 -38.21
CA PHE A 357 -15.70 14.19 -38.99
C PHE A 357 -16.83 15.11 -39.42
N GLN A 358 -16.59 16.41 -39.31
CA GLN A 358 -17.52 17.44 -39.72
C GLN A 358 -16.93 18.20 -40.90
N LEU A 359 -17.69 18.30 -41.99
CA LEU A 359 -17.21 18.98 -43.18
C LEU A 359 -17.14 20.48 -42.95
N CYS A 360 -16.08 21.11 -43.44
CA CYS A 360 -15.87 22.54 -43.32
C CYS A 360 -15.43 23.09 -44.67
N LYS A 361 -15.63 24.39 -44.87
CA LYS A 361 -15.33 25.03 -46.13
C LYS A 361 -14.52 26.30 -45.89
N ILE A 362 -13.64 26.60 -46.83
CA ILE A 362 -12.73 27.75 -46.74
C ILE A 362 -12.93 28.61 -47.98
N THR A 363 -13.22 29.89 -47.77
CA THR A 363 -13.37 30.81 -48.87
C THR A 363 -12.00 31.27 -49.34
N LEU A 364 -11.75 31.16 -50.65
CA LEU A 364 -10.43 31.44 -51.21
C LEU A 364 -10.35 32.88 -51.71
N THR A 365 -10.42 33.80 -50.75
CA THR A 365 -10.20 35.21 -51.02
C THR A 365 -8.71 35.53 -50.92
N ALA A 366 -8.34 36.77 -51.21
CA ALA A 366 -6.92 37.13 -51.26
C ALA A 366 -6.26 36.96 -49.90
N ASP A 367 -6.85 37.53 -48.85
CA ASP A 367 -6.24 37.45 -47.53
C ASP A 367 -6.18 36.01 -47.04
N VAL A 368 -7.24 35.23 -47.28
CA VAL A 368 -7.24 33.84 -46.86
C VAL A 368 -6.15 33.06 -47.59
N MET A 369 -6.03 33.31 -48.90
CA MET A 369 -5.01 32.60 -49.69
C MET A 369 -3.61 32.93 -49.20
N THR A 370 -3.33 34.22 -48.94
CA THR A 370 -1.99 34.58 -48.50
C THR A 370 -1.71 34.05 -47.09
N TYR A 371 -2.72 34.06 -46.20
CA TYR A 371 -2.53 33.49 -44.88
C TYR A 371 -2.23 32.01 -44.96
N ILE A 372 -2.98 31.26 -45.78
CA ILE A 372 -2.76 29.83 -45.89
C ILE A 372 -1.39 29.56 -46.52
N HIS A 373 -0.97 30.41 -47.45
CA HIS A 373 0.36 30.22 -48.06
C HIS A 373 1.46 30.45 -47.04
N SER A 374 1.32 31.48 -46.21
CA SER A 374 2.31 31.70 -45.16
C SER A 374 2.30 30.57 -44.13
N MET A 375 1.13 29.99 -43.86
CA MET A 375 1.04 28.92 -42.87
C MET A 375 1.66 27.64 -43.40
N ASN A 376 1.10 27.08 -44.46
CA ASN A 376 1.61 25.85 -45.06
C ASN A 376 1.47 25.99 -46.57
N SER A 377 2.60 26.01 -47.27
CA SER A 377 2.57 26.28 -48.71
C SER A 377 1.79 25.22 -49.47
N THR A 378 1.94 23.96 -49.08
CA THR A 378 1.40 22.86 -49.87
C THR A 378 -0.11 22.67 -49.72
N ILE A 379 -0.75 23.35 -48.76
CA ILE A 379 -2.19 23.22 -48.64
C ILE A 379 -2.87 23.74 -49.90
N LEU A 380 -2.46 24.90 -50.38
CA LEU A 380 -2.82 25.33 -51.72
C LEU A 380 -2.06 24.47 -52.73
N GLU A 381 -2.29 24.74 -54.01
CA GLU A 381 -1.65 24.00 -55.11
C GLU A 381 -1.71 22.49 -54.90
N ASP A 382 -2.70 22.02 -54.13
CA ASP A 382 -2.95 20.60 -53.96
C ASP A 382 -4.43 20.33 -54.15
N TRP A 383 -5.26 21.31 -53.82
CA TRP A 383 -6.71 21.18 -53.94
C TRP A 383 -7.14 21.00 -55.38
N ASP A 391 6.58 12.83 -51.35
CA ASP A 391 5.98 12.83 -50.02
C ASP A 391 7.04 13.17 -48.97
N PRO A 392 6.87 14.30 -48.26
CA PRO A 392 7.87 14.68 -47.28
C PRO A 392 8.00 13.70 -46.12
N LEU A 393 7.02 12.83 -45.92
CA LEU A 393 7.01 11.89 -44.81
C LEU A 393 7.51 10.50 -45.20
N LYS A 394 8.21 10.38 -46.33
CA LYS A 394 8.73 9.07 -46.73
C LYS A 394 9.85 8.60 -45.81
N LYS A 395 10.57 9.52 -45.17
CA LYS A 395 11.64 9.12 -44.26
C LYS A 395 11.12 8.27 -43.10
N TYR A 396 9.88 8.49 -42.69
CA TYR A 396 9.36 7.96 -41.44
C TYR A 396 8.49 6.74 -41.68
N THR A 397 8.40 5.89 -40.65
CA THR A 397 7.62 4.66 -40.69
C THR A 397 6.38 4.84 -39.83
N PHE A 398 5.21 4.61 -40.41
CA PHE A 398 3.94 4.76 -39.72
C PHE A 398 3.05 3.57 -40.03
N TRP A 399 2.05 3.37 -39.18
CA TRP A 399 1.05 2.33 -39.38
C TRP A 399 -0.04 2.89 -40.27
N GLU A 400 0.17 2.80 -41.58
CA GLU A 400 -0.74 3.38 -42.54
C GLU A 400 -2.14 2.81 -42.36
N VAL A 401 -3.12 3.68 -42.17
CA VAL A 401 -4.53 3.30 -42.06
C VAL A 401 -5.28 4.09 -43.12
N ASN A 402 -5.96 3.38 -44.01
CA ASN A 402 -6.63 3.99 -45.16
C ASN A 402 -8.13 3.91 -44.94
N LEU A 403 -8.76 5.07 -44.73
CA LEU A 403 -10.19 5.16 -44.49
C LEU A 403 -10.93 5.79 -45.68
N LYS A 404 -10.33 5.76 -46.87
CA LYS A 404 -10.94 6.41 -48.01
C LYS A 404 -12.26 5.79 -48.44
N GLU A 405 -12.58 4.59 -47.94
CA GLU A 405 -13.84 3.92 -48.28
C GLU A 405 -14.65 3.54 -47.05
N LYS A 406 -14.27 4.01 -45.86
CA LYS A 406 -14.97 3.69 -44.63
C LYS A 406 -15.88 4.81 -44.14
N PHE A 407 -16.15 5.80 -44.98
CA PHE A 407 -16.98 6.93 -44.59
C PHE A 407 -18.45 6.64 -44.86
N SER A 408 -19.28 6.86 -43.85
CA SER A 408 -20.72 6.67 -43.97
C SER A 408 -21.44 7.83 -43.30
N ALA A 409 -22.60 8.18 -43.83
CA ALA A 409 -23.31 9.38 -43.38
C ALA A 409 -24.31 9.11 -42.26
N ASP A 410 -24.72 7.85 -42.07
CA ASP A 410 -25.68 7.51 -41.02
C ASP A 410 -24.91 7.23 -39.73
N LEU A 411 -25.00 8.15 -38.77
CA LEU A 411 -24.26 7.99 -37.53
C LEU A 411 -24.91 6.99 -36.59
N ASP A 412 -26.22 6.80 -36.69
CA ASP A 412 -26.90 5.89 -35.77
C ASP A 412 -26.34 4.48 -35.86
N GLN A 413 -25.93 4.04 -37.05
CA GLN A 413 -25.53 2.66 -37.26
C GLN A 413 -24.23 2.29 -36.55
N PHE A 414 -23.48 3.28 -36.05
CA PHE A 414 -22.21 3.00 -35.41
C PHE A 414 -22.24 3.46 -33.96
N PRO A 415 -21.62 2.72 -33.04
CA PRO A 415 -21.71 3.09 -31.62
C PRO A 415 -21.17 4.48 -31.31
N LEU A 416 -20.06 4.88 -31.93
CA LEU A 416 -19.54 6.21 -31.65
C LEU A 416 -20.48 7.28 -32.17
N GLY A 417 -21.11 7.04 -33.32
CA GLY A 417 -22.12 7.97 -33.79
C GLY A 417 -23.31 8.06 -32.86
N ARG A 418 -23.74 6.92 -32.32
CA ARG A 418 -24.83 6.94 -31.36
C ARG A 418 -24.46 7.75 -30.13
N LYS A 419 -23.23 7.59 -29.62
CA LYS A 419 -22.78 8.40 -28.50
C LYS A 419 -22.74 9.88 -28.86
N PHE A 420 -22.24 10.20 -30.06
CA PHE A 420 -22.10 11.59 -30.48
C PHE A 420 -23.44 12.25 -30.73
N LEU A 421 -24.48 11.47 -30.98
CA LEU A 421 -25.82 12.03 -31.14
C LEU A 421 -26.41 12.37 -29.78
N LEU A 422 -25.72 13.25 -29.06
CA LEU A 422 -26.14 13.76 -27.75
C LEU A 422 -25.50 15.13 -27.57
N GLN A 423 -25.54 15.64 -26.35
CA GLN A 423 -25.03 16.98 -26.03
C GLN A 423 -25.30 17.96 -27.17
N ALA B 1 -29.66 0.82 -42.38
CA ALA B 1 -30.81 1.46 -41.69
C ALA B 1 -31.50 0.49 -40.74
N VAL B 2 -31.10 0.54 -39.47
CA VAL B 2 -31.69 -0.27 -38.42
C VAL B 2 -32.27 0.68 -37.37
N VAL B 3 -33.56 0.52 -37.08
CA VAL B 3 -34.29 1.44 -36.21
C VAL B 3 -34.28 0.89 -34.80
N SER B 4 -34.27 1.80 -33.82
CA SER B 4 -34.36 1.40 -32.43
C SER B 4 -35.68 0.70 -32.16
N THR B 5 -35.66 -0.23 -31.21
CA THR B 5 -36.86 -1.02 -30.94
C THR B 5 -38.02 -0.16 -30.49
N ASP B 6 -37.75 0.98 -29.86
CA ASP B 6 -38.84 1.83 -29.39
C ASP B 6 -39.60 2.49 -30.53
N GLU B 7 -39.10 2.40 -31.76
CA GLU B 7 -39.79 2.98 -32.91
C GLU B 7 -40.88 2.08 -33.44
N TYR B 8 -40.95 0.81 -33.01
CA TYR B 8 -42.06 -0.05 -33.36
C TYR B 8 -42.57 -0.90 -32.21
N VAL B 9 -41.99 -0.81 -31.02
CA VAL B 9 -42.42 -1.58 -29.86
C VAL B 9 -42.99 -0.60 -28.86
N ALA B 10 -44.32 -0.53 -28.77
CA ALA B 10 -44.98 0.38 -27.85
C ALA B 10 -45.12 -0.27 -26.49
N ARG B 11 -44.65 0.43 -25.45
CA ARG B 11 -44.66 -0.10 -24.11
C ARG B 11 -45.97 0.22 -23.40
N THR B 12 -46.25 -0.55 -22.36
CA THR B 12 -47.44 -0.41 -21.55
C THR B 12 -47.05 -0.05 -20.12
N ASN B 13 -48.03 -0.07 -19.22
CA ASN B 13 -47.81 0.17 -17.80
C ASN B 13 -48.01 -1.08 -16.96
N ILE B 14 -47.60 -2.23 -17.49
CA ILE B 14 -47.71 -3.51 -16.81
C ILE B 14 -46.30 -3.97 -16.44
N TYR B 15 -46.10 -4.33 -15.18
CA TYR B 15 -44.80 -4.76 -14.69
C TYR B 15 -44.96 -6.03 -13.88
N TYR B 16 -43.91 -6.86 -13.89
CA TYR B 16 -43.91 -8.13 -13.19
C TYR B 16 -42.55 -8.32 -12.52
N HIS B 17 -42.51 -9.18 -11.51
CA HIS B 17 -41.29 -9.49 -10.79
C HIS B 17 -41.06 -11.00 -10.84
N ALA B 18 -39.84 -11.39 -11.20
CA ALA B 18 -39.45 -12.80 -11.24
C ALA B 18 -38.12 -12.97 -10.54
N GLY B 19 -38.07 -13.92 -9.62
CA GLY B 19 -36.86 -14.19 -8.87
C GLY B 19 -36.61 -15.67 -8.76
N THR B 20 -35.33 -16.04 -8.83
CA THR B 20 -34.93 -17.44 -8.83
C THR B 20 -34.77 -18.02 -7.44
N SER B 21 -34.64 -17.18 -6.41
CA SER B 21 -34.37 -17.65 -5.07
C SER B 21 -32.96 -18.22 -5.01
N ARG B 22 -32.63 -18.95 -3.95
CA ARG B 22 -31.27 -19.42 -3.76
C ARG B 22 -30.89 -20.47 -4.79
N LEU B 23 -29.89 -20.17 -5.60
CA LEU B 23 -29.26 -21.13 -6.50
C LEU B 23 -27.90 -21.50 -5.91
N LEU B 24 -27.65 -22.80 -5.75
CA LEU B 24 -26.49 -23.26 -5.01
C LEU B 24 -25.70 -24.25 -5.84
N ALA B 25 -24.37 -24.20 -5.70
CA ALA B 25 -23.47 -25.09 -6.42
C ALA B 25 -22.27 -25.38 -5.55
N VAL B 26 -21.91 -26.66 -5.41
CA VAL B 26 -20.79 -27.08 -4.60
C VAL B 26 -19.97 -28.09 -5.40
N GLY B 27 -18.64 -27.94 -5.34
CA GLY B 27 -17.78 -28.86 -6.06
C GLY B 27 -16.32 -28.58 -5.77
N HIS B 28 -15.47 -29.30 -6.46
CA HIS B 28 -14.02 -29.14 -6.31
C HIS B 28 -13.54 -27.92 -7.08
N PRO B 29 -12.57 -27.15 -6.57
CA PRO B 29 -12.17 -25.92 -7.26
C PRO B 29 -11.21 -26.11 -8.42
N TYR B 30 -10.55 -27.25 -8.55
CA TYR B 30 -9.52 -27.44 -9.58
C TYR B 30 -9.92 -28.39 -10.69
N PHE B 31 -10.50 -29.55 -10.37
CA PHE B 31 -10.82 -30.54 -11.38
C PHE B 31 -12.05 -31.31 -10.94
N PRO B 32 -12.79 -31.90 -11.87
CA PRO B 32 -13.93 -32.73 -11.48
C PRO B 32 -13.50 -34.08 -10.94
N ILE B 33 -14.11 -34.48 -9.84
CA ILE B 33 -13.81 -35.76 -9.22
C ILE B 33 -14.69 -36.82 -9.85
N LYS B 34 -14.07 -37.89 -10.36
CA LYS B 34 -14.81 -38.95 -11.02
C LYS B 34 -14.12 -40.28 -10.75
N LYS B 35 -14.91 -41.34 -10.72
CA LYS B 35 -14.37 -42.68 -10.52
C LYS B 35 -13.56 -43.08 -11.74
N PRO B 36 -12.35 -43.63 -11.57
CA PRO B 36 -11.50 -43.94 -12.72
C PRO B 36 -12.06 -45.07 -13.58
N ASN B 38 -14.81 -45.34 -15.02
CA ASN B 38 -16.07 -44.64 -15.28
C ASN B 38 -15.79 -43.21 -15.72
N ASN B 39 -16.71 -42.65 -16.50
CA ASN B 39 -16.59 -41.27 -16.97
C ASN B 39 -17.58 -40.32 -16.30
N LYS B 40 -18.41 -40.81 -15.39
CA LYS B 40 -19.40 -39.95 -14.75
C LYS B 40 -18.74 -39.03 -13.74
N ILE B 41 -19.21 -37.78 -13.68
CA ILE B 41 -18.65 -36.82 -12.75
C ILE B 41 -19.36 -36.92 -11.40
N LEU B 42 -18.63 -37.37 -10.39
CA LEU B 42 -19.15 -37.46 -9.03
C LEU B 42 -19.21 -36.11 -8.33
N VAL B 43 -18.28 -35.21 -8.63
CA VAL B 43 -18.27 -33.88 -8.04
C VAL B 43 -17.87 -32.89 -9.12
N PRO B 44 -18.74 -31.97 -9.52
CA PRO B 44 -18.39 -31.04 -10.60
C PRO B 44 -17.25 -30.12 -10.20
N LYS B 45 -16.74 -29.38 -11.18
CA LYS B 45 -15.71 -28.38 -10.95
C LYS B 45 -16.38 -27.03 -10.75
N VAL B 46 -16.45 -26.58 -9.50
CA VAL B 46 -17.02 -25.27 -9.17
C VAL B 46 -15.87 -24.42 -8.66
N SER B 47 -15.52 -23.39 -9.42
CA SER B 47 -14.41 -22.51 -9.06
C SER B 47 -14.88 -21.07 -9.14
N GLY B 48 -14.18 -20.21 -8.42
CA GLY B 48 -14.50 -18.80 -8.40
C GLY B 48 -14.07 -18.04 -9.64
N LEU B 49 -13.34 -18.69 -10.54
CA LEU B 49 -12.89 -18.06 -11.78
C LEU B 49 -13.62 -18.59 -13.01
N GLN B 50 -14.78 -19.20 -12.82
CA GLN B 50 -15.55 -19.70 -13.94
C GLN B 50 -16.63 -18.70 -14.34
N TYR B 51 -17.07 -18.79 -15.59
CA TYR B 51 -18.21 -18.02 -16.05
C TYR B 51 -19.49 -18.70 -15.59
N ARG B 52 -20.45 -17.91 -15.17
CA ARG B 52 -21.80 -18.42 -14.86
C ARG B 52 -22.75 -17.80 -15.87
N VAL B 53 -23.06 -18.53 -16.93
CA VAL B 53 -23.91 -18.03 -18.01
C VAL B 53 -25.28 -18.65 -17.80
N PHE B 54 -26.17 -17.92 -17.14
CA PHE B 54 -27.54 -18.36 -16.96
C PHE B 54 -28.33 -18.17 -18.24
N ARG B 55 -29.36 -18.99 -18.42
CA ARG B 55 -30.27 -18.89 -19.56
C ARG B 55 -31.70 -18.87 -19.01
N ILE B 56 -32.26 -17.68 -18.87
CA ILE B 56 -33.58 -17.50 -18.28
C ILE B 56 -34.65 -17.74 -19.32
N HIS B 57 -35.65 -18.54 -18.96
CA HIS B 57 -36.77 -18.85 -19.84
C HIS B 57 -38.01 -18.10 -19.33
N LEU B 58 -38.39 -17.08 -20.01
CA LEU B 58 -39.57 -16.33 -19.60
C LEU B 58 -40.84 -16.98 -20.14
N PRO B 59 -41.96 -16.78 -19.46
CA PRO B 59 -43.23 -17.34 -19.98
C PRO B 59 -43.64 -16.66 -21.27
N ASP B 60 -44.33 -17.42 -22.10
CA ASP B 60 -44.82 -16.87 -23.36
C ASP B 60 -45.88 -15.82 -23.08
N PRO B 61 -45.61 -14.53 -23.27
CA PRO B 61 -46.61 -13.52 -22.92
C PRO B 61 -47.90 -13.67 -23.70
N ASN B 62 -47.83 -14.13 -24.95
CA ASN B 62 -49.03 -14.32 -25.74
C ASN B 62 -49.95 -15.36 -25.13
N LYS B 63 -49.40 -16.46 -24.64
CA LYS B 63 -50.17 -17.50 -23.97
C LYS B 63 -50.36 -17.23 -22.48
N PHE B 64 -49.75 -16.18 -21.95
CA PHE B 64 -49.85 -15.88 -20.53
C PHE B 64 -51.29 -15.57 -20.17
N GLY B 65 -51.69 -15.96 -18.96
CA GLY B 65 -53.04 -15.73 -18.49
C GLY B 65 -53.22 -14.40 -17.80
N PHE B 66 -53.21 -13.31 -18.57
CA PHE B 66 -53.42 -12.00 -18.00
C PHE B 66 -54.85 -11.87 -17.47
N PRO B 67 -55.06 -11.02 -16.46
CA PRO B 67 -56.44 -10.76 -16.00
C PRO B 67 -57.19 -9.81 -16.89
N ASP B 68 -56.50 -8.94 -17.62
CA ASP B 68 -57.13 -7.98 -18.53
C ASP B 68 -56.36 -7.98 -19.84
N THR B 69 -57.08 -7.81 -20.94
CA THR B 69 -56.48 -7.80 -22.27
C THR B 69 -56.94 -6.60 -23.08
N SER B 70 -57.32 -5.52 -22.41
CA SER B 70 -57.80 -4.33 -23.10
C SER B 70 -56.66 -3.49 -23.68
N PHE B 71 -55.41 -3.84 -23.41
CA PHE B 71 -54.26 -3.04 -23.82
C PHE B 71 -53.75 -3.40 -25.20
N TYR B 72 -54.34 -4.37 -25.89
CA TYR B 72 -53.87 -4.75 -27.21
C TYR B 72 -54.97 -5.48 -27.96
N ASN B 73 -54.82 -5.54 -29.28
CA ASN B 73 -55.74 -6.29 -30.12
C ASN B 73 -55.15 -7.69 -30.33
N PRO B 74 -55.75 -8.74 -29.77
CA PRO B 74 -55.08 -10.05 -29.78
C PRO B 74 -54.96 -10.71 -31.15
N ASP B 75 -55.40 -10.05 -32.22
CA ASP B 75 -55.32 -10.62 -33.56
C ASP B 75 -54.41 -9.84 -34.50
N THR B 76 -54.17 -8.56 -34.22
CA THR B 76 -53.25 -7.75 -35.01
C THR B 76 -52.09 -7.22 -34.18
N GLN B 77 -51.87 -7.79 -32.99
CA GLN B 77 -50.78 -7.36 -32.11
C GLN B 77 -50.25 -8.57 -31.37
N ARG B 78 -48.99 -8.48 -30.94
CA ARG B 78 -48.35 -9.54 -30.19
C ARG B 78 -47.58 -8.92 -29.03
N LEU B 79 -47.36 -9.73 -28.00
CA LEU B 79 -46.74 -9.27 -26.77
C LEU B 79 -45.30 -9.75 -26.69
N VAL B 80 -44.46 -8.94 -26.04
CA VAL B 80 -43.05 -9.23 -25.87
C VAL B 80 -42.62 -8.70 -24.50
N TRP B 81 -41.74 -9.44 -23.86
CA TRP B 81 -41.20 -9.01 -22.57
C TRP B 81 -40.04 -8.07 -22.77
N ALA B 82 -39.89 -7.12 -21.85
CA ALA B 82 -38.78 -6.17 -21.87
C ALA B 82 -38.20 -6.07 -20.47
N CYS B 83 -36.88 -6.06 -20.37
CA CYS B 83 -36.21 -6.01 -19.08
C CYS B 83 -35.89 -4.56 -18.74
N VAL B 84 -36.39 -4.09 -17.60
CA VAL B 84 -36.16 -2.73 -17.14
C VAL B 84 -35.44 -2.68 -15.80
N GLY B 85 -35.11 -3.84 -15.22
CA GLY B 85 -34.39 -3.87 -13.96
C GLY B 85 -33.82 -5.24 -13.74
N VAL B 86 -32.70 -5.29 -13.01
CA VAL B 86 -32.03 -6.56 -12.73
C VAL B 86 -31.17 -6.37 -11.50
N GLU B 87 -31.02 -7.45 -10.73
CA GLU B 87 -30.15 -7.46 -9.57
C GLU B 87 -29.55 -8.84 -9.41
N VAL B 88 -28.23 -8.92 -9.32
CA VAL B 88 -27.53 -10.19 -9.16
C VAL B 88 -27.14 -10.33 -7.70
N GLY B 89 -27.67 -11.34 -7.03
CA GLY B 89 -27.42 -11.52 -5.61
C GLY B 89 -26.30 -12.52 -5.36
N ARG B 90 -25.41 -12.15 -4.45
CA ARG B 90 -24.27 -12.98 -4.08
C ARG B 90 -24.27 -13.16 -2.57
N GLY B 91 -24.13 -14.41 -2.13
CA GLY B 91 -24.36 -14.74 -0.74
C GLY B 91 -23.13 -14.93 0.13
N GLN B 92 -22.10 -15.58 -0.40
CA GLN B 92 -20.99 -15.99 0.43
C GLN B 92 -20.14 -14.78 0.83
N PRO B 93 -19.34 -14.91 1.89
CA PRO B 93 -18.50 -13.80 2.32
C PRO B 93 -17.34 -13.55 1.37
N LEU B 94 -16.83 -12.31 1.41
CA LEU B 94 -15.70 -11.94 0.58
C LEU B 94 -14.46 -12.72 0.98
N GLY B 95 -13.64 -13.05 -0.02
CA GLY B 95 -12.42 -13.79 0.24
C GLY B 95 -11.72 -14.07 -1.08
N VAL B 96 -10.52 -14.63 -0.96
CA VAL B 96 -9.64 -14.87 -2.09
C VAL B 96 -9.22 -16.33 -2.09
N GLY B 97 -9.22 -16.95 -3.25
CA GLY B 97 -8.77 -18.32 -3.41
C GLY B 97 -7.36 -18.41 -3.97
N ILE B 98 -6.80 -19.61 -3.92
CA ILE B 98 -5.43 -19.86 -4.33
C ILE B 98 -5.42 -21.06 -5.28
N SER B 99 -4.56 -20.99 -6.29
CA SER B 99 -4.40 -22.07 -7.24
C SER B 99 -2.91 -22.31 -7.45
N GLY B 100 -2.58 -23.52 -7.90
CA GLY B 100 -1.19 -23.82 -8.12
C GLY B 100 -1.04 -25.16 -8.81
N HIS B 101 0.19 -25.45 -9.20
CA HIS B 101 0.53 -26.67 -9.90
C HIS B 101 1.61 -27.40 -9.10
N PRO B 102 1.41 -28.67 -8.75
CA PRO B 102 2.46 -29.38 -7.99
C PRO B 102 3.78 -29.48 -8.72
N LEU B 103 3.79 -29.33 -10.04
CA LEU B 103 4.99 -29.49 -10.86
C LEU B 103 5.09 -28.34 -11.86
N LEU B 104 4.91 -27.11 -11.38
CA LEU B 104 4.96 -25.96 -12.26
C LEU B 104 6.35 -25.81 -12.88
N ASN B 105 6.38 -25.31 -14.10
CA ASN B 105 7.64 -25.14 -14.83
C ASN B 105 8.26 -23.82 -14.42
N LYS B 106 9.19 -23.88 -13.48
CA LYS B 106 9.81 -22.69 -12.92
C LYS B 106 11.27 -23.00 -12.64
N LEU B 107 12.18 -22.17 -13.15
CA LEU B 107 13.60 -22.45 -13.04
C LEU B 107 14.25 -21.63 -11.93
N ASP B 108 14.13 -20.31 -11.99
CA ASP B 108 14.83 -19.43 -11.07
C ASP B 108 13.89 -18.30 -10.65
N ASP B 109 14.31 -17.58 -9.61
CA ASP B 109 13.65 -16.35 -9.18
C ASP B 109 14.54 -15.20 -9.62
N THR B 110 14.21 -14.62 -10.78
CA THR B 110 15.07 -13.64 -11.42
C THR B 110 14.94 -12.24 -10.82
N GLU B 111 14.01 -12.02 -9.89
CA GLU B 111 13.80 -10.67 -9.39
C GLU B 111 15.06 -10.13 -8.74
N ASN B 112 15.72 -10.94 -7.91
CA ASN B 112 16.84 -10.48 -7.11
C ASN B 112 17.95 -11.54 -7.11
N ALA B 113 18.22 -12.10 -8.28
CA ALA B 113 19.28 -13.11 -8.38
C ALA B 113 20.62 -12.51 -7.95
N SER B 114 21.34 -13.26 -7.10
CA SER B 114 22.60 -12.79 -6.54
C SER B 114 23.78 -13.68 -6.90
N ALA B 115 23.59 -14.64 -7.79
CA ALA B 115 24.68 -15.50 -8.25
C ALA B 115 24.17 -16.29 -9.46
N TYR B 116 25.00 -16.39 -10.48
CA TYR B 116 24.55 -17.01 -11.72
C TYR B 116 24.11 -18.43 -11.47
N ALA B 117 22.93 -18.77 -11.99
CA ALA B 117 22.30 -20.05 -11.68
C ALA B 117 23.01 -21.20 -12.39
N ALA B 118 22.85 -22.39 -11.83
CA ALA B 118 23.38 -23.59 -12.45
C ALA B 118 22.51 -23.99 -13.65
N ASN B 119 23.14 -24.71 -14.58
CA ASN B 119 22.44 -25.11 -15.79
C ASN B 119 21.28 -26.04 -15.47
N ALA B 120 20.16 -25.85 -16.16
CA ALA B 120 18.98 -26.65 -15.91
C ALA B 120 19.25 -28.12 -16.17
N GLY B 121 18.70 -28.98 -15.32
CA GLY B 121 18.86 -30.41 -15.43
C GLY B 121 17.77 -31.03 -16.26
N VAL B 122 17.48 -32.30 -15.96
CA VAL B 122 16.44 -33.02 -16.69
C VAL B 122 15.05 -32.49 -16.32
N ASP B 123 14.83 -32.25 -15.03
CA ASP B 123 13.51 -31.84 -14.54
C ASP B 123 13.69 -30.89 -13.37
N ASN B 124 13.25 -29.64 -13.56
CA ASN B 124 13.39 -28.60 -12.55
C ASN B 124 12.03 -28.03 -12.16
N ARG B 125 11.00 -28.87 -12.10
CA ARG B 125 9.66 -28.41 -11.81
C ARG B 125 9.43 -28.36 -10.30
N GLU B 126 8.69 -27.34 -9.86
CA GLU B 126 8.53 -27.05 -8.45
C GLU B 126 7.06 -26.79 -8.13
N CYS B 127 6.69 -26.99 -6.88
CA CYS B 127 5.35 -26.72 -6.40
C CYS B 127 5.21 -25.23 -6.10
N ILE B 128 4.29 -24.57 -6.80
CA ILE B 128 4.12 -23.12 -6.68
C ILE B 128 2.65 -22.79 -6.84
N SER B 129 2.19 -21.78 -6.10
CA SER B 129 0.80 -21.34 -6.14
C SER B 129 0.76 -19.83 -6.15
N MET B 130 -0.33 -19.28 -6.67
CA MET B 130 -0.52 -17.85 -6.74
C MET B 130 -2.01 -17.54 -6.70
N ASP B 131 -2.32 -16.31 -6.27
CA ASP B 131 -3.68 -15.80 -6.32
C ASP B 131 -3.87 -15.03 -7.62
N TYR B 132 -5.05 -15.18 -8.22
CA TYR B 132 -5.24 -14.73 -9.58
C TYR B 132 -5.66 -13.27 -9.64
N LYS B 133 -5.65 -12.73 -10.86
CA LYS B 133 -6.15 -11.40 -11.13
C LYS B 133 -7.61 -11.30 -10.73
N GLN B 134 -7.98 -10.18 -10.12
CA GLN B 134 -9.34 -9.97 -9.65
C GLN B 134 -10.21 -9.46 -10.80
N THR B 135 -11.42 -10.02 -10.91
CA THR B 135 -12.31 -9.70 -12.01
C THR B 135 -13.75 -9.68 -11.52
N GLN B 136 -14.57 -8.87 -12.17
CA GLN B 136 -16.01 -8.83 -11.95
C GLN B 136 -16.67 -8.34 -13.23
N LEU B 137 -17.73 -8.99 -13.67
CA LEU B 137 -18.45 -8.51 -14.84
C LEU B 137 -19.85 -9.08 -14.85
N CYS B 138 -20.74 -8.41 -15.57
CA CYS B 138 -22.14 -8.80 -15.64
C CYS B 138 -22.69 -8.33 -16.99
N LEU B 139 -22.77 -9.24 -17.96
CA LEU B 139 -23.32 -8.94 -19.27
C LEU B 139 -24.73 -9.49 -19.36
N ILE B 140 -25.65 -8.68 -19.88
CA ILE B 140 -27.05 -9.06 -20.03
C ILE B 140 -27.45 -8.82 -21.48
N GLY B 141 -28.18 -9.77 -22.05
CA GLY B 141 -28.61 -9.64 -23.43
C GLY B 141 -29.57 -10.75 -23.78
N CYS B 142 -30.08 -10.70 -25.01
CA CYS B 142 -30.98 -11.72 -25.52
C CYS B 142 -30.26 -12.69 -26.45
N LYS B 143 -28.93 -12.67 -26.50
CA LYS B 143 -28.13 -13.63 -27.22
C LYS B 143 -26.91 -13.99 -26.39
N PRO B 144 -26.37 -15.19 -26.58
CA PRO B 144 -25.23 -15.60 -25.76
C PRO B 144 -24.03 -14.72 -26.03
N PRO B 145 -23.17 -14.50 -25.03
CA PRO B 145 -22.02 -13.63 -25.23
C PRO B 145 -20.99 -14.27 -26.14
N ILE B 146 -20.10 -13.44 -26.67
CA ILE B 146 -19.07 -13.87 -27.60
C ILE B 146 -17.72 -13.47 -27.02
N GLY B 147 -16.91 -14.47 -26.68
CA GLY B 147 -15.58 -14.26 -26.14
C GLY B 147 -14.51 -14.47 -27.21
N GLU B 148 -13.26 -14.28 -26.80
CA GLU B 148 -12.12 -14.37 -27.68
C GLU B 148 -10.96 -15.05 -26.95
N HIS B 149 -10.08 -15.66 -27.73
CA HIS B 149 -8.88 -16.26 -27.18
C HIS B 149 -7.91 -16.56 -28.32
N TRP B 150 -6.62 -16.62 -27.99
CA TRP B 150 -5.60 -16.93 -28.97
C TRP B 150 -5.46 -18.43 -29.11
N GLY B 151 -5.99 -18.98 -30.21
CA GLY B 151 -5.92 -20.40 -30.47
C GLY B 151 -4.85 -20.70 -31.51
N LYS B 152 -4.62 -21.99 -31.72
CA LYS B 152 -3.63 -22.45 -32.68
C LYS B 152 -4.23 -22.33 -34.08
N GLY B 153 -3.66 -21.45 -34.89
CA GLY B 153 -4.08 -21.30 -36.27
C GLY B 153 -3.53 -22.39 -37.15
N SER B 154 -3.81 -22.27 -38.44
CA SER B 154 -3.33 -23.22 -39.42
C SER B 154 -2.40 -22.54 -40.42
N PRO B 155 -1.38 -23.24 -40.92
CA PRO B 155 -0.48 -22.59 -41.89
C PRO B 155 -1.18 -22.28 -43.21
N VAL B 161 6.69 -28.04 -41.56
CA VAL B 161 6.76 -27.60 -40.18
C VAL B 161 7.57 -28.60 -39.36
N GLN B 162 8.77 -28.20 -38.97
CA GLN B 162 9.62 -29.08 -38.19
C GLN B 162 9.01 -29.29 -36.80
N PRO B 163 9.17 -30.48 -36.21
CA PRO B 163 8.69 -30.68 -34.84
C PRO B 163 9.32 -29.68 -33.89
N GLY B 164 8.52 -29.21 -32.94
CA GLY B 164 8.96 -28.21 -31.99
C GLY B 164 8.84 -26.78 -32.46
N ASP B 165 8.28 -26.55 -33.64
CA ASP B 165 8.15 -25.20 -34.15
C ASP B 165 7.05 -24.44 -33.42
N CYS B 166 7.16 -23.12 -33.44
CA CYS B 166 6.19 -22.28 -32.76
C CYS B 166 4.83 -22.43 -33.43
N PRO B 167 3.77 -22.78 -32.69
CA PRO B 167 2.45 -22.87 -33.31
C PRO B 167 2.01 -21.53 -33.87
N PRO B 168 1.32 -21.52 -35.02
CA PRO B 168 0.73 -20.26 -35.48
C PRO B 168 -0.31 -19.76 -34.50
N LEU B 169 -0.40 -18.44 -34.38
CA LEU B 169 -1.35 -17.81 -33.46
C LEU B 169 -2.47 -17.15 -34.25
N GLU B 170 -3.68 -17.24 -33.72
CA GLU B 170 -4.86 -16.69 -34.36
C GLU B 170 -5.84 -16.28 -33.28
N LEU B 171 -6.57 -15.18 -33.51
CA LEU B 171 -7.55 -14.71 -32.55
C LEU B 171 -8.89 -15.36 -32.88
N ILE B 172 -9.19 -16.45 -32.18
CA ILE B 172 -10.41 -17.22 -32.40
C ILE B 172 -11.55 -16.58 -31.61
N ASN B 173 -12.74 -16.64 -32.18
CA ASN B 173 -13.94 -16.04 -31.59
C ASN B 173 -14.97 -17.14 -31.38
N THR B 174 -15.48 -17.26 -30.15
CA THR B 174 -16.40 -18.34 -29.81
C THR B 174 -17.43 -17.83 -28.82
N VAL B 175 -18.42 -18.67 -28.55
CA VAL B 175 -19.51 -18.31 -27.64
C VAL B 175 -19.16 -18.76 -26.23
N ILE B 176 -19.18 -17.83 -25.28
CA ILE B 176 -18.92 -18.18 -23.90
C ILE B 176 -20.01 -19.13 -23.40
N GLN B 177 -19.61 -20.11 -22.61
CA GLN B 177 -20.51 -21.11 -22.08
C GLN B 177 -20.33 -21.18 -20.57
N ASP B 178 -21.34 -21.72 -19.89
CA ASP B 178 -21.23 -21.93 -18.46
C ASP B 178 -20.06 -22.84 -18.15
N GLY B 179 -19.23 -22.43 -17.20
CA GLY B 179 -18.09 -23.21 -16.78
C GLY B 179 -16.78 -22.87 -17.46
N ASP B 180 -16.81 -22.04 -18.51
CA ASP B 180 -15.58 -21.66 -19.17
C ASP B 180 -14.75 -20.77 -18.25
N MET B 181 -13.44 -21.00 -18.22
CA MET B 181 -12.55 -20.24 -17.35
C MET B 181 -12.36 -18.83 -17.88
N VAL B 182 -12.37 -17.86 -16.98
CA VAL B 182 -12.12 -16.47 -17.32
C VAL B 182 -10.62 -16.23 -17.36
N ASP B 183 -10.22 -15.08 -17.90
CA ASP B 183 -8.81 -14.71 -17.86
C ASP B 183 -8.30 -14.66 -16.43
N THR B 184 -7.08 -15.14 -16.22
CA THR B 184 -6.51 -15.25 -14.88
C THR B 184 -5.25 -14.43 -14.69
N GLY B 185 -4.82 -13.66 -15.68
CA GLY B 185 -3.59 -12.91 -15.60
C GLY B 185 -2.45 -13.51 -16.40
N PHE B 186 -2.61 -14.73 -16.92
CA PHE B 186 -1.64 -15.34 -17.82
C PHE B 186 -2.00 -15.14 -19.29
N GLY B 187 -3.06 -14.41 -19.58
CA GLY B 187 -3.49 -14.19 -20.94
C GLY B 187 -4.73 -15.00 -21.27
N ALA B 188 -5.45 -14.54 -22.30
CA ALA B 188 -6.63 -15.24 -22.79
C ALA B 188 -6.21 -16.09 -23.98
N MET B 189 -5.89 -17.35 -23.73
CA MET B 189 -5.34 -18.22 -24.75
C MET B 189 -5.81 -19.64 -24.53
N ASP B 190 -5.68 -20.46 -25.56
CA ASP B 190 -6.01 -21.88 -25.51
C ASP B 190 -4.78 -22.62 -25.01
N PHE B 191 -4.81 -23.02 -23.73
CA PHE B 191 -3.62 -23.61 -23.14
C PHE B 191 -3.40 -25.04 -23.60
N THR B 192 -4.47 -25.82 -23.73
CA THR B 192 -4.30 -27.24 -24.01
C THR B 192 -3.60 -27.50 -25.33
N THR B 193 -3.67 -26.57 -26.29
CA THR B 193 -3.01 -26.74 -27.58
C THR B 193 -1.76 -25.90 -27.74
N LEU B 194 -1.68 -24.75 -27.08
CA LEU B 194 -0.52 -23.88 -27.18
C LEU B 194 0.54 -24.18 -26.14
N GLN B 195 0.30 -25.10 -25.22
CA GLN B 195 1.30 -25.51 -24.23
C GLN B 195 1.23 -27.02 -24.07
N ALA B 196 2.02 -27.73 -24.88
CA ALA B 196 2.11 -29.17 -24.76
C ALA B 196 2.83 -29.61 -23.50
N ASN B 197 3.47 -28.68 -22.79
CA ASN B 197 4.15 -29.02 -21.55
C ASN B 197 3.17 -29.50 -20.49
N LYS B 198 1.97 -28.90 -20.46
CA LYS B 198 0.96 -29.19 -19.44
C LYS B 198 1.44 -28.83 -18.04
N SER B 199 2.45 -27.97 -17.93
CA SER B 199 2.93 -27.53 -16.62
C SER B 199 3.27 -26.05 -16.60
N GLU B 200 2.84 -25.29 -17.60
CA GLU B 200 3.18 -23.88 -17.65
C GLU B 200 2.34 -23.04 -16.70
N VAL B 201 1.08 -23.41 -16.49
CA VAL B 201 0.14 -22.61 -15.72
C VAL B 201 -0.49 -23.45 -14.62
N PRO B 202 -1.23 -22.85 -13.69
CA PRO B 202 -1.77 -23.62 -12.57
C PRO B 202 -2.67 -24.76 -13.01
N LEU B 203 -3.08 -25.55 -12.02
CA LEU B 203 -3.71 -26.83 -12.29
C LEU B 203 -5.11 -26.69 -12.88
N ASP B 204 -5.81 -25.59 -12.57
CA ASP B 204 -7.20 -25.46 -12.97
C ASP B 204 -7.38 -24.82 -14.34
N ILE B 205 -6.31 -24.37 -14.98
CA ILE B 205 -6.40 -23.81 -16.32
C ILE B 205 -5.38 -24.42 -17.28
N CYS B 206 -4.60 -25.40 -16.84
CA CYS B 206 -3.57 -25.98 -17.70
C CYS B 206 -4.16 -26.82 -18.83
N THR B 207 -5.46 -27.07 -18.82
CA THR B 207 -6.11 -27.84 -19.88
C THR B 207 -7.40 -27.18 -20.38
N SER B 208 -7.64 -25.92 -20.04
CA SER B 208 -8.85 -25.22 -20.40
C SER B 208 -8.54 -24.10 -21.37
N ILE B 209 -9.58 -23.37 -21.76
CA ILE B 209 -9.47 -22.17 -22.59
C ILE B 209 -9.93 -20.99 -21.74
N CYS B 210 -9.06 -19.99 -21.59
CA CYS B 210 -9.40 -18.79 -20.84
C CYS B 210 -9.89 -17.73 -21.80
N LYS B 211 -11.21 -17.60 -21.91
CA LYS B 211 -11.82 -16.67 -22.84
C LYS B 211 -11.99 -15.30 -22.19
N TYR B 212 -12.07 -14.27 -23.04
CA TYR B 212 -12.31 -12.91 -22.60
C TYR B 212 -13.44 -12.30 -23.42
N PRO B 213 -14.37 -11.57 -22.81
CA PRO B 213 -15.48 -11.02 -23.58
C PRO B 213 -14.97 -10.12 -24.70
N ASP B 214 -15.63 -10.20 -25.85
CA ASP B 214 -15.26 -9.40 -27.02
C ASP B 214 -16.16 -8.17 -27.04
N TYR B 215 -15.82 -7.21 -26.17
CA TYR B 215 -16.65 -6.02 -26.04
C TYR B 215 -16.72 -5.26 -27.36
N ILE B 216 -15.61 -5.15 -28.08
CA ILE B 216 -15.60 -4.39 -29.32
C ILE B 216 -16.62 -4.96 -30.29
N LYS B 217 -16.53 -6.26 -30.55
CA LYS B 217 -17.46 -6.88 -31.50
C LYS B 217 -18.88 -6.84 -31.00
N MET B 218 -19.09 -7.14 -29.71
CA MET B 218 -20.45 -7.19 -29.18
C MET B 218 -21.13 -5.83 -29.26
N VAL B 219 -20.37 -4.76 -29.01
CA VAL B 219 -20.92 -3.42 -29.14
C VAL B 219 -21.15 -3.07 -30.61
N SER B 220 -20.22 -3.43 -31.48
CA SER B 220 -20.34 -3.11 -32.89
C SER B 220 -21.40 -3.94 -33.61
N GLU B 221 -21.97 -4.94 -32.95
CA GLU B 221 -23.03 -5.72 -33.57
C GLU B 221 -24.15 -4.79 -34.01
N PRO B 222 -24.73 -4.99 -35.21
CA PRO B 222 -25.72 -4.02 -35.69
C PRO B 222 -26.97 -3.94 -34.82
N TYR B 223 -27.60 -5.08 -34.53
CA TYR B 223 -28.87 -5.05 -33.82
C TYR B 223 -28.72 -4.87 -32.31
N GLY B 224 -27.52 -5.00 -31.78
CA GLY B 224 -27.32 -4.83 -30.35
C GLY B 224 -27.98 -5.90 -29.50
N ASP B 225 -28.27 -7.06 -30.08
CA ASP B 225 -28.93 -8.12 -29.33
C ASP B 225 -28.05 -8.63 -28.20
N SER B 226 -26.75 -8.81 -28.47
CA SER B 226 -25.89 -9.55 -27.55
C SER B 226 -25.60 -8.80 -26.26
N LEU B 227 -25.84 -7.50 -26.21
CA LEU B 227 -25.39 -6.70 -25.06
C LEU B 227 -26.32 -5.51 -24.87
N PHE B 228 -27.23 -5.61 -23.89
CA PHE B 228 -27.95 -4.45 -23.41
C PHE B 228 -27.13 -3.64 -22.42
N PHE B 229 -26.63 -4.31 -21.39
CA PHE B 229 -26.00 -3.66 -20.25
C PHE B 229 -24.82 -4.50 -19.82
N TYR B 230 -23.70 -3.84 -19.49
CA TYR B 230 -22.51 -4.57 -19.06
C TYR B 230 -21.71 -3.73 -18.08
N LEU B 231 -21.15 -4.41 -17.09
CA LEU B 231 -20.26 -3.81 -16.11
C LEU B 231 -18.97 -4.62 -16.03
N ARG B 232 -17.90 -3.98 -15.60
CA ARG B 232 -16.60 -4.64 -15.59
C ARG B 232 -15.68 -3.97 -14.58
N ARG B 233 -14.86 -4.79 -13.91
CA ARG B 233 -13.78 -4.29 -13.07
C ARG B 233 -12.67 -5.34 -13.04
N GLU B 234 -11.42 -4.89 -13.12
CA GLU B 234 -10.28 -5.78 -13.06
C GLU B 234 -9.14 -5.06 -12.39
N GLN B 235 -8.22 -5.83 -11.79
CA GLN B 235 -7.03 -5.23 -11.20
C GLN B 235 -6.04 -6.32 -10.84
N MET B 236 -4.77 -6.06 -11.14
CA MET B 236 -3.72 -7.03 -10.84
C MET B 236 -2.38 -6.32 -10.78
N PHE B 237 -1.39 -7.00 -10.20
CA PHE B 237 -0.01 -6.54 -10.22
C PHE B 237 0.90 -7.75 -10.12
N VAL B 238 2.12 -7.61 -10.61
CA VAL B 238 3.06 -8.71 -10.61
C VAL B 238 3.62 -8.90 -9.21
N ARG B 239 3.56 -10.13 -8.72
CA ARG B 239 4.01 -10.46 -7.37
C ARG B 239 5.43 -11.03 -7.38
N HIS B 240 5.71 -11.95 -8.29
CA HIS B 240 7.04 -12.52 -8.45
C HIS B 240 7.39 -12.58 -9.93
N LEU B 241 8.69 -12.57 -10.20
CA LEU B 241 9.23 -12.52 -11.57
C LEU B 241 10.11 -13.75 -11.75
N PHE B 242 9.52 -14.84 -12.25
CA PHE B 242 10.20 -16.12 -12.35
C PHE B 242 10.80 -16.28 -13.74
N ASN B 243 11.29 -17.50 -14.02
CA ASN B 243 11.96 -17.83 -15.26
C ASN B 243 11.45 -19.20 -15.72
N ARG B 244 11.48 -19.44 -17.03
CA ARG B 244 11.03 -20.70 -17.58
C ARG B 244 12.21 -21.64 -17.82
N ALA B 245 11.92 -22.93 -17.80
CA ALA B 245 12.91 -23.96 -18.09
C ALA B 245 12.53 -24.69 -19.37
N GLY B 246 13.55 -25.15 -20.09
CA GLY B 246 13.37 -25.83 -21.35
C GLY B 246 14.26 -25.25 -22.44
N THR B 247 14.41 -26.03 -23.50
CA THR B 247 15.27 -25.64 -24.60
C THR B 247 14.80 -24.31 -25.19
N VAL B 248 15.76 -23.50 -25.61
CA VAL B 248 15.46 -22.17 -26.13
C VAL B 248 14.94 -22.30 -27.55
N GLY B 249 13.71 -21.84 -27.78
CA GLY B 249 13.14 -21.91 -29.12
C GLY B 249 13.82 -20.97 -30.09
N GLU B 250 14.16 -19.77 -29.64
CA GLU B 250 14.69 -18.73 -30.52
C GLU B 250 15.84 -18.03 -29.80
N ASN B 251 17.05 -18.20 -30.31
CA ASN B 251 18.23 -17.70 -29.63
C ASN B 251 18.24 -16.18 -29.56
N VAL B 252 18.81 -15.66 -28.49
CA VAL B 252 18.99 -14.20 -28.37
C VAL B 252 19.96 -13.73 -29.45
N PRO B 253 19.66 -12.66 -30.18
CA PRO B 253 20.60 -12.19 -31.20
C PRO B 253 21.96 -11.83 -30.60
N ASP B 254 23.01 -12.09 -31.38
CA ASP B 254 24.37 -11.80 -30.92
C ASP B 254 24.61 -10.31 -30.74
N ASP B 255 23.80 -9.46 -31.35
CA ASP B 255 24.06 -8.02 -31.31
C ASP B 255 23.43 -7.34 -30.09
N LEU B 256 22.74 -8.07 -29.23
CA LEU B 256 22.10 -7.49 -28.06
C LEU B 256 22.91 -7.70 -26.79
N TYR B 257 24.08 -8.33 -26.85
CA TYR B 257 24.88 -8.56 -25.66
C TYR B 257 26.30 -8.85 -26.07
N ILE B 258 27.21 -8.83 -25.09
CA ILE B 258 28.61 -9.16 -25.28
C ILE B 258 28.87 -10.51 -24.65
N LYS B 259 29.55 -11.39 -25.38
CA LYS B 259 29.76 -12.76 -24.93
C LYS B 259 30.35 -12.79 -23.53
N GLY B 260 29.78 -13.62 -22.67
CA GLY B 260 30.32 -13.81 -21.34
C GLY B 260 31.50 -14.76 -21.34
N SER B 261 32.16 -14.84 -20.19
CA SER B 261 33.33 -15.70 -20.02
C SER B 261 33.20 -16.49 -18.73
N GLY B 262 33.49 -17.78 -18.81
CA GLY B 262 33.46 -18.63 -17.64
C GLY B 262 32.08 -19.11 -17.27
N SER B 263 31.62 -18.78 -16.06
CA SER B 263 30.31 -19.23 -15.61
C SER B 263 29.19 -18.62 -16.46
N THR B 264 29.41 -17.42 -16.99
CA THR B 264 28.39 -16.73 -17.78
C THR B 264 28.45 -17.09 -19.26
N ALA B 265 29.29 -18.05 -19.65
CA ALA B 265 29.43 -18.40 -21.05
C ALA B 265 28.14 -18.97 -21.64
N ASN B 266 27.22 -19.45 -20.82
CA ASN B 266 25.96 -20.01 -21.28
C ASN B 266 24.83 -19.17 -20.71
N LEU B 267 24.10 -18.47 -21.59
CA LEU B 267 23.07 -17.56 -21.13
C LEU B 267 22.00 -18.30 -20.35
N ALA B 268 21.48 -17.66 -19.31
CA ALA B 268 20.32 -18.17 -18.61
C ALA B 268 19.08 -17.96 -19.47
N SER B 269 18.03 -18.73 -19.16
CA SER B 269 16.81 -18.65 -19.94
C SER B 269 16.25 -17.23 -19.90
N SER B 270 15.80 -16.74 -21.06
CA SER B 270 15.26 -15.40 -21.19
C SER B 270 13.74 -15.41 -21.40
N ASN B 271 13.06 -16.45 -20.94
CA ASN B 271 11.61 -16.55 -21.05
C ASN B 271 11.04 -16.26 -19.67
N TYR B 272 10.78 -14.99 -19.40
CA TYR B 272 10.26 -14.58 -18.10
C TYR B 272 8.74 -14.70 -18.08
N PHE B 273 8.19 -14.77 -16.86
CA PHE B 273 6.75 -14.74 -16.67
C PHE B 273 6.46 -14.26 -15.26
N PRO B 274 5.50 -13.37 -15.07
CA PRO B 274 5.12 -12.96 -13.72
C PRO B 274 3.97 -13.80 -13.18
N THR B 275 3.88 -13.87 -11.87
CA THR B 275 2.75 -14.50 -11.21
C THR B 275 1.76 -13.42 -10.81
N PRO B 276 0.54 -13.42 -11.32
CA PRO B 276 -0.38 -12.32 -11.01
C PRO B 276 -0.82 -12.33 -9.55
N SER B 277 -1.34 -11.19 -9.12
CA SER B 277 -1.94 -11.06 -7.80
C SER B 277 -3.05 -10.04 -7.88
N GLY B 278 -4.21 -10.37 -7.33
CA GLY B 278 -5.37 -9.50 -7.41
C GLY B 278 -5.41 -8.38 -6.40
N SER B 279 -4.43 -8.30 -5.52
CA SER B 279 -4.37 -7.24 -4.52
C SER B 279 -5.59 -7.39 -3.60
N MET B 280 -6.20 -6.30 -3.15
CA MET B 280 -7.18 -6.33 -2.08
C MET B 280 -8.60 -6.35 -2.63
N VAL B 281 -9.45 -7.15 -1.99
CA VAL B 281 -10.88 -7.17 -2.25
C VAL B 281 -11.54 -6.34 -1.15
N THR B 282 -12.42 -5.42 -1.54
CA THR B 282 -13.07 -4.53 -0.59
C THR B 282 -14.53 -4.39 -0.96
N SER B 283 -15.35 -4.02 0.01
CA SER B 283 -16.79 -3.89 -0.22
C SER B 283 -17.14 -2.62 -0.98
N ASP B 284 -16.34 -1.56 -0.81
CA ASP B 284 -16.62 -0.33 -1.53
C ASP B 284 -16.56 -0.51 -3.04
N ALA B 285 -15.77 -1.48 -3.52
CA ALA B 285 -15.57 -1.70 -4.95
C ALA B 285 -16.51 -2.76 -5.51
N GLN B 286 -17.47 -3.23 -4.72
CA GLN B 286 -18.33 -4.32 -5.17
C GLN B 286 -19.26 -3.85 -6.28
N ILE B 287 -19.46 -4.73 -7.26
CA ILE B 287 -20.41 -4.46 -8.34
C ILE B 287 -21.80 -5.00 -8.00
N PHE B 288 -21.89 -6.20 -7.42
CA PHE B 288 -23.14 -6.91 -7.29
C PHE B 288 -23.91 -6.44 -6.07
N ASN B 289 -25.05 -7.08 -5.82
CA ASN B 289 -25.95 -6.73 -4.72
C ASN B 289 -26.39 -5.27 -4.83
N LYS B 290 -26.60 -4.81 -6.07
CA LYS B 290 -27.05 -3.46 -6.34
C LYS B 290 -27.99 -3.53 -7.52
N PRO B 291 -29.11 -2.82 -7.49
CA PRO B 291 -30.02 -2.84 -8.64
C PRO B 291 -29.47 -2.04 -9.81
N TYR B 292 -29.69 -2.54 -11.02
CA TYR B 292 -29.33 -1.85 -12.25
C TYR B 292 -30.60 -1.58 -13.02
N TRP B 293 -30.74 -0.36 -13.53
CA TRP B 293 -31.91 0.04 -14.29
C TRP B 293 -31.52 0.16 -15.75
N LEU B 294 -32.11 -0.69 -16.58
CA LEU B 294 -31.81 -0.72 -18.02
C LEU B 294 -32.76 0.23 -18.77
N GLN B 295 -32.65 1.50 -18.44
CA GLN B 295 -33.56 2.51 -18.99
C GLN B 295 -33.07 3.10 -20.31
N ARG B 296 -31.85 2.79 -20.73
CA ARG B 296 -31.39 3.18 -22.06
C ARG B 296 -30.19 2.32 -22.41
N ALA B 297 -30.33 1.47 -23.42
CA ALA B 297 -29.25 0.58 -23.82
C ALA B 297 -28.36 1.27 -24.85
N GLN B 298 -27.11 0.85 -24.89
CA GLN B 298 -26.17 1.42 -25.86
C GLN B 298 -26.62 1.14 -27.28
N GLY B 299 -27.02 -0.10 -27.57
CA GLY B 299 -27.36 -0.51 -28.91
C GLY B 299 -28.79 -0.14 -29.28
N HIS B 300 -29.21 -0.61 -30.46
CA HIS B 300 -30.56 -0.32 -30.92
C HIS B 300 -31.59 -1.12 -30.15
N ASN B 301 -31.29 -2.39 -29.85
CA ASN B 301 -32.20 -3.23 -29.07
C ASN B 301 -32.24 -2.71 -27.64
N ASN B 302 -33.34 -2.03 -27.29
CA ASN B 302 -33.43 -1.33 -26.02
C ASN B 302 -34.10 -2.20 -24.96
N GLY B 303 -33.54 -3.39 -24.76
CA GLY B 303 -33.97 -4.25 -23.69
C GLY B 303 -35.03 -5.27 -24.04
N ILE B 304 -35.40 -5.39 -25.31
CA ILE B 304 -36.44 -6.33 -25.72
C ILE B 304 -35.87 -7.74 -25.66
N CYS B 305 -36.59 -8.65 -25.00
CA CYS B 305 -36.17 -10.03 -24.86
C CYS B 305 -36.82 -10.86 -25.97
N TRP B 306 -36.21 -10.81 -27.15
CA TRP B 306 -36.72 -11.56 -28.28
C TRP B 306 -36.66 -13.05 -28.00
N GLY B 307 -37.73 -13.76 -28.37
CA GLY B 307 -37.75 -15.19 -28.19
C GLY B 307 -37.96 -15.64 -26.76
N ASN B 308 -38.24 -14.71 -25.84
CA ASN B 308 -38.46 -15.05 -24.43
C ASN B 308 -37.21 -15.67 -23.82
N GLN B 309 -36.10 -14.94 -23.90
CA GLN B 309 -34.84 -15.40 -23.35
C GLN B 309 -34.05 -14.24 -22.78
N LEU B 310 -33.15 -14.56 -21.87
CA LEU B 310 -32.12 -13.65 -21.41
C LEU B 310 -30.85 -14.46 -21.20
N PHE B 311 -29.72 -13.77 -21.13
CA PHE B 311 -28.44 -14.42 -20.89
C PHE B 311 -27.63 -13.53 -19.96
N VAL B 312 -27.55 -13.92 -18.70
CA VAL B 312 -26.83 -13.17 -17.67
C VAL B 312 -25.52 -13.92 -17.44
N THR B 313 -24.41 -13.33 -17.86
CA THR B 313 -23.08 -13.86 -17.63
C THR B 313 -22.46 -13.12 -16.46
N VAL B 314 -22.00 -13.86 -15.45
CA VAL B 314 -21.47 -13.28 -14.23
C VAL B 314 -20.11 -13.91 -13.94
N VAL B 315 -19.14 -13.08 -13.59
CA VAL B 315 -17.86 -13.52 -13.07
C VAL B 315 -17.61 -12.76 -11.78
N ASP B 316 -17.21 -13.47 -10.73
CA ASP B 316 -16.99 -12.85 -9.42
C ASP B 316 -15.88 -13.61 -8.72
N THR B 317 -14.65 -13.10 -8.82
CA THR B 317 -13.50 -13.72 -8.19
C THR B 317 -13.24 -13.14 -6.81
N THR B 318 -14.12 -12.29 -6.29
CA THR B 318 -13.98 -11.74 -4.95
C THR B 318 -14.66 -12.60 -3.90
N ARG B 319 -15.22 -13.74 -4.28
CA ARG B 319 -15.81 -14.70 -3.35
C ARG B 319 -15.36 -16.11 -3.71
N SER B 320 -14.06 -16.27 -3.91
CA SER B 320 -13.48 -17.54 -4.37
C SER B 320 -12.79 -18.29 -3.25
N THR B 321 -13.35 -18.26 -2.04
CA THR B 321 -12.70 -18.89 -0.89
C THR B 321 -12.90 -20.39 -0.93
N ASN B 322 -11.83 -21.13 -1.20
CA ASN B 322 -11.85 -22.58 -1.07
C ASN B 322 -11.72 -22.95 0.39
N MET B 323 -12.51 -23.94 0.82
CA MET B 323 -12.56 -24.35 2.21
C MET B 323 -11.97 -25.74 2.35
N SER B 324 -11.09 -25.92 3.34
CA SER B 324 -10.39 -27.16 3.56
C SER B 324 -11.21 -28.07 4.47
N LEU B 325 -11.54 -29.26 3.99
CA LEU B 325 -12.20 -30.27 4.79
C LEU B 325 -11.19 -31.36 5.15
N CYS B 326 -11.48 -32.10 6.21
CA CYS B 326 -10.56 -33.12 6.68
C CYS B 326 -11.33 -34.19 7.41
N ALA B 327 -11.14 -35.45 7.00
CA ALA B 327 -11.81 -36.60 7.60
C ALA B 327 -10.77 -37.49 8.24
N ALA B 328 -11.09 -38.03 9.42
CA ALA B 328 -10.17 -38.90 10.15
C ALA B 328 -10.49 -40.35 9.85
N ILE B 329 -9.48 -41.10 9.43
CA ILE B 329 -9.66 -42.52 9.13
C ILE B 329 -9.95 -43.30 10.42
N SER B 330 -9.17 -43.05 11.46
CA SER B 330 -9.34 -43.69 12.75
C SER B 330 -9.48 -42.63 13.83
N THR B 331 -10.48 -42.78 14.69
CA THR B 331 -10.75 -41.82 15.75
C THR B 331 -10.10 -42.20 17.07
N SER B 332 -9.41 -43.33 17.14
CA SER B 332 -8.79 -43.80 18.38
C SER B 332 -7.36 -43.32 18.56
N GLU B 333 -6.81 -42.57 17.61
CA GLU B 333 -5.44 -42.09 17.72
C GLU B 333 -5.36 -40.97 18.74
N THR B 334 -4.49 -41.12 19.72
CA THR B 334 -4.26 -40.07 20.70
C THR B 334 -3.17 -39.10 20.28
N THR B 335 -2.33 -39.47 19.32
CA THR B 335 -1.29 -38.59 18.80
C THR B 335 -1.55 -38.32 17.32
N TYR B 336 -1.27 -37.11 16.89
CA TYR B 336 -1.50 -36.73 15.51
C TYR B 336 -0.54 -37.48 14.59
N LYS B 337 -1.08 -38.04 13.51
CA LYS B 337 -0.28 -38.69 12.49
C LYS B 337 -0.82 -38.28 11.12
N ASN B 338 0.09 -37.95 10.20
CA ASN B 338 -0.34 -37.44 8.90
C ASN B 338 -1.13 -38.49 8.13
N THR B 339 -0.73 -39.75 8.22
CA THR B 339 -1.42 -40.80 7.47
C THR B 339 -2.83 -41.04 7.98
N ASN B 340 -3.19 -40.49 9.13
CA ASN B 340 -4.48 -40.72 9.75
C ASN B 340 -5.55 -39.73 9.32
N PHE B 341 -5.21 -38.72 8.52
CA PHE B 341 -6.14 -37.68 8.12
C PHE B 341 -6.06 -37.46 6.63
N LYS B 342 -7.21 -37.34 5.98
CA LYS B 342 -7.29 -37.13 4.54
C LYS B 342 -7.85 -35.74 4.28
N GLU B 343 -7.21 -35.02 3.37
CA GLU B 343 -7.54 -33.63 3.09
C GLU B 343 -8.40 -33.52 1.83
N TYR B 344 -9.26 -32.50 1.81
CA TYR B 344 -10.13 -32.24 0.66
C TYR B 344 -10.29 -30.74 0.49
N LEU B 345 -10.69 -30.34 -0.71
CA LEU B 345 -11.05 -28.97 -1.01
C LEU B 345 -12.47 -28.94 -1.56
N ARG B 346 -13.19 -27.86 -1.26
CA ARG B 346 -14.51 -27.66 -1.81
C ARG B 346 -14.75 -26.16 -1.97
N HIS B 347 -15.76 -25.84 -2.77
CA HIS B 347 -16.12 -24.45 -3.01
C HIS B 347 -17.64 -24.32 -3.08
N GLY B 348 -18.14 -23.20 -2.60
CA GLY B 348 -19.57 -22.95 -2.60
C GLY B 348 -19.93 -21.62 -3.24
N GLU B 349 -20.75 -21.67 -4.27
CA GLU B 349 -21.23 -20.49 -4.98
C GLU B 349 -22.72 -20.35 -4.77
N GLU B 350 -23.16 -19.16 -4.37
CA GLU B 350 -24.57 -18.88 -4.10
C GLU B 350 -25.01 -17.68 -4.91
N TYR B 351 -26.13 -17.80 -5.61
CA TYR B 351 -26.64 -16.76 -6.47
C TYR B 351 -28.12 -16.55 -6.18
N ASP B 352 -28.62 -15.37 -6.54
CA ASP B 352 -30.04 -15.08 -6.37
C ASP B 352 -30.39 -13.94 -7.32
N LEU B 353 -30.99 -14.27 -8.46
CA LEU B 353 -31.29 -13.29 -9.50
C LEU B 353 -32.69 -12.73 -9.33
N GLN B 354 -32.85 -11.45 -9.62
CA GLN B 354 -34.12 -10.76 -9.52
C GLN B 354 -34.29 -9.87 -10.75
N PHE B 355 -35.50 -9.85 -11.30
CA PHE B 355 -35.78 -9.12 -12.53
C PHE B 355 -37.07 -8.33 -12.39
N ILE B 356 -37.19 -7.28 -13.21
CA ILE B 356 -38.42 -6.55 -13.40
C ILE B 356 -38.71 -6.52 -14.90
N PHE B 357 -39.89 -7.01 -15.28
CA PHE B 357 -40.26 -7.16 -16.68
C PHE B 357 -41.44 -6.27 -17.01
N GLN B 358 -41.27 -5.40 -17.99
CA GLN B 358 -42.34 -4.57 -18.52
C GLN B 358 -42.86 -5.19 -19.82
N LEU B 359 -44.17 -5.28 -19.95
CA LEU B 359 -44.79 -5.84 -21.14
C LEU B 359 -44.84 -4.81 -22.25
N CYS B 360 -44.70 -5.28 -23.48
CA CYS B 360 -44.75 -4.43 -24.67
C CYS B 360 -45.57 -5.13 -25.75
N LYS B 361 -46.08 -4.34 -26.68
CA LYS B 361 -46.91 -4.87 -27.76
C LYS B 361 -46.42 -4.32 -29.09
N ILE B 362 -46.55 -5.13 -30.14
CA ILE B 362 -46.04 -4.82 -31.46
C ILE B 362 -47.16 -5.02 -32.47
N THR B 363 -47.44 -4.00 -33.27
CA THR B 363 -48.42 -4.12 -34.33
C THR B 363 -47.85 -4.91 -35.50
N LEU B 364 -48.63 -5.85 -36.01
CA LEU B 364 -48.18 -6.75 -37.08
C LEU B 364 -48.60 -6.19 -38.43
N THR B 365 -47.93 -5.12 -38.82
CA THR B 365 -48.13 -4.54 -40.14
C THR B 365 -47.17 -5.17 -41.15
N ALA B 366 -47.27 -4.73 -42.40
CA ALA B 366 -46.42 -5.29 -43.45
C ALA B 366 -44.96 -4.87 -43.26
N ASP B 367 -44.72 -3.57 -43.02
CA ASP B 367 -43.36 -3.12 -42.80
C ASP B 367 -42.75 -3.75 -41.55
N VAL B 368 -43.53 -3.85 -40.47
CA VAL B 368 -43.03 -4.49 -39.26
C VAL B 368 -42.72 -5.96 -39.53
N MET B 369 -43.60 -6.64 -40.25
CA MET B 369 -43.36 -8.05 -40.57
C MET B 369 -42.07 -8.21 -41.34
N THR B 370 -41.88 -7.43 -42.41
CA THR B 370 -40.69 -7.61 -43.23
C THR B 370 -39.43 -7.24 -42.47
N TYR B 371 -39.47 -6.17 -41.67
CA TYR B 371 -38.28 -5.79 -40.90
C TYR B 371 -37.93 -6.86 -39.88
N ILE B 372 -38.93 -7.37 -39.14
CA ILE B 372 -38.65 -8.40 -38.15
C ILE B 372 -38.16 -9.67 -38.83
N HIS B 373 -38.64 -9.96 -40.04
CA HIS B 373 -38.12 -11.11 -40.76
C HIS B 373 -36.65 -10.91 -41.13
N SER B 374 -36.31 -9.77 -41.71
CA SER B 374 -34.92 -9.52 -42.09
C SER B 374 -34.02 -9.50 -40.87
N MET B 375 -34.55 -9.11 -39.71
CA MET B 375 -33.74 -9.09 -38.49
C MET B 375 -33.56 -10.48 -37.91
N ASN B 376 -34.66 -11.21 -37.71
CA ASN B 376 -34.59 -12.55 -37.14
C ASN B 376 -35.91 -13.24 -37.47
N SER B 377 -35.84 -14.33 -38.26
CA SER B 377 -37.06 -14.96 -38.74
C SER B 377 -37.75 -15.80 -37.66
N THR B 378 -36.97 -16.37 -36.72
CA THR B 378 -37.59 -17.22 -35.70
C THR B 378 -38.60 -16.44 -34.88
N ILE B 379 -38.44 -15.12 -34.77
CA ILE B 379 -39.40 -14.33 -34.02
C ILE B 379 -40.78 -14.46 -34.64
N LEU B 380 -40.86 -14.35 -35.98
CA LEU B 380 -42.14 -14.53 -36.65
C LEU B 380 -42.57 -15.99 -36.67
N GLU B 381 -41.61 -16.92 -36.75
CA GLU B 381 -41.99 -18.33 -36.76
C GLU B 381 -42.69 -18.73 -35.45
N ASP B 382 -42.17 -18.25 -34.32
CA ASP B 382 -42.78 -18.60 -33.04
C ASP B 382 -44.22 -18.08 -32.94
N TRP B 383 -44.52 -16.97 -33.60
CA TRP B 383 -45.87 -16.42 -33.59
C TRP B 383 -46.71 -17.01 -34.72
N GLU B 390 -34.66 -27.57 -35.21
CA GLU B 390 -33.65 -27.71 -34.16
C GLU B 390 -33.44 -26.37 -33.45
N ASP B 391 -33.17 -26.45 -32.16
CA ASP B 391 -32.79 -25.27 -31.39
C ASP B 391 -31.33 -24.94 -31.68
N PRO B 392 -31.03 -23.75 -32.21
CA PRO B 392 -29.62 -23.45 -32.51
C PRO B 392 -28.71 -23.41 -31.30
N LEU B 393 -29.27 -23.27 -30.09
CA LEU B 393 -28.48 -23.16 -28.88
C LEU B 393 -28.42 -24.49 -28.11
N LYS B 394 -28.71 -25.61 -28.77
CA LYS B 394 -28.61 -26.90 -28.10
C LYS B 394 -27.17 -27.35 -27.93
N LYS B 395 -26.26 -26.93 -28.81
CA LYS B 395 -24.87 -27.37 -28.70
C LYS B 395 -24.25 -26.99 -27.36
N TYR B 396 -24.62 -25.83 -26.83
CA TYR B 396 -23.91 -25.23 -25.72
C TYR B 396 -24.51 -25.64 -24.38
N THR B 397 -23.74 -25.41 -23.32
CA THR B 397 -24.13 -25.72 -21.96
C THR B 397 -24.33 -24.42 -21.18
N PHE B 398 -25.53 -24.25 -20.64
CA PHE B 398 -25.87 -23.07 -19.87
C PHE B 398 -26.55 -23.50 -18.58
N TRP B 399 -26.50 -22.64 -17.57
CA TRP B 399 -27.21 -22.86 -16.32
C TRP B 399 -28.67 -22.49 -16.56
N GLU B 400 -29.49 -23.48 -16.84
CA GLU B 400 -30.86 -23.24 -17.26
C GLU B 400 -31.69 -22.78 -16.06
N VAL B 401 -32.27 -21.59 -16.15
CA VAL B 401 -33.13 -21.04 -15.12
C VAL B 401 -34.53 -20.92 -15.70
N ASN B 402 -35.52 -21.45 -14.99
CA ASN B 402 -36.90 -21.45 -15.43
C ASN B 402 -37.69 -20.47 -14.58
N LEU B 403 -38.26 -19.45 -15.22
CA LEU B 403 -39.03 -18.42 -14.53
C LEU B 403 -40.47 -18.34 -15.03
N LYS B 404 -40.95 -19.39 -15.69
CA LYS B 404 -42.33 -19.37 -16.17
C LYS B 404 -43.31 -19.31 -15.01
N GLU B 405 -43.05 -20.04 -13.93
CA GLU B 405 -43.95 -20.13 -12.80
C GLU B 405 -43.61 -19.16 -11.68
N LYS B 406 -42.61 -18.31 -11.86
CA LYS B 406 -42.14 -17.41 -10.81
C LYS B 406 -42.58 -15.96 -11.03
N PHE B 407 -43.49 -15.72 -11.97
CA PHE B 407 -43.92 -14.36 -12.26
C PHE B 407 -45.04 -13.94 -11.31
N SER B 408 -44.99 -12.68 -10.88
CA SER B 408 -46.02 -12.12 -10.01
C SER B 408 -46.20 -10.66 -10.34
N ALA B 409 -47.36 -10.11 -9.97
CA ALA B 409 -47.71 -8.75 -10.32
C ALA B 409 -47.53 -7.76 -9.17
N ASP B 410 -47.46 -8.24 -7.93
CA ASP B 410 -47.33 -7.35 -6.77
C ASP B 410 -45.86 -7.02 -6.59
N LEU B 411 -45.43 -5.89 -7.17
CA LEU B 411 -44.05 -5.48 -7.03
C LEU B 411 -43.70 -5.06 -5.60
N ASP B 412 -44.70 -4.69 -4.80
CA ASP B 412 -44.39 -4.31 -3.42
C ASP B 412 -43.85 -5.48 -2.62
N GLN B 413 -44.29 -6.69 -2.93
CA GLN B 413 -43.97 -7.83 -2.08
C GLN B 413 -42.52 -8.27 -2.19
N PHE B 414 -41.78 -7.77 -3.18
CA PHE B 414 -40.40 -8.16 -3.38
C PHE B 414 -39.47 -6.97 -3.24
N PRO B 415 -38.25 -7.17 -2.74
CA PRO B 415 -37.38 -6.01 -2.48
C PRO B 415 -37.00 -5.24 -3.74
N LEU B 416 -36.66 -5.94 -4.82
CA LEU B 416 -36.35 -5.24 -6.06
C LEU B 416 -37.57 -4.49 -6.57
N GLY B 417 -38.76 -5.07 -6.41
CA GLY B 417 -39.97 -4.37 -6.81
C GLY B 417 -40.18 -3.11 -6.01
N ARG B 418 -39.94 -3.16 -4.71
CA ARG B 418 -40.07 -1.96 -3.89
C ARG B 418 -39.06 -0.90 -4.33
N LYS B 419 -37.82 -1.30 -4.60
CA LYS B 419 -36.82 -0.33 -5.05
C LYS B 419 -37.23 0.27 -6.39
N PHE B 420 -37.74 -0.54 -7.30
CA PHE B 420 -38.16 -0.02 -8.60
C PHE B 420 -39.33 0.95 -8.47
N LEU B 421 -40.31 0.62 -7.63
CA LEU B 421 -41.43 1.53 -7.43
C LEU B 421 -40.97 2.85 -6.83
N LEU B 422 -40.07 2.78 -5.84
CA LEU B 422 -39.58 4.00 -5.20
C LEU B 422 -38.82 4.89 -6.18
N GLN B 423 -37.97 4.31 -7.02
CA GLN B 423 -37.09 5.06 -7.89
C GLN B 423 -37.59 5.14 -9.33
N LEU B 424 -37.82 4.00 -9.96
CA LEU B 424 -38.30 3.94 -11.35
C LEU B 424 -37.14 4.16 -12.32
N ALA C 1 -51.07 -9.51 -0.82
CA ALA C 1 -50.66 -8.13 -0.45
C ALA C 1 -50.34 -8.05 1.03
N VAL C 2 -49.31 -7.26 1.36
CA VAL C 2 -48.92 -6.97 2.74
C VAL C 2 -48.66 -5.48 2.83
N VAL C 3 -49.33 -4.83 3.76
CA VAL C 3 -49.30 -3.37 3.83
C VAL C 3 -48.09 -2.91 4.64
N SER C 4 -47.56 -1.76 4.27
CA SER C 4 -46.50 -1.13 5.04
C SER C 4 -47.03 -0.68 6.40
N THR C 5 -46.13 -0.58 7.37
CA THR C 5 -46.55 -0.20 8.71
C THR C 5 -47.17 1.19 8.71
N ASP C 6 -46.57 2.12 7.99
CA ASP C 6 -47.08 3.50 7.97
C ASP C 6 -48.46 3.61 7.35
N GLU C 7 -49.05 2.50 6.91
CA GLU C 7 -50.41 2.51 6.39
C GLU C 7 -51.45 2.29 7.46
N TYR C 8 -51.09 1.65 8.58
CA TYR C 8 -52.03 1.42 9.67
C TYR C 8 -51.45 1.78 11.03
N VAL C 9 -50.27 2.38 11.09
CA VAL C 9 -49.67 2.82 12.34
C VAL C 9 -49.47 4.33 12.25
N ALA C 10 -50.06 5.06 13.19
CA ALA C 10 -50.02 6.51 13.21
C ALA C 10 -48.93 6.99 14.15
N ARG C 11 -48.15 7.97 13.71
CA ARG C 11 -47.05 8.50 14.48
C ARG C 11 -47.45 9.80 15.16
N THR C 12 -46.73 10.16 16.21
CA THR C 12 -47.03 11.32 17.03
C THR C 12 -45.76 12.17 17.18
N ASN C 13 -45.88 13.25 17.95
CA ASN C 13 -44.78 14.15 18.22
C ASN C 13 -44.00 13.77 19.48
N ILE C 14 -44.33 12.65 20.09
CA ILE C 14 -43.68 12.22 21.32
C ILE C 14 -42.37 11.52 20.99
N TYR C 15 -41.27 12.00 21.56
CA TYR C 15 -39.95 11.42 21.35
C TYR C 15 -39.31 11.15 22.70
N TYR C 16 -38.38 10.20 22.71
CA TYR C 16 -37.69 9.81 23.94
C TYR C 16 -36.27 9.41 23.61
N HIS C 17 -35.41 9.47 24.62
CA HIS C 17 -34.00 9.13 24.49
C HIS C 17 -33.64 8.08 25.51
N ALA C 18 -32.95 7.02 25.07
CA ALA C 18 -32.54 5.94 25.94
C ALA C 18 -31.06 5.65 25.72
N GLY C 19 -30.35 5.35 26.80
CA GLY C 19 -28.91 5.13 26.72
C GLY C 19 -28.50 3.91 27.50
N THR C 20 -27.31 3.41 27.16
CA THR C 20 -26.70 2.23 27.75
C THR C 20 -25.26 2.51 28.11
N SER C 21 -25.03 3.62 28.81
CA SER C 21 -23.70 4.16 29.00
C SER C 21 -22.70 3.10 29.47
N ARG C 22 -21.61 2.96 28.72
CA ARG C 22 -20.41 2.24 29.15
C ARG C 22 -20.73 0.79 29.52
N LEU C 23 -21.10 0.03 28.49
CA LEU C 23 -21.05 -1.42 28.58
C LEU C 23 -19.60 -1.87 28.40
N LEU C 24 -19.17 -2.83 29.22
CA LEU C 24 -17.78 -3.23 29.25
C LEU C 24 -17.66 -4.74 29.36
N ALA C 25 -16.69 -5.31 28.65
CA ALA C 25 -16.40 -6.74 28.70
C ALA C 25 -14.90 -6.96 28.66
N VAL C 26 -14.41 -7.86 29.49
CA VAL C 26 -12.98 -8.19 29.54
C VAL C 26 -12.83 -9.69 29.66
N GLY C 27 -11.94 -10.26 28.85
CA GLY C 27 -11.74 -11.69 28.88
C GLY C 27 -10.53 -12.09 28.05
N HIS C 28 -10.41 -13.39 27.82
CA HIS C 28 -9.30 -13.94 27.05
C HIS C 28 -9.67 -13.99 25.57
N PRO C 29 -8.78 -13.57 24.67
CA PRO C 29 -9.19 -13.46 23.26
C PRO C 29 -9.31 -14.79 22.52
N TYR C 30 -8.82 -15.90 23.06
CA TYR C 30 -8.79 -17.17 22.35
C TYR C 30 -9.74 -18.23 22.91
N PHE C 31 -9.81 -18.38 24.23
CA PHE C 31 -10.64 -19.43 24.81
C PHE C 31 -10.98 -19.04 26.23
N PRO C 32 -12.06 -19.59 26.79
CA PRO C 32 -12.41 -19.29 28.18
C PRO C 32 -11.55 -20.08 29.14
N ILE C 33 -11.16 -19.44 30.23
CA ILE C 33 -10.35 -20.07 31.27
C ILE C 33 -11.25 -20.67 32.32
N LYS C 34 -10.79 -21.75 32.94
CA LYS C 34 -11.56 -22.42 33.98
C LYS C 34 -10.64 -23.37 34.72
N LYS C 35 -10.77 -23.38 36.04
CA LYS C 35 -9.97 -24.31 36.84
C LYS C 35 -10.36 -25.75 36.49
N PRO C 36 -9.40 -26.67 36.40
CA PRO C 36 -9.73 -28.03 35.94
C PRO C 36 -10.77 -28.73 36.79
N ASN C 37 -10.81 -28.44 38.10
CA ASN C 37 -11.73 -29.13 38.99
C ASN C 37 -13.18 -28.69 38.82
N ASN C 38 -13.48 -27.83 37.85
CA ASN C 38 -14.84 -27.38 37.63
C ASN C 38 -14.98 -26.92 36.19
N ASN C 39 -16.21 -26.90 35.70
CA ASN C 39 -16.51 -26.36 34.37
C ASN C 39 -16.85 -24.88 34.40
N LYS C 40 -16.99 -24.27 35.57
CA LYS C 40 -17.34 -22.86 35.63
C LYS C 40 -16.17 -22.00 35.12
N ILE C 41 -16.51 -20.98 34.34
CA ILE C 41 -15.50 -20.17 33.67
C ILE C 41 -15.08 -19.02 34.58
N LEU C 42 -13.77 -18.89 34.79
CA LEU C 42 -13.22 -17.78 35.56
C LEU C 42 -13.03 -16.53 34.71
N VAL C 43 -12.80 -16.68 33.41
CA VAL C 43 -12.58 -15.56 32.52
C VAL C 43 -13.29 -15.85 31.21
N PRO C 44 -14.33 -15.10 30.84
CA PRO C 44 -15.03 -15.40 29.59
C PRO C 44 -14.13 -15.13 28.38
N LYS C 45 -14.53 -15.70 27.25
CA LYS C 45 -13.84 -15.42 26.00
C LYS C 45 -14.41 -14.15 25.39
N VAL C 46 -13.57 -13.14 25.21
CA VAL C 46 -13.97 -11.86 24.66
C VAL C 46 -12.97 -11.50 23.58
N SER C 47 -13.30 -11.82 22.34
CA SER C 47 -12.45 -11.54 21.19
C SER C 47 -13.03 -10.39 20.38
N GLY C 48 -12.18 -9.80 19.55
CA GLY C 48 -12.63 -8.74 18.68
C GLY C 48 -13.36 -9.20 17.45
N LEU C 49 -13.42 -10.52 17.22
CA LEU C 49 -14.09 -11.09 16.07
C LEU C 49 -15.38 -11.81 16.44
N GLN C 50 -16.04 -11.41 17.50
CA GLN C 50 -17.28 -12.03 17.92
C GLN C 50 -18.46 -11.14 17.59
N TYR C 51 -19.61 -11.78 17.37
CA TYR C 51 -20.86 -11.05 17.22
C TYR C 51 -21.31 -10.56 18.59
N ARG C 52 -21.74 -9.30 18.64
CA ARG C 52 -22.37 -8.73 19.83
C ARG C 52 -23.83 -8.50 19.51
N VAL C 53 -24.69 -9.35 20.04
CA VAL C 53 -26.13 -9.29 19.75
C VAL C 53 -26.81 -8.81 21.04
N PHE C 54 -27.01 -7.50 21.16
CA PHE C 54 -27.71 -6.95 22.29
C PHE C 54 -29.22 -7.14 22.11
N ARG C 55 -29.88 -7.61 23.16
CA ARG C 55 -31.33 -7.72 23.17
C ARG C 55 -31.89 -6.63 24.08
N ILE C 56 -32.48 -5.60 23.47
CA ILE C 56 -32.87 -4.39 24.17
C ILE C 56 -34.34 -4.50 24.54
N HIS C 57 -34.64 -4.25 25.82
CA HIS C 57 -36.00 -4.29 26.33
C HIS C 57 -36.48 -2.86 26.58
N LEU C 58 -37.63 -2.52 26.05
CA LEU C 58 -38.19 -1.19 26.17
C LEU C 58 -39.31 -1.18 27.20
N PRO C 59 -39.58 -0.03 27.82
CA PRO C 59 -40.72 0.05 28.73
C PRO C 59 -42.02 0.13 27.95
N ASP C 60 -42.85 -0.89 28.08
CA ASP C 60 -44.05 -0.99 27.26
C ASP C 60 -44.91 0.25 27.45
N PRO C 61 -45.27 0.97 26.38
CA PRO C 61 -45.98 2.24 26.56
C PRO C 61 -47.37 2.07 27.15
N ASN C 62 -48.01 0.92 26.94
CA ASN C 62 -49.37 0.74 27.42
C ASN C 62 -49.48 0.87 28.94
N LYS C 63 -48.40 0.60 29.66
CA LYS C 63 -48.35 0.75 31.12
C LYS C 63 -47.22 1.66 31.51
N PHE C 64 -47.09 2.79 30.82
CA PHE C 64 -46.03 3.76 31.04
C PHE C 64 -46.68 5.10 31.37
N GLY C 65 -46.25 5.71 32.47
CA GLY C 65 -46.83 6.96 32.93
C GLY C 65 -46.34 8.13 32.09
N PHE C 66 -47.30 8.92 31.60
CA PHE C 66 -47.03 10.11 30.82
C PHE C 66 -47.62 11.33 31.51
N PRO C 67 -47.07 12.52 31.25
CA PRO C 67 -47.72 13.74 31.76
C PRO C 67 -49.10 13.99 31.15
N ASP C 68 -49.38 13.41 29.98
CA ASP C 68 -50.66 13.61 29.31
C ASP C 68 -50.95 12.39 28.46
N THR C 69 -52.24 12.06 28.34
CA THR C 69 -52.69 10.91 27.56
C THR C 69 -53.82 11.27 26.61
N SER C 70 -53.90 12.53 26.18
CA SER C 70 -54.95 12.95 25.26
C SER C 70 -54.66 12.54 23.83
N PHE C 71 -53.47 12.01 23.54
CA PHE C 71 -53.10 11.65 22.18
C PHE C 71 -53.60 10.28 21.76
N TYR C 72 -54.24 9.53 22.66
CA TYR C 72 -54.79 8.23 22.30
C TYR C 72 -55.93 7.89 23.23
N ASN C 73 -56.84 7.05 22.74
CA ASN C 73 -58.00 6.64 23.51
C ASN C 73 -57.78 5.22 23.99
N PRO C 74 -57.53 5.00 25.29
CA PRO C 74 -56.95 3.70 25.71
C PRO C 74 -57.73 2.47 25.29
N ASP C 75 -59.06 2.49 25.37
CA ASP C 75 -59.80 1.24 25.20
C ASP C 75 -59.91 0.84 23.74
N THR C 76 -59.67 1.77 22.80
CA THR C 76 -59.76 1.46 21.38
C THR C 76 -58.43 1.65 20.66
N GLN C 77 -57.32 1.80 21.39
CA GLN C 77 -56.03 1.99 20.76
C GLN C 77 -54.94 1.41 21.66
N ARG C 78 -53.80 1.11 21.05
CA ARG C 78 -52.63 0.60 21.75
C ARG C 78 -51.40 1.37 21.27
N LEU C 79 -50.42 1.50 22.15
CA LEU C 79 -49.21 2.26 21.86
C LEU C 79 -48.06 1.34 21.51
N VAL C 80 -47.09 1.88 20.78
CA VAL C 80 -45.92 1.14 20.33
C VAL C 80 -44.77 2.13 20.22
N TRP C 81 -43.54 1.62 20.18
CA TRP C 81 -42.36 2.43 19.96
C TRP C 81 -41.85 2.21 18.55
N ALA C 82 -41.22 3.24 17.98
CA ALA C 82 -40.65 3.18 16.65
C ALA C 82 -39.27 3.82 16.68
N CYS C 83 -38.25 3.06 16.32
CA CYS C 83 -36.87 3.53 16.36
C CYS C 83 -36.63 4.47 15.17
N VAL C 84 -36.35 5.73 15.46
CA VAL C 84 -36.05 6.72 14.42
C VAL C 84 -34.59 7.11 14.41
N GLY C 85 -33.81 6.72 15.40
CA GLY C 85 -32.40 7.07 15.43
C GLY C 85 -31.65 6.08 16.28
N VAL C 86 -30.34 5.98 16.05
CA VAL C 86 -29.51 5.02 16.76
C VAL C 86 -28.06 5.45 16.60
N GLU C 87 -27.23 5.07 17.55
CA GLU C 87 -25.80 5.31 17.47
C GLU C 87 -25.09 4.23 18.28
N VAL C 88 -23.99 3.73 17.74
CA VAL C 88 -23.20 2.68 18.38
C VAL C 88 -21.83 3.27 18.66
N GLY C 89 -21.65 3.82 19.85
CA GLY C 89 -20.35 4.31 20.24
C GLY C 89 -19.37 3.20 20.50
N ARG C 90 -18.08 3.49 20.30
CA ARG C 90 -17.01 2.52 20.42
C ARG C 90 -15.82 3.25 21.03
N GLY C 91 -15.68 3.15 22.34
CA GLY C 91 -14.67 3.90 23.05
C GLY C 91 -13.37 3.18 23.32
N GLN C 92 -12.66 2.78 22.28
CA GLN C 92 -11.34 2.17 22.44
C GLN C 92 -10.45 2.60 21.29
N PRO C 93 -9.13 2.59 21.49
CA PRO C 93 -8.22 2.99 20.41
C PRO C 93 -8.22 1.99 19.27
N LEU C 94 -8.07 2.51 18.05
CA LEU C 94 -7.98 1.64 16.89
C LEU C 94 -6.76 0.74 16.98
N GLY C 95 -6.89 -0.48 16.51
CA GLY C 95 -5.79 -1.42 16.57
C GLY C 95 -6.16 -2.72 15.89
N VAL C 96 -5.15 -3.57 15.72
CA VAL C 96 -5.29 -4.84 15.02
C VAL C 96 -4.78 -5.95 15.93
N GLY C 97 -5.48 -7.09 15.94
CA GLY C 97 -5.13 -8.21 16.76
C GLY C 97 -4.58 -9.37 15.95
N ILE C 98 -3.91 -10.27 16.66
CA ILE C 98 -3.21 -11.40 16.05
C ILE C 98 -3.77 -12.69 16.62
N SER C 99 -3.84 -13.72 15.78
CA SER C 99 -4.32 -15.03 16.19
C SER C 99 -3.39 -16.09 15.61
N GLY C 100 -3.44 -17.28 16.18
CA GLY C 100 -2.57 -18.33 15.68
C GLY C 100 -2.83 -19.64 16.39
N HIS C 101 -2.15 -20.67 15.89
CA HIS C 101 -2.25 -22.02 16.41
C HIS C 101 -0.83 -22.53 16.67
N PRO C 102 -0.53 -23.04 17.86
CA PRO C 102 0.82 -23.58 18.10
C PRO C 102 1.17 -24.76 17.22
N LEU C 103 0.19 -25.46 16.66
CA LEU C 103 0.42 -26.65 15.86
C LEU C 103 -0.41 -26.60 14.59
N LEU C 104 -0.35 -25.46 13.90
CA LEU C 104 -1.09 -25.33 12.65
C LEU C 104 -0.57 -26.33 11.64
N ASN C 105 -1.47 -26.85 10.80
CA ASN C 105 -1.12 -27.87 9.82
C ASN C 105 -0.61 -27.17 8.56
N LYS C 106 0.69 -26.87 8.56
CA LYS C 106 1.33 -26.22 7.43
C LYS C 106 2.56 -27.03 7.07
N LEU C 107 2.71 -27.36 5.78
CA LEU C 107 3.79 -28.21 5.32
C LEU C 107 4.92 -27.41 4.69
N ASP C 108 4.61 -26.59 3.69
CA ASP C 108 5.61 -25.86 2.94
C ASP C 108 5.07 -24.49 2.57
N ASP C 109 5.99 -23.58 2.28
CA ASP C 109 5.64 -22.29 1.69
C ASP C 109 5.77 -22.43 0.18
N THR C 110 4.63 -22.49 -0.51
CA THR C 110 4.59 -22.73 -1.94
C THR C 110 4.51 -21.45 -2.75
N GLU C 111 5.12 -20.38 -2.25
CA GLU C 111 5.08 -19.09 -2.94
C GLU C 111 6.30 -18.92 -3.85
N ASN C 112 7.49 -19.18 -3.32
CA ASN C 112 8.74 -19.01 -4.04
C ASN C 112 9.67 -20.20 -3.80
N ALA C 113 9.13 -21.40 -3.92
CA ALA C 113 9.92 -22.60 -3.67
C ALA C 113 11.13 -22.65 -4.60
N SER C 114 12.28 -23.03 -4.03
CA SER C 114 13.53 -23.08 -4.78
C SER C 114 14.01 -24.50 -5.08
N ALA C 115 13.50 -25.51 -4.38
CA ALA C 115 13.83 -26.90 -4.66
C ALA C 115 12.67 -27.76 -4.21
N TYR C 116 12.51 -28.91 -4.86
CA TYR C 116 11.38 -29.78 -4.56
C TYR C 116 11.47 -30.28 -3.13
N ALA C 117 10.36 -30.16 -2.40
CA ALA C 117 10.36 -30.48 -0.97
C ALA C 117 10.48 -31.98 -0.74
N ALA C 118 10.92 -32.33 0.46
CA ALA C 118 11.03 -33.71 0.87
C ALA C 118 9.68 -34.25 1.34
N ASN C 119 9.58 -35.57 1.43
CA ASN C 119 8.32 -36.20 1.83
C ASN C 119 7.96 -35.83 3.27
N ALA C 120 6.67 -35.67 3.52
CA ALA C 120 6.19 -35.36 4.85
C ALA C 120 6.49 -36.52 5.80
N GLY C 121 6.80 -36.18 7.05
CA GLY C 121 7.05 -37.17 8.08
C GLY C 121 5.78 -37.56 8.81
N VAL C 122 5.95 -37.99 10.05
CA VAL C 122 4.79 -38.33 10.88
C VAL C 122 4.04 -37.05 11.27
N ASP C 123 4.77 -36.03 11.68
CA ASP C 123 4.17 -34.76 12.11
C ASP C 123 4.99 -33.61 11.56
N ASN C 124 4.31 -32.62 10.97
CA ASN C 124 4.99 -31.47 10.39
C ASN C 124 4.34 -30.15 10.82
N ARG C 125 3.58 -30.15 11.90
CA ARG C 125 2.84 -28.97 12.29
C ARG C 125 3.75 -27.90 12.86
N GLU C 126 3.45 -26.64 12.55
CA GLU C 126 4.28 -25.51 12.92
C GLU C 126 3.45 -24.43 13.58
N CYS C 127 4.10 -23.63 14.43
CA CYS C 127 3.44 -22.52 15.11
C CYS C 127 3.37 -21.33 14.17
N ILE C 128 2.16 -20.92 13.80
CA ILE C 128 1.95 -19.86 12.82
C ILE C 128 0.83 -18.96 13.31
N SER C 129 0.95 -17.67 13.02
CA SER C 129 -0.04 -16.67 13.37
C SER C 129 -0.32 -15.77 12.19
N MET C 130 -1.47 -15.12 12.21
CA MET C 130 -1.91 -14.27 11.11
C MET C 130 -3.02 -13.37 11.60
N ASP C 131 -3.04 -12.14 11.09
CA ASP C 131 -4.18 -11.26 11.34
C ASP C 131 -5.30 -11.60 10.36
N TYR C 132 -6.52 -11.22 10.74
CA TYR C 132 -7.72 -11.70 10.08
C TYR C 132 -8.28 -10.64 9.12
N LYS C 133 -9.20 -11.10 8.28
CA LYS C 133 -9.92 -10.20 7.40
C LYS C 133 -10.66 -9.14 8.22
N GLN C 134 -10.54 -7.89 7.80
CA GLN C 134 -11.19 -6.79 8.49
C GLN C 134 -12.67 -6.75 8.17
N THR C 135 -13.49 -6.44 9.17
CA THR C 135 -14.93 -6.46 9.01
C THR C 135 -15.58 -5.45 9.95
N GLN C 136 -16.68 -4.86 9.49
CA GLN C 136 -17.55 -4.05 10.33
C GLN C 136 -18.98 -4.25 9.85
N LEU C 137 -19.92 -4.28 10.79
CA LEU C 137 -21.32 -4.37 10.37
C LEU C 137 -22.21 -3.97 11.54
N CYS C 138 -23.45 -3.63 11.22
CA CYS C 138 -24.42 -3.23 12.22
C CYS C 138 -25.81 -3.53 11.70
N LEU C 139 -26.46 -4.55 12.26
CA LEU C 139 -27.81 -4.94 11.90
C LEU C 139 -28.75 -4.52 13.02
N ILE C 140 -29.88 -3.93 12.66
CA ILE C 140 -30.88 -3.49 13.64
C ILE C 140 -32.22 -4.02 13.20
N GLY C 141 -32.95 -4.65 14.12
CA GLY C 141 -34.24 -5.21 13.79
C GLY C 141 -34.95 -5.65 15.06
N CYS C 142 -36.24 -5.93 14.90
CA CYS C 142 -37.06 -6.37 16.01
C CYS C 142 -37.10 -7.89 16.15
N LYS C 143 -36.30 -8.60 15.37
CA LYS C 143 -36.15 -10.04 15.49
C LYS C 143 -34.68 -10.42 15.43
N PRO C 144 -34.29 -11.55 16.01
CA PRO C 144 -32.90 -11.96 15.99
C PRO C 144 -32.41 -12.18 14.57
N PRO C 145 -31.18 -11.81 14.26
CA PRO C 145 -30.68 -11.97 12.89
C PRO C 145 -30.46 -13.43 12.55
N ILE C 146 -30.31 -13.69 11.26
CA ILE C 146 -30.13 -15.03 10.73
C ILE C 146 -28.79 -15.08 10.00
N GLY C 147 -28.00 -16.12 10.28
CA GLY C 147 -26.73 -16.31 9.63
C GLY C 147 -26.66 -17.63 8.90
N GLU C 148 -25.57 -17.86 8.16
CA GLU C 148 -25.42 -19.04 7.33
C GLU C 148 -24.02 -19.61 7.51
N HIS C 149 -23.90 -20.93 7.38
CA HIS C 149 -22.60 -21.58 7.40
C HIS C 149 -22.71 -22.92 6.69
N TRP C 150 -21.58 -23.45 6.28
CA TRP C 150 -21.52 -24.75 5.62
C TRP C 150 -21.25 -25.81 6.67
N GLY C 151 -22.28 -26.59 7.01
CA GLY C 151 -22.18 -27.64 7.98
C GLY C 151 -22.24 -29.02 7.31
N LYS C 152 -22.02 -30.05 8.12
CA LYS C 152 -22.08 -31.42 7.62
C LYS C 152 -23.51 -31.74 7.23
N GLY C 153 -23.74 -31.98 5.95
CA GLY C 153 -25.07 -32.23 5.45
C GLY C 153 -25.55 -33.64 5.74
N SER C 154 -26.80 -33.89 5.36
CA SER C 154 -27.39 -35.20 5.56
C SER C 154 -26.63 -36.23 4.74
N PRO C 155 -26.39 -37.44 5.29
CA PRO C 155 -25.67 -38.47 4.54
C PRO C 155 -26.47 -39.01 3.37
N VAL C 161 -20.24 -45.54 3.35
CA VAL C 161 -19.29 -44.46 3.60
C VAL C 161 -18.00 -45.05 4.16
N GLN C 162 -16.96 -45.07 3.35
CA GLN C 162 -15.67 -45.54 3.84
C GLN C 162 -15.13 -44.56 4.89
N PRO C 163 -14.47 -45.04 5.93
CA PRO C 163 -13.85 -44.12 6.88
C PRO C 163 -12.90 -43.17 6.18
N GLY C 164 -13.00 -41.88 6.50
CA GLY C 164 -12.16 -40.88 5.89
C GLY C 164 -12.71 -40.25 4.63
N ASP C 165 -13.95 -40.56 4.25
CA ASP C 165 -14.54 -39.96 3.07
C ASP C 165 -14.93 -38.51 3.34
N CYS C 166 -15.01 -37.74 2.27
CA CYS C 166 -15.31 -36.31 2.39
C CYS C 166 -16.74 -36.12 2.90
N PRO C 167 -16.95 -35.33 3.95
CA PRO C 167 -18.31 -35.09 4.41
C PRO C 167 -19.11 -34.37 3.34
N PRO C 168 -20.40 -34.67 3.20
CA PRO C 168 -21.24 -33.84 2.34
C PRO C 168 -21.45 -32.47 2.97
N LEU C 169 -21.74 -31.48 2.12
CA LEU C 169 -21.91 -30.11 2.56
C LEU C 169 -23.34 -29.66 2.39
N GLU C 170 -23.85 -28.95 3.39
CA GLU C 170 -25.18 -28.36 3.39
C GLU C 170 -25.07 -26.92 3.87
N LEU C 171 -25.96 -26.07 3.38
CA LEU C 171 -26.00 -24.68 3.78
C LEU C 171 -27.08 -24.53 4.86
N ILE C 172 -26.67 -24.21 6.08
CA ILE C 172 -27.53 -24.23 7.25
C ILE C 172 -27.77 -22.81 7.72
N ASN C 173 -29.03 -22.46 7.94
CA ASN C 173 -29.42 -21.18 8.47
C ASN C 173 -29.80 -21.32 9.93
N THR C 174 -29.26 -20.43 10.76
CA THR C 174 -29.49 -20.47 12.20
C THR C 174 -29.38 -19.06 12.75
N VAL C 175 -29.87 -18.87 13.97
CA VAL C 175 -29.92 -17.54 14.56
C VAL C 175 -28.54 -17.18 15.11
N ILE C 176 -28.01 -16.05 14.66
CA ILE C 176 -26.75 -15.55 15.21
C ILE C 176 -26.96 -15.15 16.66
N GLN C 177 -26.02 -15.55 17.52
CA GLN C 177 -26.11 -15.29 18.95
C GLN C 177 -24.87 -14.55 19.42
N ASP C 178 -24.99 -13.92 20.58
CA ASP C 178 -23.83 -13.30 21.21
C ASP C 178 -22.73 -14.32 21.41
N GLY C 179 -21.51 -13.95 21.05
CA GLY C 179 -20.36 -14.83 21.22
C GLY C 179 -20.03 -15.68 20.03
N ASP C 180 -20.90 -15.72 19.01
CA ASP C 180 -20.56 -16.44 17.80
C ASP C 180 -19.37 -15.79 17.11
N MET C 181 -18.69 -16.55 16.27
CA MET C 181 -17.53 -16.04 15.56
C MET C 181 -17.91 -15.64 14.15
N VAL C 182 -17.34 -14.54 13.68
CA VAL C 182 -17.58 -14.07 12.33
C VAL C 182 -16.55 -14.69 11.40
N ASP C 183 -16.91 -14.80 10.12
CA ASP C 183 -15.99 -15.36 9.14
C ASP C 183 -14.70 -14.53 9.10
N THR C 184 -13.57 -15.21 9.12
CA THR C 184 -12.27 -14.55 9.28
C THR C 184 -11.38 -14.69 8.07
N GLY C 185 -11.92 -15.07 6.91
CA GLY C 185 -11.12 -15.28 5.73
C GLY C 185 -10.80 -16.73 5.43
N PHE C 186 -11.29 -17.66 6.26
CA PHE C 186 -11.20 -19.08 5.98
C PHE C 186 -12.53 -19.67 5.55
N GLY C 187 -13.51 -18.82 5.26
CA GLY C 187 -14.82 -19.29 4.88
C GLY C 187 -15.74 -19.39 6.09
N ALA C 188 -17.05 -19.35 5.81
CA ALA C 188 -18.07 -19.50 6.85
C ALA C 188 -18.46 -20.98 6.88
N MET C 189 -17.81 -21.74 7.75
CA MET C 189 -18.07 -23.16 7.85
C MET C 189 -18.06 -23.58 9.31
N ASP C 190 -18.51 -24.80 9.55
CA ASP C 190 -18.52 -25.38 10.90
C ASP C 190 -17.26 -26.22 11.05
N PHE C 191 -16.21 -25.60 11.58
CA PHE C 191 -14.92 -26.27 11.66
C PHE C 191 -14.98 -27.50 12.54
N THR C 192 -15.71 -27.42 13.66
CA THR C 192 -15.71 -28.49 14.64
C THR C 192 -16.01 -29.84 14.00
N THR C 193 -16.96 -29.88 13.06
CA THR C 193 -17.38 -31.13 12.44
C THR C 193 -16.76 -31.36 11.08
N LEU C 194 -16.42 -30.30 10.34
CA LEU C 194 -15.87 -30.44 9.00
C LEU C 194 -14.36 -30.61 9.00
N GLN C 195 -13.68 -30.44 10.13
CA GLN C 195 -12.23 -30.63 10.21
C GLN C 195 -11.92 -31.47 11.45
N ALA C 196 -11.86 -32.79 11.26
CA ALA C 196 -11.51 -33.67 12.37
C ALA C 196 -10.06 -33.50 12.80
N ASN C 197 -9.24 -32.86 11.98
CA ASN C 197 -7.84 -32.66 12.33
C ASN C 197 -7.71 -31.80 13.59
N LYS C 198 -8.51 -30.74 13.69
CA LYS C 198 -8.51 -29.82 14.80
C LYS C 198 -7.28 -28.92 14.82
N SER C 199 -6.56 -28.84 13.71
CA SER C 199 -5.41 -27.94 13.61
C SER C 199 -5.32 -27.25 12.26
N GLU C 200 -6.42 -27.18 11.52
CA GLU C 200 -6.40 -26.52 10.22
C GLU C 200 -6.39 -25.00 10.34
N VAL C 201 -7.09 -24.46 11.34
CA VAL C 201 -7.33 -23.02 11.43
C VAL C 201 -6.91 -22.54 12.81
N PRO C 202 -6.76 -21.23 12.99
CA PRO C 202 -6.25 -20.71 14.26
C PRO C 202 -6.98 -21.19 15.49
N LEU C 203 -6.40 -20.89 16.65
CA LEU C 203 -6.83 -21.48 17.91
C LEU C 203 -8.19 -20.97 18.36
N ASP C 204 -8.60 -19.77 17.95
CA ASP C 204 -9.85 -19.20 18.44
C ASP C 204 -11.05 -19.55 17.57
N ILE C 205 -10.85 -20.26 16.44
CA ILE C 205 -11.94 -20.73 15.61
C ILE C 205 -11.82 -22.21 15.27
N CYS C 206 -10.85 -22.93 15.84
CA CYS C 206 -10.65 -24.32 15.47
C CYS C 206 -11.78 -25.22 15.95
N THR C 207 -12.57 -24.77 16.91
CA THR C 207 -13.70 -25.52 17.43
C THR C 207 -14.92 -24.63 17.57
N SER C 208 -15.20 -23.84 16.53
CA SER C 208 -16.31 -22.90 16.54
C SER C 208 -16.91 -22.83 15.15
N ILE C 209 -18.14 -22.32 15.08
CA ILE C 209 -18.84 -22.10 13.82
C ILE C 209 -18.67 -20.63 13.44
N CYS C 210 -18.19 -20.39 12.23
CA CYS C 210 -18.01 -19.03 11.73
C CYS C 210 -19.20 -18.71 10.83
N LYS C 211 -20.11 -17.87 11.32
CA LYS C 211 -21.34 -17.54 10.64
C LYS C 211 -21.20 -16.24 9.84
N TYR C 212 -21.99 -16.12 8.79
CA TYR C 212 -22.08 -14.91 8.00
C TYR C 212 -23.54 -14.49 7.88
N PRO C 213 -23.86 -13.21 8.02
CA PRO C 213 -25.27 -12.82 7.94
C PRO C 213 -25.86 -13.19 6.59
N ASP C 214 -27.11 -13.66 6.61
CA ASP C 214 -27.81 -14.04 5.39
C ASP C 214 -28.65 -12.84 4.94
N TYR C 215 -27.97 -11.88 4.30
CA TYR C 215 -28.66 -10.67 3.88
C TYR C 215 -29.79 -10.99 2.91
N ILE C 216 -29.56 -11.94 2.00
CA ILE C 216 -30.57 -12.27 1.00
C ILE C 216 -31.84 -12.77 1.68
N LYS C 217 -31.69 -13.74 2.57
CA LYS C 217 -32.86 -14.29 3.26
C LYS C 217 -33.52 -13.25 4.15
N MET C 218 -32.72 -12.46 4.86
CA MET C 218 -33.29 -11.47 5.77
C MET C 218 -34.07 -10.41 5.01
N VAL C 219 -33.56 -9.99 3.86
CA VAL C 219 -34.25 -8.98 3.06
C VAL C 219 -35.48 -9.56 2.38
N SER C 220 -35.43 -10.83 1.97
CA SER C 220 -36.59 -11.46 1.37
C SER C 220 -37.69 -11.76 2.38
N GLU C 221 -37.44 -11.53 3.66
CA GLU C 221 -38.47 -11.76 4.67
C GLU C 221 -39.70 -10.93 4.34
N PRO C 222 -40.90 -11.55 4.28
CA PRO C 222 -42.07 -10.76 3.85
C PRO C 222 -42.36 -9.55 4.72
N TYR C 223 -42.19 -9.67 6.03
CA TYR C 223 -42.50 -8.56 6.94
C TYR C 223 -41.30 -7.66 7.21
N GLY C 224 -40.10 -8.04 6.78
CA GLY C 224 -38.94 -7.20 7.00
C GLY C 224 -38.66 -6.91 8.45
N ASP C 225 -39.12 -7.77 9.37
CA ASP C 225 -38.85 -7.55 10.78
C ASP C 225 -37.36 -7.67 11.09
N SER C 226 -36.70 -8.67 10.51
CA SER C 226 -35.35 -8.99 10.93
C SER C 226 -34.33 -7.90 10.59
N LEU C 227 -34.66 -6.97 9.68
CA LEU C 227 -33.65 -6.05 9.19
C LEU C 227 -34.33 -4.72 8.83
N PHE C 228 -34.32 -3.79 9.79
CA PHE C 228 -34.68 -2.41 9.46
C PHE C 228 -33.57 -1.73 8.68
N PHE C 229 -32.33 -1.91 9.12
CA PHE C 229 -31.21 -1.09 8.67
C PHE C 229 -29.95 -1.90 8.87
N TYR C 230 -29.03 -1.83 7.90
CA TYR C 230 -27.80 -2.58 8.01
C TYR C 230 -26.67 -1.87 7.29
N LEU C 231 -25.46 -2.04 7.82
CA LEU C 231 -24.24 -1.58 7.19
C LEU C 231 -23.22 -2.70 7.22
N ARG C 232 -22.30 -2.68 6.27
CA ARG C 232 -21.23 -3.66 6.24
C ARG C 232 -20.07 -3.12 5.42
N ARG C 233 -18.85 -3.34 5.92
CA ARG C 233 -17.65 -2.93 5.22
C ARG C 233 -16.54 -3.89 5.61
N GLU C 234 -15.98 -4.60 4.64
CA GLU C 234 -14.94 -5.58 4.92
C GLU C 234 -13.91 -5.56 3.81
N GLN C 235 -12.69 -5.99 4.13
CA GLN C 235 -11.62 -6.02 3.15
C GLN C 235 -10.58 -7.07 3.56
N MET C 236 -9.86 -7.58 2.57
CA MET C 236 -8.96 -8.70 2.77
C MET C 236 -8.00 -8.81 1.60
N PHE C 237 -6.83 -9.39 1.87
CA PHE C 237 -5.89 -9.77 0.81
C PHE C 237 -5.01 -10.87 1.35
N VAL C 238 -4.48 -11.69 0.44
CA VAL C 238 -3.69 -12.85 0.84
C VAL C 238 -2.28 -12.41 1.18
N ARG C 239 -1.80 -12.80 2.36
CA ARG C 239 -0.47 -12.47 2.82
C ARG C 239 0.54 -13.52 2.40
N HIS C 240 0.21 -14.80 2.59
CA HIS C 240 1.11 -15.89 2.25
C HIS C 240 0.29 -17.02 1.63
N LEU C 241 1.00 -17.90 0.93
CA LEU C 241 0.40 -19.08 0.32
C LEU C 241 1.12 -20.31 0.86
N PHE C 242 0.37 -21.27 1.40
CA PHE C 242 0.93 -22.40 2.12
C PHE C 242 0.38 -23.70 1.56
N ASN C 243 0.71 -24.80 2.24
CA ASN C 243 0.38 -26.15 1.80
C ASN C 243 -0.12 -26.94 2.99
N ARG C 244 -0.91 -27.98 2.73
CA ARG C 244 -1.39 -28.87 3.77
C ARG C 244 -0.56 -30.15 3.78
N ALA C 245 -0.66 -30.90 4.87
CA ALA C 245 0.26 -32.01 5.13
C ALA C 245 -0.37 -33.38 5.02
N GLY C 246 -1.59 -33.57 5.51
CA GLY C 246 -2.18 -34.90 5.55
C GLY C 246 -2.24 -35.56 4.19
N THR C 247 -2.67 -36.82 4.15
CA THR C 247 -2.75 -37.51 2.88
C THR C 247 -3.76 -36.85 1.96
N VAL C 248 -3.76 -37.26 0.70
CA VAL C 248 -4.64 -36.68 -0.31
C VAL C 248 -5.82 -37.63 -0.50
N GLY C 249 -7.03 -37.11 -0.30
CA GLY C 249 -8.22 -37.91 -0.54
C GLY C 249 -8.60 -38.02 -2.00
N GLU C 250 -8.18 -37.06 -2.83
CA GLU C 250 -8.46 -37.07 -4.25
C GLU C 250 -7.17 -36.83 -5.01
N ASN C 251 -6.74 -37.83 -5.77
CA ASN C 251 -5.51 -37.73 -6.53
C ASN C 251 -5.70 -36.83 -7.75
N VAL C 252 -4.64 -36.16 -8.15
CA VAL C 252 -4.70 -35.33 -9.36
C VAL C 252 -4.90 -36.24 -10.56
N PRO C 253 -5.84 -35.94 -11.46
CA PRO C 253 -6.01 -36.79 -12.65
C PRO C 253 -4.74 -36.85 -13.48
N ASP C 254 -4.50 -38.01 -14.08
CA ASP C 254 -3.28 -38.21 -14.85
C ASP C 254 -3.16 -37.21 -15.99
N ASP C 255 -4.28 -36.77 -16.56
CA ASP C 255 -4.24 -35.98 -17.77
C ASP C 255 -3.83 -34.53 -17.53
N LEU C 256 -3.71 -34.10 -16.27
CA LEU C 256 -3.40 -32.71 -15.96
C LEU C 256 -1.90 -32.45 -15.83
N TYR C 257 -1.06 -33.46 -15.95
CA TYR C 257 0.38 -33.26 -15.81
C TYR C 257 1.12 -34.43 -16.44
N ILE C 258 2.43 -34.26 -16.57
CA ILE C 258 3.31 -35.28 -17.13
C ILE C 258 4.14 -35.86 -16.00
N LYS C 259 4.15 -37.20 -15.92
CA LYS C 259 4.82 -37.86 -14.81
C LYS C 259 6.28 -37.43 -14.71
N GLY C 260 6.73 -37.19 -13.49
CA GLY C 260 8.11 -36.83 -13.23
C GLY C 260 8.99 -38.05 -13.01
N SER C 261 10.19 -37.79 -12.52
CA SER C 261 11.14 -38.85 -12.22
C SER C 261 12.12 -38.35 -11.16
N GLY C 262 12.71 -39.30 -10.45
CA GLY C 262 13.65 -38.93 -9.40
C GLY C 262 12.95 -38.16 -8.30
N SER C 263 13.46 -36.96 -8.00
CA SER C 263 12.89 -36.17 -6.91
C SER C 263 11.43 -35.81 -7.18
N THR C 264 11.11 -35.44 -8.41
CA THR C 264 9.75 -35.06 -8.79
C THR C 264 8.89 -36.26 -9.14
N ALA C 265 9.30 -37.47 -8.78
CA ALA C 265 8.50 -38.65 -9.08
C ALA C 265 7.18 -38.63 -8.32
N ASN C 266 7.21 -38.23 -7.06
CA ASN C 266 6.03 -38.19 -6.21
C ASN C 266 5.58 -36.74 -6.03
N LEU C 267 4.29 -36.50 -6.29
CA LEU C 267 3.76 -35.14 -6.26
C LEU C 267 3.75 -34.57 -4.85
N ALA C 268 3.93 -33.26 -4.77
CA ALA C 268 3.75 -32.56 -3.51
C ALA C 268 2.27 -32.30 -3.27
N SER C 269 1.94 -31.92 -2.03
CA SER C 269 0.55 -31.67 -1.70
C SER C 269 0.00 -30.52 -2.51
N SER C 270 -1.27 -30.64 -2.93
CA SER C 270 -1.92 -29.65 -3.77
C SER C 270 -3.09 -28.98 -3.06
N ASN C 271 -3.13 -29.04 -1.73
CA ASN C 271 -4.20 -28.43 -0.95
C ASN C 271 -3.75 -27.06 -0.43
N TYR C 272 -3.60 -26.12 -1.37
CA TYR C 272 -3.14 -24.80 -1.01
C TYR C 272 -4.19 -24.05 -0.20
N PHE C 273 -3.72 -23.15 0.67
CA PHE C 273 -4.60 -22.30 1.45
C PHE C 273 -3.91 -20.99 1.76
N PRO C 274 -4.61 -19.86 1.64
CA PRO C 274 -3.99 -18.57 1.95
C PRO C 274 -4.22 -18.14 3.39
N THR C 275 -3.35 -17.27 3.86
CA THR C 275 -3.52 -16.65 5.16
C THR C 275 -4.04 -15.24 4.99
N PRO C 276 -5.19 -14.90 5.57
CA PRO C 276 -5.79 -13.59 5.31
C PRO C 276 -4.96 -12.46 5.90
N SER C 277 -5.23 -11.25 5.41
CA SER C 277 -4.66 -10.04 5.98
C SER C 277 -5.67 -8.92 5.81
N GLY C 278 -5.86 -8.13 6.87
CA GLY C 278 -6.85 -7.07 6.84
C GLY C 278 -6.37 -5.75 6.31
N SER C 279 -5.06 -5.58 6.13
CA SER C 279 -4.51 -4.31 5.67
C SER C 279 -4.73 -3.21 6.71
N MET C 280 -4.71 -1.96 6.27
CA MET C 280 -4.79 -0.84 7.21
C MET C 280 -6.18 -0.69 7.78
N VAL C 281 -6.24 -0.38 9.08
CA VAL C 281 -7.45 0.12 9.72
C VAL C 281 -7.29 1.62 9.87
N THR C 282 -8.24 2.37 9.34
CA THR C 282 -8.14 3.83 9.31
C THR C 282 -9.40 4.43 9.90
N SER C 283 -9.28 5.69 10.35
CA SER C 283 -10.40 6.35 10.99
C SER C 283 -11.44 6.83 9.99
N ASP C 284 -11.00 7.25 8.80
CA ASP C 284 -11.96 7.76 7.81
C ASP C 284 -12.96 6.71 7.38
N ALA C 285 -12.58 5.43 7.45
CA ALA C 285 -13.43 4.34 7.01
C ALA C 285 -14.18 3.69 8.16
N GLN C 286 -14.54 4.46 9.18
CA GLN C 286 -15.23 3.93 10.34
C GLN C 286 -16.73 3.92 10.12
N ILE C 287 -17.40 2.95 10.73
CA ILE C 287 -18.85 2.83 10.65
C ILE C 287 -19.53 3.28 11.94
N PHE C 288 -18.79 3.46 13.02
CA PHE C 288 -19.36 3.69 14.34
C PHE C 288 -19.10 5.13 14.80
N ASN C 289 -19.58 5.43 16.01
CA ASN C 289 -19.50 6.78 16.56
C ASN C 289 -20.11 7.79 15.60
N LYS C 290 -21.25 7.42 15.04
CA LYS C 290 -21.86 8.22 13.97
C LYS C 290 -23.36 7.96 13.93
N PRO C 291 -24.20 8.98 14.05
CA PRO C 291 -25.64 8.74 14.15
C PRO C 291 -26.24 8.21 12.87
N TYR C 292 -27.29 7.41 13.03
CA TYR C 292 -28.00 6.77 11.93
C TYR C 292 -29.49 6.99 12.09
N TRP C 293 -30.13 7.48 11.03
CA TRP C 293 -31.55 7.77 11.02
C TRP C 293 -32.26 6.70 10.22
N LEU C 294 -33.20 6.01 10.86
CA LEU C 294 -33.94 4.90 10.25
C LEU C 294 -35.27 5.35 9.68
N GLN C 295 -35.32 6.58 9.15
CA GLN C 295 -36.58 7.18 8.74
C GLN C 295 -37.25 6.45 7.58
N ARG C 296 -36.52 5.64 6.81
CA ARG C 296 -37.12 4.95 5.67
C ARG C 296 -36.51 3.55 5.58
N ALA C 297 -37.21 2.57 6.12
CA ALA C 297 -36.71 1.21 6.11
C ALA C 297 -36.86 0.60 4.73
N GLN C 298 -35.98 -0.37 4.43
CA GLN C 298 -36.04 -1.05 3.14
C GLN C 298 -37.33 -1.87 3.00
N GLY C 299 -37.71 -2.59 4.04
CA GLY C 299 -38.86 -3.47 4.00
C GLY C 299 -40.14 -2.75 4.33
N HIS C 300 -41.17 -3.53 4.66
CA HIS C 300 -42.45 -2.96 5.03
C HIS C 300 -42.44 -2.40 6.45
N ASN C 301 -41.72 -3.03 7.37
CA ASN C 301 -41.65 -2.56 8.75
C ASN C 301 -40.74 -1.35 8.82
N ASN C 302 -41.30 -0.17 9.07
CA ASN C 302 -40.56 1.08 9.07
C ASN C 302 -40.09 1.42 10.48
N GLY C 303 -39.40 0.47 11.11
CA GLY C 303 -38.80 0.72 12.40
C GLY C 303 -39.66 0.45 13.59
N ILE C 304 -40.83 -0.17 13.41
CA ILE C 304 -41.71 -0.46 14.53
C ILE C 304 -41.11 -1.60 15.35
N CYS C 305 -40.97 -1.38 16.66
CA CYS C 305 -40.38 -2.36 17.56
C CYS C 305 -41.51 -3.21 18.15
N TRP C 306 -41.95 -4.20 17.37
CA TRP C 306 -43.02 -5.07 17.81
C TRP C 306 -42.60 -5.87 19.04
N GLY C 307 -43.49 -5.94 20.02
CA GLY C 307 -43.20 -6.67 21.23
C GLY C 307 -42.30 -5.96 22.21
N ASN C 308 -41.94 -4.70 21.94
CA ASN C 308 -41.07 -3.93 22.81
C ASN C 308 -39.67 -4.55 22.85
N GLN C 309 -39.09 -4.75 21.68
CA GLN C 309 -37.77 -5.36 21.58
C GLN C 309 -36.99 -4.75 20.43
N LEU C 310 -35.66 -4.85 20.53
CA LEU C 310 -34.75 -4.56 19.45
C LEU C 310 -33.62 -5.56 19.51
N PHE C 311 -32.84 -5.64 18.43
CA PHE C 311 -31.68 -6.51 18.36
C PHE C 311 -30.61 -5.79 17.56
N VAL C 312 -29.55 -5.34 18.24
CA VAL C 312 -28.45 -4.61 17.61
C VAL C 312 -27.27 -5.55 17.55
N THR C 313 -26.94 -6.02 16.34
CA THR C 313 -25.81 -6.91 16.11
C THR C 313 -24.65 -6.10 15.56
N VAL C 314 -23.51 -6.17 16.21
CA VAL C 314 -22.34 -5.38 15.86
C VAL C 314 -21.13 -6.29 15.78
N VAL C 315 -20.37 -6.17 14.70
CA VAL C 315 -19.06 -6.79 14.57
C VAL C 315 -18.08 -5.68 14.23
N ASP C 316 -16.95 -5.65 14.93
CA ASP C 316 -15.98 -4.58 14.74
C ASP C 316 -14.60 -5.14 15.03
N THR C 317 -13.87 -5.50 13.97
CA THR C 317 -12.52 -6.02 14.10
C THR C 317 -11.46 -4.95 13.92
N THR C 318 -11.84 -3.67 13.91
CA THR C 318 -10.87 -2.59 13.83
C THR C 318 -10.43 -2.07 15.19
N ARG C 319 -10.93 -2.65 16.27
CA ARG C 319 -10.49 -2.29 17.62
C ARG C 319 -10.08 -3.52 18.42
N SER C 320 -9.65 -4.59 17.74
CA SER C 320 -9.21 -5.81 18.39
C SER C 320 -7.73 -5.71 18.69
N THR C 321 -7.38 -5.42 19.94
CA THR C 321 -5.98 -5.26 20.34
C THR C 321 -5.77 -6.01 21.65
N ASN C 322 -5.35 -7.26 21.53
CA ASN C 322 -5.01 -8.03 22.73
C ASN C 322 -3.77 -7.43 23.36
N MET C 323 -3.81 -7.23 24.67
CA MET C 323 -2.73 -6.58 25.39
C MET C 323 -2.02 -7.61 26.26
N SER C 324 -0.74 -7.84 25.96
CA SER C 324 0.06 -8.76 26.75
C SER C 324 0.41 -8.13 28.08
N LEU C 325 0.14 -8.84 29.17
CA LEU C 325 0.47 -8.38 30.50
C LEU C 325 0.95 -9.56 31.33
N CYS C 326 1.98 -9.32 32.13
CA CYS C 326 2.68 -10.38 32.82
C CYS C 326 2.90 -10.00 34.28
N ALA C 327 3.07 -11.02 35.11
CA ALA C 327 3.33 -10.84 36.53
C ALA C 327 4.52 -11.69 36.95
N ALA C 328 5.39 -11.12 37.77
CA ALA C 328 6.61 -11.80 38.18
C ALA C 328 6.37 -12.64 39.43
N ILE C 329 6.91 -13.85 39.42
CA ILE C 329 6.78 -14.73 40.58
C ILE C 329 7.55 -14.17 41.77
N SER C 330 8.80 -13.77 41.55
CA SER C 330 9.66 -13.23 42.61
C SER C 330 10.21 -11.89 42.18
N THR C 331 10.05 -10.88 43.03
CA THR C 331 10.55 -9.55 42.75
C THR C 331 11.99 -9.34 43.21
N SER C 332 12.53 -10.24 44.02
CA SER C 332 13.90 -10.12 44.50
C SER C 332 14.88 -10.75 43.51
N GLU C 333 14.78 -10.34 42.24
CA GLU C 333 15.62 -10.89 41.18
C GLU C 333 16.42 -9.76 40.55
N THR C 334 17.71 -10.03 40.30
CA THR C 334 18.60 -9.03 39.74
C THR C 334 18.83 -9.21 38.24
N THR C 335 18.84 -10.45 37.75
CA THR C 335 19.01 -10.74 36.33
C THR C 335 17.74 -11.34 35.78
N TYR C 336 17.52 -11.13 34.48
CA TYR C 336 16.30 -11.59 33.85
C TYR C 336 16.32 -13.09 33.67
N LYS C 337 15.21 -13.74 34.05
CA LYS C 337 15.02 -15.17 33.87
C LYS C 337 13.66 -15.39 33.24
N ASN C 338 13.60 -16.21 32.19
CA ASN C 338 12.32 -16.49 31.56
C ASN C 338 11.36 -17.16 32.53
N THR C 339 11.87 -18.01 33.41
CA THR C 339 11.03 -18.76 34.34
C THR C 339 10.45 -17.89 35.44
N ASN C 340 10.90 -16.65 35.57
CA ASN C 340 10.46 -15.76 36.63
C ASN C 340 9.26 -14.90 36.27
N PHE C 341 8.71 -15.05 35.06
CA PHE C 341 7.60 -14.24 34.61
C PHE C 341 6.54 -15.12 33.99
N LYS C 342 5.27 -14.77 34.21
CA LYS C 342 4.13 -15.44 33.62
C LYS C 342 3.42 -14.47 32.68
N GLU C 343 3.08 -14.94 31.49
CA GLU C 343 2.52 -14.09 30.44
C GLU C 343 1.05 -14.39 30.23
N TYR C 344 0.26 -13.33 30.03
CA TYR C 344 -1.18 -13.43 29.86
C TYR C 344 -1.62 -12.57 28.68
N LEU C 345 -2.79 -12.90 28.15
CA LEU C 345 -3.45 -12.11 27.12
C LEU C 345 -4.82 -11.72 27.62
N ARG C 346 -5.25 -10.51 27.28
CA ARG C 346 -6.58 -10.03 27.63
C ARG C 346 -7.08 -9.09 26.54
N HIS C 347 -8.39 -8.92 26.47
CA HIS C 347 -9.02 -8.07 25.47
C HIS C 347 -10.23 -7.40 26.10
N GLY C 348 -10.35 -6.09 25.90
CA GLY C 348 -11.45 -5.35 26.47
C GLY C 348 -12.25 -4.60 25.43
N GLU C 349 -13.58 -4.71 25.49
CA GLU C 349 -14.47 -4.05 24.56
C GLU C 349 -15.33 -3.04 25.30
N GLU C 350 -15.56 -1.89 24.67
CA GLU C 350 -16.34 -0.81 25.26
C GLU C 350 -17.41 -0.38 24.27
N TYR C 351 -18.65 -0.26 24.76
CA TYR C 351 -19.80 0.09 23.93
C TYR C 351 -20.62 1.17 24.60
N ASP C 352 -21.42 1.86 23.81
CA ASP C 352 -22.35 2.87 24.31
C ASP C 352 -23.46 3.04 23.29
N LEU C 353 -24.65 2.53 23.60
CA LEU C 353 -25.78 2.55 22.69
C LEU C 353 -26.74 3.67 23.06
N GLN C 354 -27.08 4.50 22.08
CA GLN C 354 -28.04 5.58 22.24
C GLN C 354 -29.14 5.45 21.20
N PHE C 355 -30.38 5.66 21.62
CA PHE C 355 -31.53 5.50 20.76
C PHE C 355 -32.47 6.68 20.90
N ILE C 356 -33.19 6.97 19.82
CA ILE C 356 -34.29 7.93 19.81
C ILE C 356 -35.54 7.19 19.38
N PHE C 357 -36.54 7.17 20.24
CA PHE C 357 -37.78 6.44 20.00
C PHE C 357 -38.93 7.40 19.82
N GLN C 358 -39.88 7.03 18.97
CA GLN C 358 -41.06 7.82 18.68
C GLN C 358 -42.31 7.00 18.98
N LEU C 359 -43.28 7.62 19.64
CA LEU C 359 -44.49 6.91 20.04
C LEU C 359 -45.47 6.85 18.88
N CYS C 360 -46.14 5.71 18.74
CA CYS C 360 -47.13 5.48 17.69
C CYS C 360 -48.33 4.78 18.29
N LYS C 361 -49.47 4.93 17.64
CA LYS C 361 -50.73 4.36 18.12
C LYS C 361 -51.42 3.62 16.98
N ILE C 362 -52.15 2.57 17.34
CA ILE C 362 -52.80 1.69 16.38
C ILE C 362 -54.27 1.55 16.76
N THR C 363 -55.15 1.68 15.77
CA THR C 363 -56.58 1.51 15.98
C THR C 363 -56.94 0.04 15.81
N LEU C 364 -57.64 -0.51 16.79
CA LEU C 364 -57.94 -1.94 16.81
C LEU C 364 -59.29 -2.22 16.14
N THR C 365 -59.35 -1.91 14.85
CA THR C 365 -60.49 -2.31 14.05
C THR C 365 -60.40 -3.81 13.74
N ALA C 366 -61.46 -4.34 13.16
CA ALA C 366 -61.49 -5.77 12.84
C ALA C 366 -60.41 -6.12 11.82
N ASP C 367 -60.27 -5.30 10.77
CA ASP C 367 -59.27 -5.57 9.75
C ASP C 367 -57.86 -5.48 10.31
N VAL C 368 -57.59 -4.45 11.10
CA VAL C 368 -56.26 -4.31 11.71
C VAL C 368 -55.98 -5.49 12.63
N MET C 369 -56.98 -5.89 13.42
CA MET C 369 -56.77 -6.99 14.36
C MET C 369 -56.48 -8.29 13.63
N THR C 370 -57.23 -8.59 12.57
CA THR C 370 -56.98 -9.83 11.84
C THR C 370 -55.62 -9.79 11.14
N TYR C 371 -55.25 -8.63 10.57
CA TYR C 371 -53.95 -8.52 9.93
C TYR C 371 -52.83 -8.74 10.93
N ILE C 372 -52.94 -8.14 12.12
CA ILE C 372 -51.90 -8.29 13.12
C ILE C 372 -51.85 -9.72 13.63
N HIS C 373 -53.01 -10.38 13.76
CA HIS C 373 -53.03 -11.77 14.16
C HIS C 373 -52.30 -12.64 13.14
N SER C 374 -52.54 -12.38 11.85
CA SER C 374 -51.80 -13.12 10.82
C SER C 374 -50.31 -12.82 10.89
N MET C 375 -49.95 -11.56 11.11
CA MET C 375 -48.53 -11.19 11.16
C MET C 375 -47.82 -11.91 12.30
N ASN C 376 -48.36 -11.80 13.51
CA ASN C 376 -47.75 -12.45 14.66
C ASN C 376 -48.80 -12.53 15.76
N SER C 377 -49.19 -13.74 16.14
CA SER C 377 -50.32 -13.90 17.05
C SER C 377 -50.02 -13.31 18.43
N THR C 378 -48.74 -13.19 18.78
CA THR C 378 -48.39 -12.80 20.14
C THR C 378 -48.60 -11.31 20.40
N ILE C 379 -48.70 -10.48 19.37
CA ILE C 379 -48.86 -9.05 19.59
C ILE C 379 -50.15 -8.79 20.35
N LEU C 380 -51.27 -9.29 19.83
CA LEU C 380 -52.56 -9.06 20.47
C LEU C 380 -52.59 -9.67 21.87
N GLU C 381 -52.02 -10.87 22.03
CA GLU C 381 -52.02 -11.50 23.34
C GLU C 381 -51.25 -10.66 24.36
N ASP C 382 -50.07 -10.16 23.98
CA ASP C 382 -49.33 -9.28 24.87
C ASP C 382 -50.06 -7.97 25.12
N TRP C 383 -50.94 -7.56 24.20
CA TRP C 383 -51.74 -6.36 24.43
C TRP C 383 -52.91 -6.59 25.36
N ASN C 384 -52.95 -7.71 26.08
CA ASN C 384 -54.04 -7.98 27.02
C ASN C 384 -54.04 -6.93 28.13
N GLU C 390 -43.95 -18.82 28.62
CA GLU C 390 -42.52 -18.95 28.38
C GLU C 390 -42.07 -18.02 27.27
N ASP C 391 -40.82 -17.57 27.36
CA ASP C 391 -40.25 -16.72 26.32
C ASP C 391 -39.82 -17.58 25.13
N PRO C 392 -40.33 -17.36 23.93
CA PRO C 392 -39.91 -18.19 22.80
C PRO C 392 -38.43 -18.11 22.50
N LEU C 393 -37.81 -16.95 22.73
CA LEU C 393 -36.38 -16.76 22.51
C LEU C 393 -35.53 -17.17 23.71
N LYS C 394 -36.06 -18.00 24.60
CA LYS C 394 -35.29 -18.48 25.75
C LYS C 394 -34.48 -19.73 25.38
N LYS C 395 -33.77 -19.62 24.27
CA LYS C 395 -32.90 -20.69 23.79
C LYS C 395 -31.56 -20.15 23.31
N TYR C 396 -31.35 -18.83 23.35
CA TYR C 396 -30.17 -18.20 22.78
C TYR C 396 -29.50 -17.33 23.82
N THR C 397 -28.24 -16.99 23.56
CA THR C 397 -27.44 -16.17 24.45
C THR C 397 -27.29 -14.78 23.84
N PHE C 398 -27.99 -13.81 24.40
CA PHE C 398 -27.90 -12.42 23.97
C PHE C 398 -27.40 -11.57 25.11
N TRP C 399 -26.68 -10.51 24.78
CA TRP C 399 -26.23 -9.53 25.77
C TRP C 399 -27.45 -8.69 26.16
N GLU C 400 -28.14 -9.14 27.20
CA GLU C 400 -29.37 -8.48 27.61
C GLU C 400 -29.07 -7.04 28.03
N VAL C 401 -29.88 -6.11 27.52
CA VAL C 401 -29.81 -4.70 27.86
C VAL C 401 -31.20 -4.24 28.24
N ASN C 402 -31.33 -3.61 29.41
CA ASN C 402 -32.62 -3.19 29.94
C ASN C 402 -32.68 -1.68 29.94
N LEU C 403 -33.69 -1.13 29.26
CA LEU C 403 -33.86 0.31 29.13
C LEU C 403 -35.18 0.78 29.72
N LYS C 404 -35.75 0.01 30.64
CA LYS C 404 -37.05 0.38 31.21
C LYS C 404 -36.95 1.66 32.03
N GLU C 405 -35.81 1.91 32.66
CA GLU C 405 -35.61 3.06 33.52
C GLU C 405 -34.76 4.14 32.87
N LYS C 406 -34.46 4.02 31.58
CA LYS C 406 -33.53 4.91 30.89
C LYS C 406 -34.22 5.86 29.92
N PHE C 407 -35.55 5.90 29.91
CA PHE C 407 -36.26 6.76 28.98
C PHE C 407 -36.42 8.15 29.57
N SER C 408 -36.12 9.18 28.76
CA SER C 408 -36.25 10.56 29.19
C SER C 408 -36.67 11.40 28.00
N ALA C 409 -37.67 12.27 28.23
CA ALA C 409 -38.29 12.99 27.12
C ALA C 409 -37.41 14.10 26.59
N ASP C 410 -36.65 14.78 27.43
CA ASP C 410 -35.85 15.94 27.00
C ASP C 410 -34.67 15.47 26.17
N LEU C 411 -34.78 15.67 24.86
CA LEU C 411 -33.74 15.20 23.94
C LEU C 411 -32.51 16.08 23.99
N ASP C 412 -32.68 17.39 24.19
CA ASP C 412 -31.54 18.30 24.08
C ASP C 412 -30.51 18.08 25.17
N GLN C 413 -30.85 17.33 26.22
CA GLN C 413 -29.89 17.05 27.28
C GLN C 413 -28.86 16.01 26.90
N PHE C 414 -29.12 15.22 25.86
CA PHE C 414 -28.22 14.16 25.44
C PHE C 414 -27.69 14.44 24.04
N PRO C 415 -26.47 14.00 23.73
CA PRO C 415 -25.86 14.37 22.43
C PRO C 415 -26.63 13.86 21.22
N LEU C 416 -27.07 12.60 21.24
CA LEU C 416 -27.85 12.10 20.12
C LEU C 416 -29.16 12.85 19.97
N GLY C 417 -29.78 13.21 21.10
CA GLY C 417 -30.99 14.01 21.04
C GLY C 417 -30.73 15.37 20.42
N ARG C 418 -29.61 16.01 20.77
CA ARG C 418 -29.27 17.29 20.18
C ARG C 418 -29.07 17.16 18.68
N LYS C 419 -28.38 16.11 18.25
CA LYS C 419 -28.19 15.89 16.81
C LYS C 419 -29.53 15.68 16.11
N PHE C 420 -30.42 14.89 16.73
CA PHE C 420 -31.73 14.64 16.13
C PHE C 420 -32.52 15.93 16.01
N LEU C 421 -32.51 16.76 17.06
CA LEU C 421 -33.22 18.03 16.99
C LEU C 421 -32.66 18.92 15.90
N LEU C 422 -31.34 19.00 15.80
CA LEU C 422 -30.72 19.80 14.75
C LEU C 422 -31.03 19.26 13.36
N GLN C 423 -31.26 17.96 13.23
CA GLN C 423 -31.56 17.34 11.95
C GLN C 423 -32.99 17.57 11.50
N LEU C 424 -33.85 18.10 12.36
CA LEU C 424 -35.24 18.39 11.99
C LEU C 424 -35.41 19.86 11.64
N ALA D 1 -32.90 21.72 34.09
CA ALA D 1 -32.34 21.33 32.77
C ALA D 1 -31.28 22.32 32.31
N VAL D 2 -30.23 21.82 31.68
CA VAL D 2 -29.17 22.68 31.17
C VAL D 2 -29.67 23.40 29.92
N VAL D 3 -29.21 24.64 29.76
CA VAL D 3 -29.59 25.47 28.63
C VAL D 3 -28.34 25.92 27.91
N SER D 4 -28.48 26.19 26.61
CA SER D 4 -27.36 26.62 25.80
C SER D 4 -26.87 28.00 26.24
N THR D 5 -25.57 28.25 26.05
CA THR D 5 -25.01 29.53 26.44
C THR D 5 -25.65 30.67 25.67
N ASP D 6 -26.00 30.44 24.40
CA ASP D 6 -26.61 31.48 23.59
C ASP D 6 -27.94 31.93 24.15
N GLU D 7 -28.51 31.21 25.11
CA GLU D 7 -29.77 31.59 25.71
C GLU D 7 -29.62 32.64 26.80
N TYR D 8 -28.43 32.78 27.39
CA TYR D 8 -28.20 33.79 28.41
C TYR D 8 -26.87 34.51 28.26
N VAL D 9 -26.22 34.43 27.09
CA VAL D 9 -24.97 35.13 26.82
C VAL D 9 -25.16 35.95 25.56
N ALA D 10 -25.04 37.26 25.68
CA ALA D 10 -25.23 38.17 24.55
C ALA D 10 -23.88 38.44 23.89
N ARG D 11 -23.82 38.22 22.58
CA ARG D 11 -22.58 38.40 21.86
C ARG D 11 -22.49 39.80 21.27
N THR D 12 -21.27 40.35 21.27
CA THR D 12 -21.00 41.67 20.75
C THR D 12 -20.10 41.56 19.54
N ASN D 13 -20.00 42.65 18.79
CA ASN D 13 -19.25 42.67 17.54
C ASN D 13 -17.79 43.08 17.73
N ILE D 14 -17.23 42.84 18.92
CA ILE D 14 -15.83 43.17 19.20
C ILE D 14 -15.01 41.89 19.08
N TYR D 15 -13.97 41.92 18.26
CA TYR D 15 -13.10 40.78 18.04
C TYR D 15 -11.66 41.15 18.34
N TYR D 16 -10.88 40.15 18.75
CA TYR D 16 -9.48 40.32 19.08
C TYR D 16 -8.69 39.16 18.51
N HIS D 17 -7.39 39.36 18.35
CA HIS D 17 -6.49 38.35 17.82
C HIS D 17 -5.32 38.16 18.78
N ALA D 18 -5.07 36.92 19.17
CA ALA D 18 -3.99 36.60 20.08
C ALA D 18 -3.18 35.44 19.51
N GLY D 19 -1.87 35.59 19.49
CA GLY D 19 -1.00 34.54 19.01
C GLY D 19 0.12 34.30 20.00
N THR D 20 0.71 33.10 19.90
CA THR D 20 1.78 32.71 20.81
C THR D 20 3.17 32.88 20.21
N SER D 21 3.26 33.07 18.90
CA SER D 21 4.55 33.09 18.21
C SER D 21 5.18 31.71 18.32
N ARG D 22 6.45 31.59 17.96
CA ARG D 22 7.10 30.28 17.94
C ARG D 22 7.24 29.72 19.36
N LEU D 23 6.79 28.48 19.54
CA LEU D 23 7.01 27.71 20.75
C LEU D 23 7.87 26.51 20.37
N LEU D 24 9.02 26.36 21.04
CA LEU D 24 10.02 25.39 20.61
C LEU D 24 10.39 24.48 21.76
N ALA D 25 10.69 23.23 21.45
CA ALA D 25 11.08 22.25 22.45
C ALA D 25 12.04 21.25 21.82
N VAL D 26 13.19 21.06 22.46
CA VAL D 26 14.22 20.15 21.97
C VAL D 26 14.63 19.22 23.11
N GLY D 27 14.77 17.93 22.80
CA GLY D 27 15.17 16.98 23.81
C GLY D 27 15.29 15.59 23.23
N HIS D 28 15.58 14.65 24.12
CA HIS D 28 15.75 13.25 23.71
C HIS D 28 14.39 12.62 23.42
N PRO D 29 14.27 11.75 22.41
CA PRO D 29 12.95 11.21 22.08
C PRO D 29 12.49 10.05 22.94
N TYR D 30 13.38 9.39 23.68
CA TYR D 30 13.01 8.20 24.44
C TYR D 30 12.88 8.48 25.93
N PHE D 31 13.92 9.02 26.55
CA PHE D 31 13.97 9.16 27.99
C PHE D 31 14.68 10.45 28.36
N PRO D 32 14.37 11.04 29.51
CA PRO D 32 15.10 12.24 29.94
C PRO D 32 16.54 11.92 30.27
N ILE D 33 17.41 12.89 30.02
CA ILE D 33 18.84 12.73 30.27
C ILE D 33 19.18 13.44 31.57
N LYS D 34 19.81 12.71 32.49
CA LYS D 34 20.26 13.31 33.74
C LYS D 34 21.54 12.62 34.18
N LYS D 35 22.34 13.34 34.96
CA LYS D 35 23.62 12.85 35.43
C LYS D 35 23.61 12.79 36.95
N PRO D 36 24.25 11.76 37.55
CA PRO D 36 24.25 11.62 39.00
C PRO D 36 24.99 12.74 39.71
N ASN D 38 21.91 13.40 40.47
CA ASN D 38 20.74 14.12 40.94
C ASN D 38 19.54 13.79 40.06
N ASN D 39 18.35 13.78 40.66
CA ASN D 39 17.14 13.45 39.90
C ASN D 39 16.69 14.59 39.00
N LYS D 40 17.30 15.75 39.08
CA LYS D 40 16.92 16.86 38.21
C LYS D 40 17.24 16.53 36.76
N ILE D 41 16.30 16.88 35.87
CA ILE D 41 16.52 16.64 34.45
C ILE D 41 17.59 17.59 33.91
N LEU D 42 18.18 17.19 32.80
CA LEU D 42 19.18 17.97 32.10
C LEU D 42 18.81 18.19 30.64
N VAL D 43 18.18 17.20 30.00
CA VAL D 43 17.62 17.34 28.67
C VAL D 43 16.25 16.67 28.72
N PRO D 44 15.15 17.40 28.58
CA PRO D 44 13.83 16.78 28.77
C PRO D 44 13.51 15.77 27.68
N LYS D 45 12.46 15.01 27.93
CA LYS D 45 11.97 14.03 26.96
C LYS D 45 10.96 14.70 26.05
N VAL D 46 11.35 14.94 24.80
CA VAL D 46 10.48 15.53 23.80
C VAL D 46 10.33 14.52 22.68
N SER D 47 9.11 14.01 22.50
CA SER D 47 8.85 12.94 21.57
C SER D 47 7.64 13.28 20.72
N GLY D 48 7.57 12.66 19.55
CA GLY D 48 6.44 12.90 18.66
C GLY D 48 5.16 12.21 19.08
N LEU D 49 5.22 11.31 20.05
CA LEU D 49 4.05 10.58 20.51
C LEU D 49 3.58 11.04 21.89
N GLN D 50 3.87 12.28 22.26
CA GLN D 50 3.42 12.83 23.51
C GLN D 50 2.23 13.75 23.29
N TYR D 51 1.47 13.98 24.37
CA TYR D 51 0.40 14.94 24.35
C TYR D 51 0.96 16.32 24.66
N ARG D 52 0.53 17.32 23.90
CA ARG D 52 0.85 18.72 24.20
C ARG D 52 -0.45 19.38 24.64
N VAL D 53 -0.61 19.59 25.94
CA VAL D 53 -1.79 20.22 26.51
C VAL D 53 -1.38 21.62 26.93
N PHE D 54 -1.75 22.61 26.12
CA PHE D 54 -1.45 24.00 26.45
C PHE D 54 -2.56 24.58 27.31
N ARG D 55 -2.17 25.22 28.41
CA ARG D 55 -3.11 25.94 29.26
C ARG D 55 -2.99 27.42 28.95
N ILE D 56 -3.92 27.94 28.17
CA ILE D 56 -3.87 29.30 27.66
C ILE D 56 -4.58 30.21 28.63
N HIS D 57 -3.94 31.32 28.99
CA HIS D 57 -4.50 32.32 29.90
C HIS D 57 -4.86 33.57 29.12
N LEU D 58 -6.06 34.04 29.30
CA LEU D 58 -6.53 35.21 28.60
C LEU D 58 -6.62 36.39 29.56
N PRO D 59 -6.48 37.62 29.06
CA PRO D 59 -6.64 38.78 29.95
C PRO D 59 -8.06 38.85 30.47
N ASP D 60 -8.21 39.40 31.66
CA ASP D 60 -9.52 39.50 32.26
C ASP D 60 -10.32 40.58 31.54
N PRO D 61 -11.39 40.25 30.82
CA PRO D 61 -12.12 41.30 30.09
C PRO D 61 -12.72 42.36 31.00
N ASN D 62 -13.12 41.98 32.22
CA ASN D 62 -13.72 42.95 33.12
C ASN D 62 -12.73 44.05 33.48
N LYS D 63 -11.47 43.69 33.72
CA LYS D 63 -10.43 44.63 34.05
C LYS D 63 -9.62 45.08 32.84
N PHE D 64 -9.95 44.58 31.66
CA PHE D 64 -9.21 44.90 30.45
C PHE D 64 -9.49 46.34 30.03
N GLY D 65 -8.45 47.01 29.54
CA GLY D 65 -8.56 48.40 29.13
C GLY D 65 -9.05 48.61 27.71
N PHE D 66 -10.34 48.42 27.48
CA PHE D 66 -10.88 48.65 26.15
C PHE D 66 -10.80 50.14 25.80
N PRO D 67 -10.67 50.48 24.52
CA PRO D 67 -10.67 51.90 24.13
C PRO D 67 -11.98 52.59 24.42
N ASP D 68 -13.07 51.85 24.56
CA ASP D 68 -14.37 52.43 24.88
C ASP D 68 -15.15 51.40 25.71
N THR D 69 -16.00 51.90 26.60
CA THR D 69 -16.75 51.04 27.51
C THR D 69 -18.24 51.37 27.50
N SER D 70 -18.77 51.87 26.38
CA SER D 70 -20.18 52.20 26.28
C SER D 70 -21.02 51.03 25.78
N PHE D 71 -20.41 49.90 25.45
CA PHE D 71 -21.15 48.76 24.90
C PHE D 71 -21.75 47.87 25.97
N TYR D 72 -21.52 48.17 27.25
CA TYR D 72 -22.10 47.39 28.32
C TYR D 72 -22.20 48.25 29.57
N ASN D 73 -23.03 47.82 30.51
CA ASN D 73 -23.20 48.54 31.76
C ASN D 73 -22.47 47.78 32.85
N PRO D 74 -21.29 48.23 33.29
CA PRO D 74 -20.53 47.42 34.28
C PRO D 74 -21.27 47.22 35.58
N ASP D 75 -22.26 48.05 35.89
CA ASP D 75 -22.97 47.91 37.15
C ASP D 75 -23.74 46.60 37.22
N THR D 76 -24.33 46.18 36.10
CA THR D 76 -25.21 45.01 36.08
C THR D 76 -24.82 43.98 35.02
N GLN D 77 -23.63 44.08 34.44
CA GLN D 77 -23.19 43.14 33.42
C GLN D 77 -21.71 42.86 33.59
N ARG D 78 -21.31 41.65 33.19
CA ARG D 78 -19.91 41.23 33.19
C ARG D 78 -19.56 40.71 31.82
N LEU D 79 -18.26 40.61 31.55
CA LEU D 79 -17.75 40.23 30.25
C LEU D 79 -17.03 38.89 30.31
N VAL D 80 -17.08 38.16 29.20
CA VAL D 80 -16.39 36.89 29.06
C VAL D 80 -15.93 36.76 27.62
N TRP D 81 -14.86 36.00 27.41
CA TRP D 81 -14.35 35.75 26.07
C TRP D 81 -15.04 34.53 25.48
N ALA D 82 -15.07 34.47 24.15
CA ALA D 82 -15.65 33.36 23.42
C ALA D 82 -14.81 33.07 22.20
N CYS D 83 -14.29 31.84 22.11
CA CYS D 83 -13.45 31.44 20.99
C CYS D 83 -14.31 31.23 19.75
N VAL D 84 -13.89 31.82 18.64
CA VAL D 84 -14.60 31.69 17.37
C VAL D 84 -13.70 31.24 16.23
N GLY D 85 -12.41 31.03 16.49
CA GLY D 85 -11.50 30.59 15.46
C GLY D 85 -10.15 30.21 16.04
N VAL D 86 -9.53 29.15 15.53
CA VAL D 86 -8.27 28.65 16.04
C VAL D 86 -7.44 28.14 14.88
N GLU D 87 -6.12 28.17 15.04
CA GLU D 87 -5.22 27.59 14.06
C GLU D 87 -3.98 27.10 14.79
N VAL D 88 -3.67 25.82 14.65
CA VAL D 88 -2.47 25.23 15.23
C VAL D 88 -1.42 25.17 14.14
N GLY D 89 -0.28 25.82 14.38
CA GLY D 89 0.75 25.93 13.37
C GLY D 89 1.90 24.97 13.64
N ARG D 90 2.21 24.16 12.64
CA ARG D 90 3.27 23.18 12.72
C ARG D 90 4.33 23.54 11.69
N GLY D 91 5.59 23.60 12.11
CA GLY D 91 6.62 24.17 11.27
C GLY D 91 7.61 23.19 10.70
N GLN D 92 7.84 22.08 11.38
CA GLN D 92 8.89 21.17 11.00
C GLN D 92 8.47 20.32 9.80
N PRO D 93 9.43 19.74 9.09
CA PRO D 93 9.08 18.91 7.92
C PRO D 93 8.43 17.60 8.33
N LEU D 94 7.61 17.07 7.43
CA LEU D 94 6.98 15.78 7.67
C LEU D 94 8.04 14.68 7.77
N GLY D 95 7.79 13.73 8.65
CA GLY D 95 8.73 12.63 8.85
C GLY D 95 8.11 11.58 9.74
N VAL D 96 8.85 10.49 9.90
CA VAL D 96 8.42 9.35 10.70
C VAL D 96 9.56 8.93 11.61
N GLY D 97 9.26 8.74 12.89
CA GLY D 97 10.27 8.39 13.86
C GLY D 97 10.20 6.94 14.28
N ILE D 98 11.35 6.41 14.69
CA ILE D 98 11.50 5.01 15.06
C ILE D 98 11.91 4.93 16.52
N SER D 99 11.29 4.01 17.25
CA SER D 99 11.67 3.71 18.61
C SER D 99 11.69 2.20 18.80
N GLY D 100 12.53 1.74 19.72
CA GLY D 100 12.65 0.31 19.97
C GLY D 100 13.27 0.05 21.31
N HIS D 101 13.37 -1.24 21.64
CA HIS D 101 13.94 -1.70 22.89
C HIS D 101 15.16 -2.55 22.61
N PRO D 102 16.31 -2.28 23.24
CA PRO D 102 17.47 -3.16 23.02
C PRO D 102 17.25 -4.58 23.47
N LEU D 103 16.29 -4.83 24.37
CA LEU D 103 16.07 -6.14 24.95
C LEU D 103 14.58 -6.48 24.92
N LEU D 104 13.94 -6.27 23.77
CA LEU D 104 12.53 -6.58 23.64
C LEU D 104 12.30 -8.07 23.87
N ASN D 105 11.17 -8.40 24.50
CA ASN D 105 10.83 -9.78 24.82
C ASN D 105 10.17 -10.41 23.60
N LYS D 106 10.99 -11.03 22.75
CA LYS D 106 10.51 -11.64 21.52
C LYS D 106 11.21 -12.98 21.36
N LEU D 107 10.43 -14.05 21.18
CA LEU D 107 11.01 -15.38 21.07
C LEU D 107 11.41 -15.71 19.64
N ASP D 108 10.45 -15.68 18.71
CA ASP D 108 10.76 -15.95 17.32
C ASP D 108 9.60 -15.48 16.45
N ASP D 109 9.86 -15.43 15.16
CA ASP D 109 8.87 -14.94 14.20
C ASP D 109 7.95 -16.07 13.77
N THR D 110 6.65 -15.87 13.99
CA THR D 110 5.65 -16.89 13.69
C THR D 110 4.93 -16.64 12.36
N GLU D 111 5.14 -15.48 11.74
CA GLU D 111 4.51 -15.19 10.46
C GLU D 111 4.82 -16.28 9.44
N ASN D 112 6.05 -16.80 9.45
CA ASN D 112 6.48 -17.80 8.49
C ASN D 112 7.74 -18.47 9.03
N ALA D 113 7.88 -19.76 8.73
CA ALA D 113 9.03 -20.51 9.23
C ALA D 113 10.33 -19.84 8.80
N SER D 114 11.29 -19.78 9.71
CA SER D 114 12.55 -19.10 9.49
C SER D 114 13.70 -20.11 9.49
N ALA D 115 14.83 -19.69 8.93
CA ALA D 115 15.97 -20.58 8.83
C ALA D 115 16.47 -20.99 10.21
N TYR D 116 16.54 -20.06 11.15
CA TYR D 116 17.02 -20.32 12.49
C TYR D 116 15.92 -19.98 13.49
N ALA D 117 15.76 -20.82 14.49
CA ALA D 117 14.75 -20.63 15.52
C ALA D 117 15.42 -20.51 16.88
N ALA D 118 14.75 -19.79 17.79
CA ALA D 118 15.31 -19.57 19.11
C ALA D 118 15.60 -20.90 19.79
N ASN D 119 16.77 -20.99 20.43
CA ASN D 119 17.23 -22.21 21.06
C ASN D 119 16.73 -22.38 22.47
N ALA D 120 15.62 -21.74 22.82
CA ALA D 120 15.13 -21.76 24.21
C ALA D 120 16.21 -21.12 25.07
N GLY D 121 16.27 -21.48 26.34
CA GLY D 121 17.26 -20.93 27.24
C GLY D 121 16.64 -20.09 28.34
N VAL D 122 17.44 -19.16 28.85
CA VAL D 122 17.07 -18.37 30.02
C VAL D 122 16.70 -16.94 29.63
N ASP D 123 17.25 -16.44 28.52
CA ASP D 123 17.03 -15.06 28.11
C ASP D 123 17.10 -14.99 26.59
N ASN D 124 15.97 -14.74 25.94
CA ASN D 124 15.88 -14.70 24.49
C ASN D 124 15.58 -13.30 23.96
N ARG D 125 15.82 -12.28 24.77
CA ARG D 125 15.48 -10.93 24.37
C ARG D 125 16.33 -10.46 23.20
N GLU D 126 15.71 -9.69 22.30
CA GLU D 126 16.34 -9.23 21.07
C GLU D 126 16.20 -7.72 20.96
N CYS D 127 17.08 -7.13 20.14
CA CYS D 127 17.03 -5.69 19.86
C CYS D 127 16.12 -5.46 18.66
N ILE D 128 14.94 -4.91 18.92
CA ILE D 128 13.91 -4.76 17.89
C ILE D 128 13.32 -3.36 17.97
N SER D 129 13.02 -2.78 16.81
CA SER D 129 12.44 -1.46 16.71
C SER D 129 11.31 -1.47 15.69
N MET D 130 10.36 -0.55 15.85
CA MET D 130 9.23 -0.47 14.94
C MET D 130 8.74 0.97 14.89
N ASP D 131 8.17 1.34 13.74
CA ASP D 131 7.46 2.60 13.62
C ASP D 131 6.05 2.44 14.19
N TYR D 132 5.54 3.53 14.75
CA TYR D 132 4.33 3.44 15.56
C TYR D 132 3.08 3.72 14.73
N LYS D 133 1.93 3.52 15.38
CA LYS D 133 0.65 3.91 14.80
C LYS D 133 0.61 5.42 14.59
N GLN D 134 0.01 5.84 13.50
CA GLN D 134 -0.07 7.24 13.14
C GLN D 134 -1.32 7.86 13.75
N THR D 135 -1.19 9.04 14.33
CA THR D 135 -2.29 9.70 15.00
C THR D 135 -2.20 11.21 14.79
N GLN D 136 -3.36 11.86 14.84
CA GLN D 136 -3.45 13.32 14.77
C GLN D 136 -4.75 13.71 15.44
N LEU D 137 -4.69 14.45 16.55
CA LEU D 137 -5.93 14.88 17.18
C LEU D 137 -5.74 16.25 17.79
N CYS D 138 -6.82 17.02 17.82
CA CYS D 138 -6.84 18.35 18.40
C CYS D 138 -8.15 18.55 19.13
N LEU D 139 -8.08 18.71 20.45
CA LEU D 139 -9.26 18.97 21.27
C LEU D 139 -9.15 20.37 21.85
N ILE D 140 -10.26 21.09 21.83
CA ILE D 140 -10.33 22.45 22.36
C ILE D 140 -11.46 22.52 23.37
N GLY D 141 -11.18 23.08 24.54
CA GLY D 141 -12.20 23.22 25.57
C GLY D 141 -11.70 24.12 26.67
N CYS D 142 -12.61 24.46 27.58
CA CYS D 142 -12.27 25.31 28.72
C CYS D 142 -12.00 24.50 29.98
N LYS D 143 -11.88 23.18 29.87
CA LYS D 143 -11.55 22.32 30.99
C LYS D 143 -10.58 21.25 30.52
N PRO D 144 -9.78 20.68 31.42
CA PRO D 144 -8.78 19.72 30.99
C PRO D 144 -9.44 18.52 30.33
N PRO D 145 -8.81 17.94 29.32
CA PRO D 145 -9.37 16.74 28.69
C PRO D 145 -9.30 15.55 29.63
N ILE D 146 -10.12 14.54 29.30
CA ILE D 146 -10.21 13.31 30.08
C ILE D 146 -9.76 12.17 29.21
N GLY D 147 -9.01 11.23 29.79
CA GLY D 147 -8.51 10.07 29.08
C GLY D 147 -8.81 8.79 29.81
N GLU D 148 -8.65 7.65 29.14
CA GLU D 148 -8.98 6.36 29.72
C GLU D 148 -7.90 5.34 29.37
N HIS D 149 -7.59 4.46 30.31
CA HIS D 149 -6.58 3.44 30.12
C HIS D 149 -6.87 2.28 31.05
N TRP D 150 -6.34 1.11 30.70
CA TRP D 150 -6.51 -0.09 31.50
C TRP D 150 -5.40 -0.17 32.53
N GLY D 151 -5.76 -0.05 33.81
CA GLY D 151 -4.79 -0.16 34.88
C GLY D 151 -5.17 -1.28 35.84
N LYS D 152 -4.27 -1.53 36.77
CA LYS D 152 -4.49 -2.59 37.76
C LYS D 152 -5.74 -2.27 38.59
N GLY D 153 -6.60 -3.26 38.75
CA GLY D 153 -7.87 -3.08 39.42
C GLY D 153 -7.79 -3.35 40.91
N SER D 154 -8.96 -3.41 41.52
CA SER D 154 -9.04 -3.65 42.96
C SER D 154 -8.50 -5.04 43.28
N PRO D 155 -7.63 -5.18 44.29
CA PRO D 155 -7.13 -6.51 44.66
C PRO D 155 -8.12 -7.30 45.50
N VAL D 161 -4.64 -15.23 46.50
CA VAL D 161 -3.82 -15.03 45.32
C VAL D 161 -2.45 -15.66 45.51
N GLN D 162 -1.77 -15.94 44.41
CA GLN D 162 -0.43 -16.50 44.40
C GLN D 162 0.48 -15.62 43.58
N PRO D 163 1.79 -15.69 43.80
CA PRO D 163 2.71 -14.88 42.97
C PRO D 163 2.57 -15.25 41.50
N GLY D 164 2.60 -14.23 40.65
CA GLY D 164 2.53 -14.44 39.23
C GLY D 164 1.13 -14.58 38.65
N ASP D 165 0.09 -14.47 39.47
CA ASP D 165 -1.26 -14.56 38.95
C ASP D 165 -1.62 -13.30 38.16
N CYS D 166 -2.58 -13.46 37.25
CA CYS D 166 -2.95 -12.37 36.36
C CYS D 166 -3.50 -11.20 37.17
N PRO D 167 -3.01 -9.98 36.97
CA PRO D 167 -3.56 -8.84 37.69
C PRO D 167 -5.01 -8.63 37.32
N PRO D 168 -5.83 -8.15 38.26
CA PRO D 168 -7.16 -7.68 37.88
C PRO D 168 -7.04 -6.48 36.96
N LEU D 169 -8.01 -6.34 36.05
CA LEU D 169 -7.96 -5.33 35.01
C LEU D 169 -9.15 -4.40 35.17
N GLU D 170 -8.89 -3.09 35.10
CA GLU D 170 -9.89 -2.08 35.38
C GLU D 170 -9.69 -0.90 34.43
N LEU D 171 -10.77 -0.17 34.18
CA LEU D 171 -10.73 1.00 33.31
C LEU D 171 -10.75 2.26 34.16
N ILE D 172 -9.76 3.12 33.97
CA ILE D 172 -9.54 4.30 34.81
C ILE D 172 -9.62 5.54 33.94
N ASN D 173 -10.22 6.60 34.48
CA ASN D 173 -10.28 7.90 33.83
C ASN D 173 -9.39 8.87 34.58
N THR D 174 -8.55 9.59 33.85
CA THR D 174 -7.64 10.56 34.46
C THR D 174 -7.42 11.72 33.49
N VAL D 175 -7.15 12.88 34.05
CA VAL D 175 -6.93 14.09 33.25
C VAL D 175 -5.64 13.93 32.46
N ILE D 176 -5.72 14.19 31.15
CA ILE D 176 -4.52 14.15 30.32
C ILE D 176 -3.66 15.36 30.62
N GLN D 177 -2.35 15.16 30.65
CA GLN D 177 -1.39 16.20 30.96
C GLN D 177 -0.33 16.27 29.87
N ASP D 178 0.42 17.37 29.88
CA ASP D 178 1.54 17.49 28.96
C ASP D 178 2.56 16.40 29.22
N GLY D 179 3.01 15.75 28.16
CA GLY D 179 3.99 14.69 28.25
C GLY D 179 3.42 13.30 28.37
N ASP D 180 2.12 13.15 28.58
CA ASP D 180 1.53 11.83 28.63
C ASP D 180 1.55 11.20 27.26
N MET D 181 1.96 9.94 27.19
CA MET D 181 2.15 9.25 25.92
C MET D 181 0.81 8.84 25.36
N VAL D 182 0.68 8.92 24.04
CA VAL D 182 -0.53 8.51 23.35
C VAL D 182 -0.45 7.03 23.03
N ASP D 183 -1.60 6.42 22.76
CA ASP D 183 -1.61 5.01 22.40
C ASP D 183 -0.83 4.81 21.11
N THR D 184 -0.10 3.70 21.02
CA THR D 184 0.87 3.51 19.95
C THR D 184 0.71 2.17 19.22
N GLY D 185 -0.44 1.53 19.32
CA GLY D 185 -0.66 0.24 18.69
C GLY D 185 -0.51 -0.95 19.61
N PHE D 186 -0.03 -0.75 20.83
CA PHE D 186 0.00 -1.79 21.85
C PHE D 186 -1.15 -1.69 22.82
N GLY D 187 -2.09 -0.79 22.60
CA GLY D 187 -3.21 -0.59 23.49
C GLY D 187 -2.97 0.53 24.47
N ALA D 188 -4.06 1.06 25.02
CA ALA D 188 -3.99 2.10 26.04
C ALA D 188 -4.00 1.41 27.39
N MET D 189 -2.83 1.28 28.00
CA MET D 189 -2.71 0.54 29.25
C MET D 189 -1.55 1.09 30.06
N ASP D 190 -1.54 0.74 31.35
CA ASP D 190 -0.53 1.21 32.29
C ASP D 190 0.59 0.18 32.36
N PHE D 191 1.54 0.31 31.44
CA PHE D 191 2.60 -0.69 31.31
C PHE D 191 3.40 -0.83 32.59
N THR D 192 3.67 0.28 33.27
CA THR D 192 4.55 0.23 34.45
C THR D 192 4.09 -0.84 35.42
N THR D 193 2.78 -0.95 35.65
CA THR D 193 2.25 -1.90 36.62
C THR D 193 1.72 -3.18 35.98
N LEU D 194 1.22 -3.13 34.76
CA LEU D 194 0.68 -4.33 34.14
C LEU D 194 1.74 -5.19 33.47
N GLN D 195 2.99 -4.75 33.39
CA GLN D 195 4.07 -5.54 32.80
C GLN D 195 5.27 -5.47 33.74
N ALA D 196 5.33 -6.40 34.70
CA ALA D 196 6.46 -6.46 35.60
C ALA D 196 7.75 -6.86 34.90
N ASN D 197 7.64 -7.42 33.69
CA ASN D 197 8.83 -7.82 32.95
C ASN D 197 9.68 -6.61 32.61
N LYS D 198 9.05 -5.51 32.21
CA LYS D 198 9.71 -4.25 31.90
C LYS D 198 10.37 -4.29 30.53
N SER D 199 10.07 -5.28 29.69
CA SER D 199 10.65 -5.34 28.35
C SER D 199 9.63 -5.78 27.30
N GLU D 200 8.34 -5.59 27.54
CA GLU D 200 7.34 -6.01 26.57
C GLU D 200 7.16 -5.01 25.44
N VAL D 201 7.49 -3.74 25.65
CA VAL D 201 7.20 -2.68 24.69
C VAL D 201 8.40 -1.78 24.56
N PRO D 202 8.44 -0.96 23.50
CA PRO D 202 9.63 -0.16 23.23
C PRO D 202 10.02 0.72 24.40
N LEU D 203 11.19 1.34 24.26
CA LEU D 203 11.87 1.95 25.39
C LEU D 203 11.14 3.18 25.91
N ASP D 204 10.38 3.87 25.06
CA ASP D 204 9.77 5.14 25.45
C ASP D 204 8.39 4.98 26.07
N ILE D 205 7.86 3.76 26.17
CA ILE D 205 6.58 3.53 26.84
C ILE D 205 6.63 2.39 27.83
N CYS D 206 7.78 1.75 28.03
CA CYS D 206 7.85 0.61 28.93
C CYS D 206 7.68 1.02 30.40
N THR D 207 7.75 2.30 30.71
CA THR D 207 7.53 2.79 32.07
C THR D 207 6.64 4.03 32.03
N SER D 208 5.55 3.96 31.27
CA SER D 208 4.64 5.10 31.12
C SER D 208 3.24 4.57 30.90
N ILE D 209 2.28 5.49 30.83
CA ILE D 209 0.87 5.17 30.62
C ILE D 209 0.47 5.72 29.26
N CYS D 210 -0.13 4.87 28.44
CA CYS D 210 -0.64 5.28 27.14
C CYS D 210 -2.12 5.59 27.30
N LYS D 211 -2.48 6.87 27.23
CA LYS D 211 -3.84 7.33 27.46
C LYS D 211 -4.52 7.60 26.13
N TYR D 212 -5.79 7.23 26.04
CA TYR D 212 -6.61 7.52 24.88
C TYR D 212 -7.75 8.46 25.29
N PRO D 213 -8.06 9.49 24.51
CA PRO D 213 -9.12 10.41 24.92
C PRO D 213 -10.44 9.67 25.09
N ASP D 214 -11.18 10.06 26.14
CA ASP D 214 -12.49 9.47 26.41
C ASP D 214 -13.54 10.32 25.69
N TYR D 215 -13.66 10.06 24.39
CA TYR D 215 -14.58 10.86 23.59
C TYR D 215 -16.01 10.70 24.08
N ILE D 216 -16.40 9.48 24.43
CA ILE D 216 -17.77 9.25 24.88
C ILE D 216 -18.06 10.05 26.14
N LYS D 217 -17.19 9.96 27.14
CA LYS D 217 -17.43 10.66 28.39
C LYS D 217 -17.39 12.17 28.19
N MET D 218 -16.42 12.66 27.42
CA MET D 218 -16.32 14.10 27.23
C MET D 218 -17.52 14.66 26.48
N VAL D 219 -18.01 13.93 25.47
CA VAL D 219 -19.15 14.40 24.70
C VAL D 219 -20.42 14.33 25.54
N SER D 220 -20.59 13.27 26.33
CA SER D 220 -21.84 13.03 27.03
C SER D 220 -22.00 13.82 28.31
N GLU D 221 -20.96 14.53 28.76
CA GLU D 221 -21.07 15.25 30.02
C GLU D 221 -22.08 16.40 29.88
N PRO D 222 -22.75 16.77 30.98
CA PRO D 222 -23.92 17.66 30.85
C PRO D 222 -23.63 19.01 30.21
N TYR D 223 -22.48 19.63 30.51
CA TYR D 223 -22.26 21.01 30.12
C TYR D 223 -21.39 21.17 28.88
N GLY D 224 -20.64 20.16 28.49
CA GLY D 224 -19.80 20.27 27.32
C GLY D 224 -18.68 21.29 27.45
N ASP D 225 -18.14 21.48 28.66
CA ASP D 225 -17.01 22.37 28.82
C ASP D 225 -15.74 21.77 28.23
N SER D 226 -15.58 20.45 28.34
CA SER D 226 -14.31 19.82 28.01
C SER D 226 -14.09 19.69 26.51
N LEU D 227 -15.11 19.89 25.69
CA LEU D 227 -14.96 19.65 24.25
C LEU D 227 -15.88 20.60 23.48
N PHE D 228 -15.34 21.75 23.07
CA PHE D 228 -16.01 22.57 22.07
C PHE D 228 -15.92 21.95 20.69
N PHE D 229 -14.74 21.47 20.32
CA PHE D 229 -14.46 21.03 18.96
C PHE D 229 -13.32 20.05 19.01
N TYR D 230 -13.33 19.06 18.12
CA TYR D 230 -12.29 18.05 18.14
C TYR D 230 -12.16 17.40 16.77
N LEU D 231 -10.92 17.03 16.45
CA LEU D 231 -10.58 16.32 15.22
C LEU D 231 -9.70 15.14 15.55
N ARG D 232 -9.75 14.10 14.73
CA ARG D 232 -8.90 12.94 14.95
C ARG D 232 -8.67 12.21 13.63
N ARG D 233 -7.50 11.58 13.52
CA ARG D 233 -7.17 10.71 12.41
C ARG D 233 -6.19 9.67 12.91
N GLU D 234 -6.44 8.41 12.56
CA GLU D 234 -5.59 7.32 13.00
C GLU D 234 -5.46 6.30 11.87
N GLN D 235 -4.39 5.52 11.90
CA GLN D 235 -4.24 4.43 10.96
C GLN D 235 -3.04 3.58 11.35
N MET D 236 -3.12 2.29 11.06
CA MET D 236 -2.01 1.38 11.33
C MET D 236 -2.31 0.03 10.68
N PHE D 237 -1.26 -0.67 10.28
CA PHE D 237 -1.36 -2.04 9.82
C PHE D 237 -0.26 -2.87 10.47
N VAL D 238 -0.54 -4.15 10.68
CA VAL D 238 0.46 -5.03 11.29
C VAL D 238 1.64 -5.19 10.34
N ARG D 239 2.84 -4.97 10.86
CA ARG D 239 4.07 -5.05 10.10
C ARG D 239 4.68 -6.44 10.23
N HIS D 240 4.84 -6.93 11.45
CA HIS D 240 5.39 -8.25 11.72
C HIS D 240 4.57 -8.92 12.81
N LEU D 241 4.56 -10.24 12.78
CA LEU D 241 3.88 -11.06 13.79
C LEU D 241 4.94 -11.83 14.56
N PHE D 242 4.98 -11.64 15.87
CA PHE D 242 6.03 -12.19 16.72
C PHE D 242 5.43 -13.09 17.79
N ASN D 243 6.29 -13.54 18.69
CA ASN D 243 5.94 -14.45 19.76
C ASN D 243 6.53 -13.94 21.06
N ARG D 244 5.92 -14.30 22.18
CA ARG D 244 6.39 -13.88 23.49
C ARG D 244 7.11 -15.03 24.17
N ALA D 245 8.01 -14.68 25.09
CA ALA D 245 8.75 -15.66 25.87
C ALA D 245 8.43 -15.51 27.35
N GLY D 246 8.54 -16.61 28.07
CA GLY D 246 8.21 -16.67 29.48
C GLY D 246 7.25 -17.79 29.79
N THR D 247 7.12 -18.06 31.09
CA THR D 247 6.23 -19.12 31.52
C THR D 247 4.80 -18.81 31.08
N VAL D 248 4.08 -19.86 30.72
CA VAL D 248 2.73 -19.70 30.17
C VAL D 248 1.77 -19.40 31.31
N GLY D 249 0.98 -18.33 31.16
CA GLY D 249 0.02 -17.97 32.18
C GLY D 249 -1.08 -19.02 32.31
N GLU D 250 -1.79 -19.28 31.21
CA GLU D 250 -2.82 -20.30 31.16
C GLU D 250 -2.52 -21.27 30.03
N ASN D 251 -2.48 -22.56 30.35
CA ASN D 251 -2.21 -23.56 29.34
C ASN D 251 -3.36 -23.67 28.36
N VAL D 252 -3.03 -23.97 27.11
CA VAL D 252 -4.08 -24.14 26.10
C VAL D 252 -4.96 -25.32 26.51
N PRO D 253 -6.29 -25.21 26.45
CA PRO D 253 -7.12 -26.36 26.77
C PRO D 253 -6.78 -27.55 25.87
N ASP D 254 -6.80 -28.74 26.47
CA ASP D 254 -6.40 -29.93 25.74
C ASP D 254 -7.42 -30.35 24.69
N ASP D 255 -8.61 -29.74 24.67
CA ASP D 255 -9.63 -30.08 23.69
C ASP D 255 -9.52 -29.27 22.41
N LEU D 256 -8.57 -28.34 22.32
CA LEU D 256 -8.40 -27.52 21.13
C LEU D 256 -7.32 -28.03 20.19
N TYR D 257 -6.59 -29.08 20.56
CA TYR D 257 -5.52 -29.59 19.73
C TYR D 257 -5.29 -31.06 20.06
N ILE D 258 -4.55 -31.74 19.18
CA ILE D 258 -4.21 -33.14 19.35
C ILE D 258 -2.73 -33.23 19.70
N LYS D 259 -2.43 -33.96 20.77
CA LYS D 259 -1.05 -34.05 21.24
C LYS D 259 -0.13 -34.56 20.14
N GLY D 260 1.04 -33.95 20.04
CA GLY D 260 2.06 -34.39 19.12
C GLY D 260 2.99 -35.42 19.74
N SER D 261 4.08 -35.69 19.03
CA SER D 261 5.10 -36.60 19.53
C SER D 261 6.46 -36.11 19.07
N GLY D 262 7.47 -36.29 19.91
CA GLY D 262 8.81 -35.85 19.60
C GLY D 262 9.00 -34.37 19.82
N SER D 263 9.41 -33.65 18.76
CA SER D 263 9.64 -32.21 18.89
C SER D 263 8.34 -31.48 19.25
N THR D 264 7.22 -31.88 18.64
CA THR D 264 5.95 -31.23 18.86
C THR D 264 5.31 -31.60 20.20
N ALA D 265 5.99 -32.44 21.01
CA ALA D 265 5.40 -32.84 22.28
C ALA D 265 5.15 -31.66 23.19
N ASN D 266 5.96 -30.61 23.09
CA ASN D 266 5.81 -29.41 23.89
C ASN D 266 5.30 -28.28 23.02
N LEU D 267 4.22 -27.65 23.44
CA LEU D 267 3.64 -26.55 22.68
C LEU D 267 4.56 -25.33 22.72
N ALA D 268 4.63 -24.62 21.60
CA ALA D 268 5.33 -23.36 21.55
C ALA D 268 4.48 -22.26 22.16
N SER D 269 5.12 -21.15 22.49
CA SER D 269 4.41 -20.04 23.13
C SER D 269 3.31 -19.53 22.21
N SER D 270 2.12 -19.33 22.79
CA SER D 270 0.96 -18.88 22.04
C SER D 270 0.58 -17.44 22.34
N ASN D 271 1.49 -16.66 22.91
CA ASN D 271 1.23 -15.26 23.25
C ASN D 271 1.75 -14.38 22.11
N TYR D 272 0.92 -14.25 21.07
CA TYR D 272 1.29 -13.49 19.90
C TYR D 272 1.08 -12.00 20.12
N PHE D 273 1.93 -11.19 19.48
CA PHE D 273 1.79 -9.75 19.52
C PHE D 273 2.28 -9.18 18.20
N PRO D 274 1.57 -8.25 17.60
CA PRO D 274 2.04 -7.62 16.36
C PRO D 274 2.85 -6.35 16.67
N THR D 275 3.61 -5.94 15.66
CA THR D 275 4.31 -4.67 15.71
C THR D 275 3.62 -3.71 14.77
N PRO D 276 3.09 -2.57 15.25
CA PRO D 276 2.31 -1.70 14.37
C PRO D 276 3.19 -1.00 13.35
N SER D 277 2.52 -0.26 12.46
CA SER D 277 3.19 0.53 11.45
C SER D 277 2.22 1.60 10.97
N GLY D 278 2.72 2.83 10.83
CA GLY D 278 1.86 3.93 10.46
C GLY D 278 1.60 4.11 8.99
N SER D 279 2.30 3.38 8.13
CA SER D 279 2.15 3.52 6.68
C SER D 279 2.65 4.92 6.28
N MET D 280 2.04 5.51 5.26
CA MET D 280 2.52 6.77 4.71
C MET D 280 1.99 7.96 5.51
N VAL D 281 2.86 8.97 5.65
CA VAL D 281 2.45 10.30 6.08
C VAL D 281 2.45 11.18 4.85
N THR D 282 1.31 11.79 4.55
CA THR D 282 1.13 12.56 3.34
C THR D 282 0.60 13.94 3.68
N SER D 283 0.85 14.89 2.78
CA SER D 283 0.46 16.27 3.04
C SER D 283 -1.03 16.51 2.84
N ASP D 284 -1.69 15.66 2.05
CA ASP D 284 -3.11 15.86 1.81
C ASP D 284 -3.96 15.43 2.99
N ALA D 285 -3.44 14.55 3.85
CA ALA D 285 -4.18 14.05 4.99
C ALA D 285 -3.93 14.86 6.25
N GLN D 286 -3.19 15.96 6.17
CA GLN D 286 -2.87 16.74 7.34
C GLN D 286 -4.11 17.35 7.95
N ILE D 287 -4.08 17.50 9.28
CA ILE D 287 -5.17 18.16 10.01
C ILE D 287 -4.82 19.60 10.37
N PHE D 288 -3.54 19.93 10.55
CA PHE D 288 -3.10 21.20 11.08
C PHE D 288 -2.84 22.19 9.95
N ASN D 289 -2.37 23.38 10.33
CA ASN D 289 -2.11 24.46 9.39
C ASN D 289 -3.37 24.85 8.63
N LYS D 290 -4.53 24.66 9.24
CA LYS D 290 -5.80 25.09 8.67
C LYS D 290 -6.61 25.74 9.79
N PRO D 291 -7.45 26.72 9.48
CA PRO D 291 -8.25 27.37 10.52
C PRO D 291 -9.54 26.60 10.78
N TYR D 292 -9.77 26.27 12.05
CA TYR D 292 -11.01 25.65 12.48
C TYR D 292 -11.93 26.74 13.03
N TRP D 293 -13.16 26.78 12.55
CA TRP D 293 -14.15 27.76 13.00
C TRP D 293 -15.09 27.09 13.98
N LEU D 294 -15.21 27.68 15.17
CA LEU D 294 -16.04 27.13 16.24
C LEU D 294 -17.39 27.82 16.32
N GLN D 295 -17.95 28.19 15.16
CA GLN D 295 -19.21 28.94 15.17
C GLN D 295 -20.33 28.21 15.89
N ARG D 296 -20.33 26.88 15.87
CA ARG D 296 -21.36 26.12 16.60
C ARG D 296 -20.73 24.85 17.14
N ALA D 297 -20.80 24.69 18.45
CA ALA D 297 -20.26 23.52 19.12
C ALA D 297 -21.33 22.45 19.30
N GLN D 298 -20.88 21.23 19.58
CA GLN D 298 -21.80 20.12 19.80
C GLN D 298 -22.60 20.31 21.10
N GLY D 299 -21.90 20.62 22.20
CA GLY D 299 -22.51 20.65 23.50
C GLY D 299 -23.30 21.93 23.73
N HIS D 300 -23.58 22.18 25.01
CA HIS D 300 -24.30 23.39 25.39
C HIS D 300 -23.39 24.61 25.46
N ASN D 301 -22.12 24.42 25.81
CA ASN D 301 -21.17 25.53 25.83
C ASN D 301 -20.74 25.83 24.40
N ASN D 302 -21.20 26.95 23.87
CA ASN D 302 -20.93 27.32 22.49
C ASN D 302 -19.67 28.17 22.36
N GLY D 303 -18.57 27.69 22.92
CA GLY D 303 -17.30 28.36 22.78
C GLY D 303 -16.98 29.38 23.84
N ILE D 304 -17.73 29.43 24.93
CA ILE D 304 -17.47 30.38 26.00
C ILE D 304 -16.29 29.88 26.83
N CYS D 305 -15.34 30.76 27.10
CA CYS D 305 -14.14 30.41 27.87
C CYS D 305 -14.35 30.81 29.32
N TRP D 306 -15.10 29.98 30.05
CA TRP D 306 -15.35 30.25 31.46
C TRP D 306 -14.04 30.29 32.23
N GLY D 307 -13.88 31.30 33.07
CA GLY D 307 -12.69 31.42 33.87
C GLY D 307 -11.48 31.98 33.15
N ASN D 308 -11.66 32.46 31.92
CA ASN D 308 -10.56 33.02 31.15
C ASN D 308 -9.47 31.98 30.90
N GLN D 309 -9.87 30.83 30.35
CA GLN D 309 -8.94 29.75 30.08
C GLN D 309 -9.31 29.02 28.80
N LEU D 310 -8.33 28.35 28.23
CA LEU D 310 -8.52 27.42 27.14
C LEU D 310 -7.57 26.25 27.34
N PHE D 311 -7.85 25.14 26.67
CA PHE D 311 -7.02 23.95 26.73
C PHE D 311 -6.96 23.35 25.33
N VAL D 312 -5.82 23.48 24.68
CA VAL D 312 -5.62 22.97 23.33
C VAL D 312 -4.70 21.76 23.43
N THR D 313 -5.26 20.58 23.28
CA THR D 313 -4.51 19.33 23.28
C THR D 313 -4.19 18.96 21.84
N VAL D 314 -2.95 18.59 21.57
CA VAL D 314 -2.50 18.28 20.22
C VAL D 314 -1.62 17.04 20.27
N VAL D 315 -1.84 16.12 19.32
CA VAL D 315 -0.96 15.00 19.07
C VAL D 315 -0.67 15.00 17.57
N ASP D 316 0.60 14.90 17.21
CA ASP D 316 0.99 14.93 15.80
C ASP D 316 2.22 14.04 15.61
N THR D 317 1.99 12.80 15.20
CA THR D 317 3.08 11.85 14.99
C THR D 317 3.57 11.85 13.54
N THR D 318 3.12 12.80 12.74
CA THR D 318 3.58 12.93 11.35
C THR D 318 4.77 13.87 11.21
N ARG D 319 5.30 14.38 12.30
CA ARG D 319 6.54 15.16 12.29
C ARG D 319 7.48 14.65 13.38
N SER D 320 7.54 13.33 13.54
CA SER D 320 8.27 12.70 14.64
C SER D 320 9.66 12.24 14.22
N THR D 321 10.29 12.92 13.27
CA THR D 321 11.59 12.48 12.81
C THR D 321 12.67 12.87 13.81
N ASN D 322 13.42 11.88 14.29
CA ASN D 322 14.54 12.12 15.18
C ASN D 322 15.81 12.37 14.37
N MET D 323 16.69 13.20 14.93
CA MET D 323 17.89 13.65 14.22
C MET D 323 19.09 12.94 14.79
N SER D 324 19.69 12.05 14.00
CA SER D 324 20.96 11.46 14.39
C SER D 324 21.99 12.56 14.54
N LEU D 325 22.85 12.45 15.55
CA LEU D 325 23.71 13.55 15.96
C LEU D 325 25.01 12.96 16.52
N CYS D 326 26.13 13.32 15.91
CA CYS D 326 27.40 12.66 16.19
C CYS D 326 28.47 13.68 16.51
N ALA D 327 29.44 13.27 17.34
CA ALA D 327 30.56 14.11 17.71
C ALA D 327 31.82 13.26 17.73
N ALA D 328 32.96 13.92 17.56
CA ALA D 328 34.25 13.24 17.45
C ALA D 328 35.10 13.56 18.67
N ILE D 329 35.57 12.51 19.36
CA ILE D 329 36.41 12.70 20.53
C ILE D 329 37.73 13.35 20.15
N SER D 330 38.33 12.90 19.05
CA SER D 330 39.61 13.45 18.60
C SER D 330 39.61 13.50 17.08
N THR D 331 40.20 14.57 16.55
CA THR D 331 40.30 14.77 15.11
C THR D 331 41.61 14.27 14.52
N SER D 332 42.46 13.66 15.33
CA SER D 332 43.74 13.16 14.85
C SER D 332 43.63 11.86 14.06
N GLU D 333 42.46 11.24 14.06
CA GLU D 333 42.29 9.95 13.41
C GLU D 333 42.05 10.17 11.91
N THR D 334 42.98 9.70 11.09
CA THR D 334 42.81 9.76 9.64
C THR D 334 42.00 8.58 9.11
N THR D 335 41.82 7.53 9.91
CA THR D 335 40.99 6.39 9.53
C THR D 335 39.84 6.25 10.52
N TYR D 336 38.72 5.75 10.02
CA TYR D 336 37.51 5.67 10.84
C TYR D 336 37.67 4.60 11.91
N LYS D 337 37.27 4.94 13.13
CA LYS D 337 37.23 4.02 14.26
C LYS D 337 35.93 4.22 15.02
N ASN D 338 35.25 3.11 15.33
CA ASN D 338 33.96 3.23 16.01
C ASN D 338 34.12 3.89 17.37
N THR D 339 35.18 3.56 18.09
CA THR D 339 35.37 4.09 19.44
C THR D 339 35.60 5.59 19.47
N ASN D 340 35.87 6.21 18.33
CA ASN D 340 36.23 7.62 18.28
C ASN D 340 35.03 8.55 18.13
N PHE D 341 33.83 8.03 17.92
CA PHE D 341 32.66 8.85 17.67
C PHE D 341 31.53 8.49 18.63
N LYS D 342 30.95 9.50 19.25
CA LYS D 342 29.79 9.35 20.12
C LYS D 342 28.53 9.71 19.34
N GLU D 343 27.47 8.94 19.56
CA GLU D 343 26.20 9.13 18.87
C GLU D 343 25.16 9.67 19.85
N TYR D 344 24.16 10.37 19.33
CA TYR D 344 23.09 10.95 20.13
C TYR D 344 21.81 10.98 19.31
N LEU D 345 20.71 11.30 19.98
CA LEU D 345 19.43 11.51 19.34
C LEU D 345 18.81 12.80 19.86
N ARG D 346 18.06 13.47 19.01
CA ARG D 346 17.35 14.68 19.41
C ARG D 346 16.07 14.79 18.61
N HIS D 347 15.14 15.58 19.11
CA HIS D 347 13.87 15.80 18.45
C HIS D 347 13.43 17.24 18.69
N GLY D 348 12.95 17.90 17.64
CA GLY D 348 12.55 19.29 17.74
C GLY D 348 11.10 19.49 17.38
N GLU D 349 10.37 20.21 18.22
CA GLU D 349 8.96 20.53 18.01
C GLU D 349 8.80 22.04 17.84
N GLU D 350 7.92 22.42 16.94
CA GLU D 350 7.62 23.82 16.68
C GLU D 350 6.11 24.00 16.63
N TYR D 351 5.63 25.03 17.32
CA TYR D 351 4.20 25.30 17.41
C TYR D 351 3.96 26.80 17.24
N ASP D 352 2.74 27.13 16.85
CA ASP D 352 2.33 28.54 16.77
C ASP D 352 0.82 28.58 16.76
N LEU D 353 0.22 29.06 17.84
CA LEU D 353 -1.22 29.06 18.03
C LEU D 353 -1.79 30.45 17.80
N GLN D 354 -2.77 30.55 16.91
CA GLN D 354 -3.48 31.79 16.65
C GLN D 354 -4.94 31.62 17.04
N PHE D 355 -5.53 32.66 17.62
CA PHE D 355 -6.91 32.62 18.08
C PHE D 355 -7.63 33.90 17.68
N ILE D 356 -8.95 33.78 17.54
CA ILE D 356 -9.84 34.92 17.35
C ILE D 356 -10.89 34.86 18.44
N PHE D 357 -10.98 35.91 19.25
CA PHE D 357 -11.86 35.96 20.40
C PHE D 357 -12.92 37.03 20.19
N GLN D 358 -14.18 36.67 20.46
CA GLN D 358 -15.30 37.58 20.36
C GLN D 358 -15.84 37.85 21.76
N LEU D 359 -15.94 39.13 22.11
CA LEU D 359 -16.37 39.51 23.44
C LEU D 359 -17.87 39.26 23.62
N CYS D 360 -18.26 38.86 24.83
CA CYS D 360 -19.64 38.62 25.18
C CYS D 360 -19.92 39.18 26.57
N LYS D 361 -21.19 39.47 26.84
CA LYS D 361 -21.61 40.07 28.09
C LYS D 361 -22.81 39.32 28.65
N ILE D 362 -22.87 39.24 29.97
CA ILE D 362 -23.85 38.44 30.68
C ILE D 362 -24.59 39.32 31.66
N THR D 363 -25.92 39.27 31.63
CA THR D 363 -26.75 40.04 32.54
C THR D 363 -26.95 39.26 33.82
N LEU D 364 -26.64 39.89 34.96
CA LEU D 364 -26.66 39.20 36.25
C LEU D 364 -28.02 39.36 36.91
N THR D 365 -28.98 38.58 36.41
CA THR D 365 -30.27 38.46 37.05
C THR D 365 -30.22 37.36 38.11
N ALA D 366 -31.30 37.24 38.88
CA ALA D 366 -31.35 36.21 39.91
C ALA D 366 -31.28 34.82 39.31
N ASP D 367 -32.09 34.57 38.27
CA ASP D 367 -32.09 33.25 37.65
C ASP D 367 -30.74 32.93 37.02
N VAL D 368 -30.14 33.91 36.34
CA VAL D 368 -28.85 33.69 35.72
C VAL D 368 -27.79 33.40 36.78
N MET D 369 -27.82 34.15 37.88
CA MET D 369 -26.84 33.93 38.94
C MET D 369 -26.99 32.55 39.56
N THR D 370 -28.24 32.12 39.81
CA THR D 370 -28.44 30.79 40.37
C THR D 370 -27.97 29.71 39.39
N TYR D 371 -28.28 29.87 38.11
CA TYR D 371 -27.84 28.88 37.12
C TYR D 371 -26.32 28.81 37.06
N ILE D 372 -25.67 29.97 37.04
CA ILE D 372 -24.20 29.98 36.94
C ILE D 372 -23.58 29.40 38.20
N HIS D 373 -24.20 29.63 39.36
CA HIS D 373 -23.68 29.02 40.58
C HIS D 373 -23.84 27.51 40.55
N SER D 374 -24.99 27.01 40.08
CA SER D 374 -25.19 25.57 39.99
C SER D 374 -24.20 24.94 39.02
N MET D 375 -23.98 25.58 37.87
CA MET D 375 -23.05 25.03 36.89
C MET D 375 -21.63 25.00 37.43
N ASN D 376 -21.16 26.13 37.96
CA ASN D 376 -19.82 26.23 38.51
C ASN D 376 -19.77 27.45 39.41
N SER D 377 -19.56 27.23 40.71
CA SER D 377 -19.60 28.34 41.66
C SER D 377 -18.39 29.25 41.56
N THR D 378 -17.33 28.83 40.87
CA THR D 378 -16.11 29.62 40.83
C THR D 378 -16.26 30.89 40.02
N ILE D 379 -17.16 30.91 39.04
CA ILE D 379 -17.28 32.06 38.15
C ILE D 379 -17.71 33.29 38.93
N LEU D 380 -18.74 33.15 39.77
CA LEU D 380 -19.24 34.29 40.51
C LEU D 380 -18.19 34.84 41.46
N GLU D 381 -17.47 33.96 42.15
CA GLU D 381 -16.40 34.43 43.02
C GLU D 381 -15.31 35.14 42.22
N ASP D 382 -15.00 34.63 41.04
CA ASP D 382 -13.99 35.26 40.19
C ASP D 382 -14.42 36.66 39.81
N TRP D 383 -15.69 36.84 39.46
CA TRP D 383 -16.15 38.14 38.96
C TRP D 383 -16.16 39.23 40.02
N ASN D 384 -15.73 38.94 41.25
CA ASN D 384 -15.66 39.97 42.28
C ASN D 384 -14.21 40.39 42.53
N GLU D 390 -6.65 27.82 46.79
CA GLU D 390 -5.62 27.41 45.85
C GLU D 390 -6.27 26.98 44.54
N ASP D 391 -5.49 27.02 43.47
CA ASP D 391 -6.01 26.68 42.15
C ASP D 391 -6.31 25.18 42.08
N PRO D 392 -7.54 24.77 41.78
CA PRO D 392 -7.83 23.33 41.76
C PRO D 392 -7.00 22.56 40.75
N LEU D 393 -6.62 23.19 39.65
CA LEU D 393 -5.89 22.50 38.59
C LEU D 393 -4.38 22.58 38.78
N LYS D 394 -3.89 23.17 39.86
CA LYS D 394 -2.45 23.32 40.04
C LYS D 394 -1.87 22.08 40.70
N LYS D 395 -2.18 20.90 40.16
CA LYS D 395 -1.50 19.66 40.51
C LYS D 395 -1.07 18.93 39.24
N TYR D 396 -1.32 19.51 38.07
CA TYR D 396 -1.04 18.91 36.79
C TYR D 396 0.01 19.73 36.06
N THR D 397 0.65 19.11 35.07
CA THR D 397 1.69 19.75 34.28
C THR D 397 1.09 20.14 32.93
N PHE D 398 1.01 21.44 32.67
CA PHE D 398 0.54 21.97 31.40
C PHE D 398 1.59 22.92 30.84
N TRP D 399 1.61 23.02 29.52
CA TRP D 399 2.47 23.99 28.83
C TRP D 399 1.81 25.35 28.96
N GLU D 400 2.15 26.08 30.01
CA GLU D 400 1.51 27.36 30.26
C GLU D 400 1.81 28.33 29.13
N VAL D 401 0.75 28.90 28.56
CA VAL D 401 0.85 29.90 27.50
C VAL D 401 0.13 31.15 27.98
N ASN D 402 0.82 32.27 27.97
CA ASN D 402 0.29 33.53 28.48
C ASN D 402 0.01 34.47 27.32
N LEU D 403 -1.25 34.91 27.22
CA LEU D 403 -1.67 35.84 26.17
C LEU D 403 -2.24 37.13 26.75
N LYS D 404 -1.92 37.43 28.01
CA LYS D 404 -2.48 38.62 28.65
C LYS D 404 -1.99 39.89 27.97
N GLU D 405 -0.75 39.89 27.49
CA GLU D 405 -0.14 41.07 26.89
C GLU D 405 -0.10 40.99 25.37
N LYS D 406 -0.89 40.12 24.76
CA LYS D 406 -0.77 39.83 23.34
C LYS D 406 -2.14 39.79 22.67
N PHE D 407 -2.96 40.81 22.95
CA PHE D 407 -4.26 40.98 22.30
C PHE D 407 -4.23 42.23 21.43
N SER D 408 -4.69 42.11 20.19
CA SER D 408 -4.71 43.24 19.27
C SER D 408 -6.01 43.21 18.47
N ALA D 409 -6.66 44.37 18.36
CA ALA D 409 -8.00 44.44 17.80
C ALA D 409 -8.03 44.61 16.29
N ASP D 410 -6.90 44.87 15.65
CA ASP D 410 -6.85 45.02 14.19
C ASP D 410 -6.59 43.66 13.58
N LEU D 411 -7.68 42.97 13.23
CA LEU D 411 -7.57 41.59 12.77
C LEU D 411 -6.81 41.48 11.46
N ASP D 412 -7.00 42.43 10.54
CA ASP D 412 -6.41 42.27 9.22
C ASP D 412 -4.89 42.26 9.25
N GLN D 413 -4.28 42.68 10.36
CA GLN D 413 -2.83 42.69 10.46
C GLN D 413 -2.22 41.30 10.61
N PHE D 414 -3.03 40.28 10.82
CA PHE D 414 -2.55 38.92 11.05
C PHE D 414 -3.19 37.96 10.05
N PRO D 415 -2.54 36.83 9.74
CA PRO D 415 -3.07 35.94 8.70
C PRO D 415 -4.41 35.30 9.07
N LEU D 416 -4.51 34.78 10.29
CA LEU D 416 -5.78 34.23 10.73
C LEU D 416 -6.85 35.31 10.78
N GLY D 417 -6.46 36.54 11.13
CA GLY D 417 -7.41 37.63 11.10
C GLY D 417 -7.93 37.91 9.69
N ARG D 418 -7.03 37.89 8.71
CA ARG D 418 -7.46 38.10 7.33
C ARG D 418 -8.39 36.99 6.87
N LYS D 419 -8.07 35.74 7.21
CA LYS D 419 -8.94 34.63 6.85
C LYS D 419 -10.31 34.79 7.52
N PHE D 420 -10.33 35.21 8.78
CA PHE D 420 -11.60 35.41 9.47
C PHE D 420 -12.41 36.51 8.82
N LEU D 421 -11.77 37.60 8.43
CA LEU D 421 -12.48 38.70 7.79
C LEU D 421 -13.05 38.28 6.44
N LEU D 422 -12.30 37.50 5.66
CA LEU D 422 -12.79 37.06 4.36
C LEU D 422 -14.10 36.29 4.45
N GLN D 423 -14.34 35.60 5.56
CA GLN D 423 -15.47 34.69 5.67
C GLN D 423 -16.45 35.12 6.74
N LEU D 424 -16.05 36.04 7.61
CA LEU D 424 -16.79 36.35 8.82
C LEU D 424 -17.22 35.06 9.52
N ALA E 1 -0.50 49.26 11.49
CA ALA E 1 -1.46 49.53 10.38
C ALA E 1 -0.77 49.42 9.03
N VAL E 2 -1.10 48.35 8.31
CA VAL E 2 -0.57 48.11 6.96
C VAL E 2 -1.75 47.88 6.04
N VAL E 3 -1.78 48.62 4.93
CA VAL E 3 -2.90 48.58 3.99
C VAL E 3 -2.52 47.71 2.80
N SER E 4 -3.50 46.99 2.29
CA SER E 4 -3.28 46.14 1.13
C SER E 4 -2.96 47.00 -0.09
N THR E 5 -2.25 46.39 -1.05
CA THR E 5 -1.80 47.16 -2.21
C THR E 5 -2.97 47.74 -2.98
N ASP E 6 -4.05 46.98 -3.12
CA ASP E 6 -5.18 47.44 -3.92
C ASP E 6 -5.88 48.65 -3.33
N GLU E 7 -5.39 49.23 -2.23
CA GLU E 7 -5.93 50.47 -1.73
C GLU E 7 -5.23 51.70 -2.30
N TYR E 8 -3.96 51.56 -2.72
CA TYR E 8 -3.22 52.68 -3.28
C TYR E 8 -2.56 52.32 -4.61
N VAL E 9 -2.96 51.23 -5.25
CA VAL E 9 -2.43 50.83 -6.55
C VAL E 9 -3.60 50.63 -7.49
N ALA E 10 -3.66 51.46 -8.54
CA ALA E 10 -4.76 51.42 -9.49
C ALA E 10 -4.40 50.51 -10.67
N ARG E 11 -5.07 49.38 -10.77
CA ARG E 11 -4.80 48.42 -11.83
C ARG E 11 -5.34 48.94 -13.16
N THR E 12 -4.75 48.43 -14.24
CA THR E 12 -5.16 48.80 -15.59
C THR E 12 -5.41 47.53 -16.40
N ASN E 13 -6.10 47.70 -17.51
CA ASN E 13 -6.42 46.57 -18.39
C ASN E 13 -5.39 46.40 -19.50
N ILE E 14 -4.12 46.30 -19.10
CA ILE E 14 -3.01 46.08 -20.02
C ILE E 14 -2.25 44.86 -19.53
N TYR E 15 -2.08 43.86 -20.41
CA TYR E 15 -1.47 42.60 -20.05
C TYR E 15 -0.34 42.26 -21.01
N TYR E 16 0.64 41.51 -20.49
CA TYR E 16 1.83 41.12 -21.24
C TYR E 16 2.16 39.68 -20.92
N HIS E 17 2.96 39.07 -21.80
CA HIS E 17 3.37 37.68 -21.67
C HIS E 17 4.89 37.59 -21.74
N ALA E 18 5.48 36.87 -20.79
CA ALA E 18 6.92 36.69 -20.76
C ALA E 18 7.25 35.26 -20.40
N GLY E 19 8.27 34.71 -21.03
CA GLY E 19 8.69 33.35 -20.73
C GLY E 19 10.09 33.09 -21.24
N THR E 20 10.69 32.04 -20.69
CA THR E 20 12.05 31.63 -21.04
C THR E 20 12.07 30.66 -22.22
N SER E 21 11.07 29.79 -22.30
CA SER E 21 10.77 28.85 -23.36
C SER E 21 11.69 27.63 -23.36
N ARG E 22 12.79 27.64 -22.60
CA ARG E 22 13.52 26.41 -22.29
C ARG E 22 14.67 26.70 -21.33
N LEU E 23 14.92 25.79 -20.39
CA LEU E 23 16.04 25.93 -19.47
C LEU E 23 16.54 24.54 -19.13
N LEU E 24 17.81 24.27 -19.43
CA LEU E 24 18.40 22.97 -19.24
C LEU E 24 19.57 23.05 -18.27
N ALA E 25 19.75 22.00 -17.50
CA ALA E 25 20.89 21.86 -16.60
C ALA E 25 21.31 20.39 -16.58
N VAL E 26 22.59 20.14 -16.79
CA VAL E 26 23.12 18.78 -16.77
C VAL E 26 24.32 18.75 -15.84
N GLY E 27 24.36 17.76 -14.97
CA GLY E 27 25.46 17.65 -14.03
C GLY E 27 25.47 16.30 -13.37
N HIS E 28 26.27 16.20 -12.32
CA HIS E 28 26.39 14.97 -11.57
C HIS E 28 25.45 14.98 -10.37
N PRO E 29 24.63 13.95 -10.19
CA PRO E 29 23.62 14.02 -9.12
C PRO E 29 24.19 14.12 -7.72
N TYR E 30 25.38 13.60 -7.46
CA TYR E 30 25.90 13.48 -6.11
C TYR E 30 26.86 14.59 -5.71
N PHE E 31 27.80 14.96 -6.57
CA PHE E 31 28.81 15.95 -6.19
C PHE E 31 29.38 16.57 -7.45
N PRO E 32 29.89 17.79 -7.37
CA PRO E 32 30.54 18.40 -8.53
C PRO E 32 31.90 17.78 -8.81
N ILE E 33 32.26 17.75 -10.09
CA ILE E 33 33.49 17.13 -10.55
C ILE E 33 34.57 18.21 -10.59
N LYS E 34 35.34 18.32 -9.52
CA LYS E 34 36.46 19.25 -9.50
C LYS E 34 37.57 18.74 -10.41
N LYS E 35 38.34 19.68 -10.95
CA LYS E 35 39.49 19.32 -11.77
C LYS E 35 40.71 19.13 -10.87
N PRO E 36 41.33 17.94 -10.86
CA PRO E 36 42.48 17.70 -9.96
C PRO E 36 43.59 18.74 -10.11
N ASN E 38 43.77 21.68 -9.01
CA ASN E 38 42.99 22.83 -9.45
C ASN E 38 41.69 22.93 -8.65
N ASN E 39 40.84 23.89 -9.01
CA ASN E 39 39.59 24.11 -8.31
C ASN E 39 38.39 24.31 -9.23
N LYS E 40 38.60 24.43 -10.55
CA LYS E 40 37.49 24.69 -11.46
C LYS E 40 36.53 23.51 -11.45
N ILE E 41 35.23 23.82 -11.39
CA ILE E 41 34.19 22.79 -11.42
C ILE E 41 33.89 22.45 -12.86
N LEU E 42 34.39 21.31 -13.32
CA LEU E 42 34.14 20.89 -14.70
C LEU E 42 32.66 20.62 -14.94
N VAL E 43 32.00 19.95 -14.00
CA VAL E 43 30.60 19.58 -14.14
C VAL E 43 29.87 19.95 -12.86
N PRO E 44 28.84 20.78 -12.90
CA PRO E 44 28.16 21.17 -11.65
C PRO E 44 27.42 19.99 -11.05
N LYS E 45 26.86 20.23 -9.86
CA LYS E 45 26.03 19.25 -9.18
C LYS E 45 24.56 19.58 -9.45
N VAL E 46 23.92 18.76 -10.27
CA VAL E 46 22.51 18.92 -10.58
C VAL E 46 21.78 17.69 -10.06
N SER E 47 20.85 17.91 -9.14
CA SER E 47 20.13 16.82 -8.51
C SER E 47 18.65 17.17 -8.46
N GLY E 48 17.83 16.13 -8.35
CA GLY E 48 16.40 16.33 -8.25
C GLY E 48 15.93 16.81 -6.90
N LEU E 49 16.82 16.86 -5.91
CA LEU E 49 16.48 17.27 -4.56
C LEU E 49 17.05 18.63 -4.19
N GLN E 50 17.31 19.48 -5.19
CA GLN E 50 17.83 20.81 -4.97
C GLN E 50 16.73 21.85 -5.15
N TYR E 51 16.94 23.01 -4.55
CA TYR E 51 16.06 24.15 -4.75
C TYR E 51 16.44 24.84 -6.05
N ARG E 52 15.43 25.27 -6.80
CA ARG E 52 15.63 26.06 -8.01
C ARG E 52 15.00 27.43 -7.75
N VAL E 53 15.82 28.40 -7.40
CA VAL E 53 15.37 29.75 -7.10
C VAL E 53 15.71 30.62 -8.29
N PHE E 54 14.70 30.96 -9.08
CA PHE E 54 14.87 31.80 -10.27
C PHE E 54 14.67 33.26 -9.87
N ARG E 55 15.71 34.07 -10.04
CA ARG E 55 15.60 35.50 -9.85
C ARG E 55 15.30 36.14 -11.20
N ILE E 56 14.05 36.54 -11.40
CA ILE E 56 13.56 37.01 -12.69
C ILE E 56 13.62 38.53 -12.73
N HIS E 57 14.16 39.06 -13.82
CA HIS E 57 14.28 40.50 -14.03
C HIS E 57 13.26 40.93 -15.07
N LEU E 58 12.56 42.02 -14.80
CA LEU E 58 11.54 42.53 -15.70
C LEU E 58 11.95 43.86 -16.29
N PRO E 59 11.44 44.22 -17.47
CA PRO E 59 11.73 45.54 -18.01
C PRO E 59 11.20 46.63 -17.11
N ASP E 60 11.92 47.73 -17.02
CA ASP E 60 11.47 48.83 -16.20
C ASP E 60 10.27 49.49 -16.87
N PRO E 61 9.07 49.43 -16.30
CA PRO E 61 7.91 49.98 -17.01
C PRO E 61 8.01 51.48 -17.27
N ASN E 62 8.64 52.23 -16.37
CA ASN E 62 8.76 53.67 -16.56
C ASN E 62 9.60 54.02 -17.78
N LYS E 63 10.53 53.16 -18.16
CA LYS E 63 11.35 53.36 -19.34
C LYS E 63 10.96 52.44 -20.50
N PHE E 64 9.92 51.63 -20.32
CA PHE E 64 9.50 50.70 -21.36
C PHE E 64 8.84 51.46 -22.52
N GLY E 65 8.97 50.89 -23.71
CA GLY E 65 8.45 51.53 -24.92
C GLY E 65 7.02 51.15 -25.25
N PHE E 66 6.07 51.64 -24.46
CA PHE E 66 4.68 51.35 -24.73
C PHE E 66 4.22 52.06 -26.01
N PRO E 67 3.30 51.46 -26.77
CA PRO E 67 2.78 52.15 -27.95
C PRO E 67 1.99 53.41 -27.61
N ASP E 68 1.49 53.53 -26.39
CA ASP E 68 0.73 54.70 -25.98
C ASP E 68 0.91 54.91 -24.48
N THR E 69 0.84 56.17 -24.05
CA THR E 69 1.00 56.52 -22.65
C THR E 69 -0.12 57.45 -22.17
N SER E 70 -1.32 57.30 -22.70
CA SER E 70 -2.44 58.13 -22.27
C SER E 70 -3.11 57.62 -21.01
N PHE E 71 -2.73 56.45 -20.51
CA PHE E 71 -3.35 55.87 -19.33
C PHE E 71 -2.73 56.36 -18.03
N TYR E 72 -1.72 57.21 -18.10
CA TYR E 72 -1.11 57.76 -16.89
C TYR E 72 -0.39 59.06 -17.25
N ASN E 73 -0.24 59.92 -16.25
CA ASN E 73 0.59 61.10 -16.40
C ASN E 73 1.95 60.83 -15.76
N PRO E 74 3.06 60.91 -16.49
CA PRO E 74 4.35 60.47 -15.93
C PRO E 74 4.77 61.25 -14.69
N ASP E 75 4.51 62.54 -14.61
CA ASP E 75 5.05 63.35 -13.51
C ASP E 75 4.44 62.95 -12.16
N THR E 76 3.14 62.74 -12.11
CA THR E 76 2.45 62.46 -10.85
C THR E 76 2.21 60.97 -10.61
N GLN E 77 2.58 60.10 -11.54
CA GLN E 77 2.33 58.68 -11.40
C GLN E 77 3.53 57.90 -11.92
N ARG E 78 3.65 56.66 -11.46
CA ARG E 78 4.67 55.72 -11.91
C ARG E 78 3.99 54.43 -12.32
N LEU E 79 4.78 53.44 -12.71
CA LEU E 79 4.27 52.17 -13.19
C LEU E 79 4.98 51.02 -12.50
N VAL E 80 4.24 49.94 -12.27
CA VAL E 80 4.75 48.75 -11.60
C VAL E 80 4.03 47.53 -12.15
N TRP E 81 4.74 46.41 -12.22
CA TRP E 81 4.20 45.18 -12.75
C TRP E 81 3.45 44.41 -11.66
N ALA E 82 2.42 43.68 -12.06
CA ALA E 82 1.66 42.83 -11.17
C ALA E 82 1.54 41.44 -11.77
N CYS E 83 1.88 40.43 -11.00
CA CYS E 83 1.86 39.05 -11.48
C CYS E 83 0.47 38.46 -11.26
N VAL E 84 -0.28 38.30 -12.35
CA VAL E 84 -1.64 37.77 -12.29
C VAL E 84 -1.72 36.33 -12.78
N GLY E 85 -0.61 35.74 -13.20
CA GLY E 85 -0.62 34.37 -13.64
C GLY E 85 0.79 33.82 -13.73
N VAL E 86 0.89 32.49 -13.65
CA VAL E 86 2.18 31.83 -13.70
C VAL E 86 1.96 30.37 -14.07
N GLU E 87 2.97 29.77 -14.67
CA GLU E 87 2.94 28.35 -14.99
C GLU E 87 4.38 27.84 -15.03
N VAL E 88 4.64 26.73 -14.35
CA VAL E 88 5.96 26.16 -14.24
C VAL E 88 5.94 24.83 -15.00
N GLY E 89 6.48 24.84 -16.21
CA GLY E 89 6.53 23.63 -16.99
C GLY E 89 7.68 22.72 -16.57
N ARG E 90 7.56 21.45 -16.92
CA ARG E 90 8.56 20.45 -16.58
C ARG E 90 8.63 19.44 -17.71
N GLY E 91 9.83 19.16 -18.20
CA GLY E 91 9.99 18.39 -19.40
C GLY E 91 10.21 16.91 -19.25
N GLN E 92 11.19 16.52 -18.44
CA GLN E 92 11.66 15.15 -18.46
C GLN E 92 10.59 14.21 -17.91
N PRO E 93 10.64 12.93 -18.27
CA PRO E 93 9.63 11.98 -17.80
C PRO E 93 9.69 11.76 -16.30
N LEU E 94 8.55 11.37 -15.75
CA LEU E 94 8.46 11.06 -14.33
C LEU E 94 9.36 9.89 -13.99
N GLY E 95 9.91 9.92 -12.78
CA GLY E 95 10.77 8.85 -12.32
C GLY E 95 11.24 9.14 -10.92
N VAL E 96 12.04 8.21 -10.40
CA VAL E 96 12.55 8.29 -9.04
C VAL E 96 14.04 7.96 -9.06
N GLY E 97 14.83 8.79 -8.37
CA GLY E 97 16.26 8.58 -8.30
C GLY E 97 16.69 7.96 -6.98
N ILE E 98 17.92 7.50 -6.94
CA ILE E 98 18.46 6.74 -5.82
C ILE E 98 19.74 7.39 -5.36
N SER E 99 19.93 7.47 -4.05
CA SER E 99 21.14 8.00 -3.45
C SER E 99 21.62 7.04 -2.38
N GLY E 100 22.90 7.13 -2.05
CA GLY E 100 23.46 6.25 -1.05
C GLY E 100 24.88 6.63 -0.73
N HIS E 101 25.45 5.92 0.24
CA HIS E 101 26.80 6.16 0.72
C HIS E 101 27.58 4.85 0.65
N PRO E 102 28.80 4.85 0.10
CA PRO E 102 29.58 3.61 0.10
C PRO E 102 29.93 3.11 1.49
N LEU E 103 29.90 3.97 2.50
CA LEU E 103 30.35 3.61 3.84
C LEU E 103 29.38 4.13 4.88
N LEU E 104 28.09 3.88 4.65
CA LEU E 104 27.08 4.36 5.59
C LEU E 104 27.26 3.71 6.95
N ASN E 105 26.89 4.45 7.98
CA ASN E 105 27.03 3.98 9.37
C ASN E 105 25.78 3.17 9.71
N LYS E 106 25.94 1.85 9.76
CA LYS E 106 24.81 0.95 9.94
C LYS E 106 25.32 -0.34 10.56
N LEU E 107 24.83 -0.66 11.74
CA LEU E 107 25.29 -1.82 12.49
C LEU E 107 24.44 -3.06 12.22
N ASP E 108 23.12 -2.94 12.42
CA ASP E 108 22.23 -4.09 12.37
C ASP E 108 20.96 -3.72 11.62
N ASP E 109 20.12 -4.73 11.43
CA ASP E 109 18.77 -4.55 10.89
C ASP E 109 17.82 -4.98 12.00
N THR E 110 17.31 -3.99 12.75
CA THR E 110 16.52 -4.25 13.94
C THR E 110 15.07 -4.57 13.64
N GLU E 111 14.66 -4.53 12.37
CA GLU E 111 13.29 -4.90 12.04
C GLU E 111 13.01 -6.35 12.44
N ASN E 112 13.96 -7.25 12.17
CA ASN E 112 13.82 -8.66 12.46
C ASN E 112 15.19 -9.25 12.72
N ALA E 113 15.21 -10.41 13.36
CA ALA E 113 16.46 -11.11 13.66
C ALA E 113 17.05 -11.60 12.34
N SER E 114 18.11 -10.93 11.90
CA SER E 114 18.76 -11.25 10.64
C SER E 114 19.99 -12.13 10.88
N ALA E 115 20.67 -12.48 9.79
CA ALA E 115 21.90 -13.26 9.84
C ALA E 115 23.03 -12.43 9.24
N TYR E 116 24.16 -12.38 9.93
CA TYR E 116 25.26 -11.49 9.61
C TYR E 116 26.58 -12.24 9.70
N ALA E 117 27.61 -11.68 9.07
CA ALA E 117 28.94 -12.24 9.17
C ALA E 117 29.54 -11.95 10.54
N ALA E 118 30.62 -12.65 10.84
CA ALA E 118 31.30 -12.44 12.11
C ALA E 118 31.71 -10.97 12.24
N ASN E 119 31.43 -10.39 13.40
CA ASN E 119 31.59 -8.96 13.57
C ASN E 119 33.04 -8.54 13.39
N ALA E 120 33.24 -7.43 12.68
CA ALA E 120 34.58 -6.89 12.50
C ALA E 120 35.09 -6.21 13.75
N GLY E 121 34.21 -5.63 14.55
CA GLY E 121 34.62 -4.93 15.77
C GLY E 121 34.88 -3.45 15.57
N VAL E 122 35.59 -3.09 14.50
CA VAL E 122 35.86 -1.70 14.16
C VAL E 122 35.45 -1.49 12.71
N ASP E 123 34.86 -0.32 12.44
CA ASP E 123 34.49 0.05 11.09
C ASP E 123 33.44 -0.91 10.51
N ASN E 124 32.27 -0.93 11.18
CA ASN E 124 31.12 -1.67 10.68
C ASN E 124 30.28 -0.74 9.79
N ARG E 125 30.76 -0.54 8.57
CA ARG E 125 30.11 0.35 7.62
C ARG E 125 29.83 -0.40 6.33
N GLU E 126 28.66 -0.16 5.76
CA GLU E 126 28.17 -0.92 4.61
C GLU E 126 27.77 0.04 3.50
N CYS E 127 27.72 -0.51 2.28
CA CYS E 127 27.29 0.25 1.10
C CYS E 127 25.77 0.15 1.01
N ILE E 128 25.08 1.24 1.37
CA ILE E 128 23.63 1.25 1.46
C ILE E 128 23.09 2.41 0.64
N SER E 129 21.91 2.19 0.04
CA SER E 129 21.22 3.21 -0.74
C SER E 129 19.74 3.19 -0.39
N MET E 130 19.07 4.30 -0.67
CA MET E 130 17.65 4.43 -0.39
C MET E 130 17.06 5.52 -1.27
N ASP E 131 15.81 5.34 -1.66
CA ASP E 131 15.07 6.39 -2.35
C ASP E 131 14.51 7.37 -1.33
N TYR E 132 14.45 8.64 -1.71
CA TYR E 132 14.18 9.69 -0.76
C TYR E 132 12.69 9.96 -0.62
N LYS E 133 12.35 10.76 0.39
CA LYS E 133 11.00 11.24 0.55
C LYS E 133 10.61 12.14 -0.62
N GLN E 134 9.38 12.00 -1.07
CA GLN E 134 8.88 12.73 -2.22
C GLN E 134 8.39 14.11 -1.82
N THR E 135 8.63 15.10 -2.68
CA THR E 135 8.29 16.47 -2.36
C THR E 135 8.01 17.25 -3.64
N GLN E 136 7.19 18.29 -3.50
CA GLN E 136 6.92 19.24 -4.57
C GLN E 136 6.51 20.55 -3.90
N LEU E 137 7.02 21.67 -4.41
CA LEU E 137 6.58 22.96 -3.89
C LEU E 137 6.91 24.04 -4.90
N CYS E 138 6.19 25.16 -4.79
CA CYS E 138 6.34 26.27 -5.71
C CYS E 138 5.97 27.55 -4.99
N LEU E 139 6.96 28.28 -4.50
CA LEU E 139 6.76 29.56 -3.83
C LEU E 139 7.03 30.69 -4.81
N ILE E 140 6.16 31.70 -4.80
CA ILE E 140 6.28 32.84 -5.70
C ILE E 140 6.14 34.11 -4.88
N GLY E 141 7.15 34.96 -4.93
CA GLY E 141 7.13 36.22 -4.21
C GLY E 141 8.11 37.18 -4.83
N CYS E 142 8.12 38.41 -4.32
CA CYS E 142 9.04 39.43 -4.78
C CYS E 142 10.26 39.58 -3.88
N LYS E 143 10.48 38.64 -2.98
CA LYS E 143 11.68 38.59 -2.15
C LYS E 143 12.11 37.13 -2.00
N PRO E 144 13.40 36.90 -1.78
CA PRO E 144 13.87 35.52 -1.69
C PRO E 144 13.25 34.84 -0.49
N PRO E 145 12.96 33.54 -0.59
CA PRO E 145 12.30 32.84 0.51
C PRO E 145 13.21 32.66 1.71
N ILE E 146 12.60 32.22 2.80
CA ILE E 146 13.28 32.01 4.08
C ILE E 146 13.15 30.54 4.45
N GLY E 147 14.24 29.96 4.92
CA GLY E 147 14.28 28.55 5.30
C GLY E 147 14.77 28.35 6.71
N GLU E 148 14.48 27.19 7.28
CA GLU E 148 14.82 26.89 8.67
C GLU E 148 15.56 25.57 8.74
N HIS E 149 16.61 25.52 9.56
CA HIS E 149 17.38 24.30 9.73
C HIS E 149 18.05 24.33 11.09
N TRP E 150 18.23 23.16 11.68
CA TRP E 150 18.91 23.05 12.96
C TRP E 150 20.42 23.14 12.75
N GLY E 151 21.08 23.99 13.56
CA GLY E 151 22.51 24.15 13.48
C GLY E 151 23.14 24.14 14.86
N LYS E 152 24.45 24.34 14.88
CA LYS E 152 25.18 24.39 16.14
C LYS E 152 24.86 25.69 16.86
N GLY E 153 24.34 25.59 18.08
CA GLY E 153 23.83 26.73 18.81
C GLY E 153 24.86 27.34 19.74
N SER E 154 24.35 28.16 20.65
CA SER E 154 25.22 28.91 21.55
C SER E 154 25.97 27.93 22.47
N PRO E 155 27.23 28.23 22.82
CA PRO E 155 27.96 27.37 23.77
C PRO E 155 27.23 27.22 25.10
N VAL E 161 33.24 21.97 28.16
CA VAL E 161 32.73 21.07 27.12
C VAL E 161 33.80 20.04 26.78
N GLN E 162 33.65 18.84 27.34
CA GLN E 162 34.57 17.76 27.02
C GLN E 162 34.39 17.33 25.57
N PRO E 163 35.46 16.85 24.93
CA PRO E 163 35.31 16.38 23.54
C PRO E 163 34.29 15.27 23.44
N GLY E 164 33.53 15.28 22.35
CA GLY E 164 32.51 14.28 22.12
C GLY E 164 31.15 14.58 22.69
N ASP E 165 31.00 15.68 23.42
CA ASP E 165 29.71 16.03 24.00
C ASP E 165 28.74 16.46 22.90
N CYS E 166 27.46 16.33 23.21
CA CYS E 166 26.42 16.62 22.22
C CYS E 166 26.40 18.10 21.88
N PRO E 167 26.56 18.46 20.61
CA PRO E 167 26.47 19.89 20.25
C PRO E 167 25.11 20.46 20.61
N PRO E 168 25.04 21.71 21.04
CA PRO E 168 23.74 22.35 21.24
C PRO E 168 23.05 22.58 19.91
N LEU E 169 21.71 22.59 19.95
CA LEU E 169 20.91 22.77 18.76
C LEU E 169 20.25 24.14 18.77
N GLU E 170 19.99 24.67 17.58
CA GLU E 170 19.38 25.99 17.43
C GLU E 170 18.65 26.02 16.09
N LEU E 171 17.50 26.70 16.07
CA LEU E 171 16.72 26.85 14.84
C LEU E 171 17.19 28.13 14.16
N ILE E 172 17.81 27.99 12.98
CA ILE E 172 18.42 29.11 12.27
C ILE E 172 17.58 29.42 11.04
N ASN E 173 17.41 30.70 10.75
CA ASN E 173 16.72 31.15 9.55
C ASN E 173 17.73 31.73 8.57
N THR E 174 17.70 31.25 7.33
CA THR E 174 18.62 31.71 6.32
C THR E 174 17.91 31.73 4.97
N VAL E 175 18.36 32.61 4.09
CA VAL E 175 17.76 32.74 2.77
C VAL E 175 18.07 31.50 1.96
N ILE E 176 17.04 30.92 1.35
CA ILE E 176 17.23 29.77 0.47
C ILE E 176 17.84 30.25 -0.84
N GLN E 177 18.79 29.47 -1.36
CA GLN E 177 19.52 29.82 -2.58
C GLN E 177 19.45 28.65 -3.55
N ASP E 178 19.71 28.96 -4.82
CA ASP E 178 19.78 27.93 -5.83
C ASP E 178 20.85 26.91 -5.47
N GLY E 179 20.50 25.63 -5.54
CA GLY E 179 21.42 24.57 -5.20
C GLY E 179 21.39 24.10 -3.77
N ASP E 180 20.66 24.79 -2.89
CA ASP E 180 20.51 24.32 -1.53
C ASP E 180 19.63 23.08 -1.49
N MET E 181 20.07 22.06 -0.77
CA MET E 181 19.36 20.79 -0.73
C MET E 181 18.09 20.92 0.09
N VAL E 182 17.14 20.04 -0.16
CA VAL E 182 15.86 20.04 0.55
C VAL E 182 15.86 18.89 1.55
N ASP E 183 14.97 19.00 2.53
CA ASP E 183 14.85 17.94 3.54
C ASP E 183 14.54 16.61 2.85
N THR E 184 15.20 15.56 3.30
CA THR E 184 15.19 14.28 2.60
C THR E 184 14.51 13.17 3.38
N GLY E 185 13.98 13.47 4.56
CA GLY E 185 13.49 12.45 5.47
C GLY E 185 14.42 12.15 6.62
N PHE E 186 15.62 12.71 6.61
CA PHE E 186 16.53 12.63 7.74
C PHE E 186 16.47 13.86 8.63
N GLY E 187 15.58 14.80 8.33
CA GLY E 187 15.48 16.03 9.08
C GLY E 187 16.20 17.17 8.40
N ALA E 188 15.71 18.38 8.65
CA ALA E 188 16.34 19.59 8.12
C ALA E 188 17.40 20.05 9.12
N MET E 189 18.65 19.71 8.83
CA MET E 189 19.74 19.99 9.77
C MET E 189 21.03 20.20 9.00
N ASP E 190 21.99 20.81 9.68
CA ASP E 190 23.30 21.13 9.10
C ASP E 190 24.24 19.96 9.36
N PHE E 191 24.21 19.00 8.43
CA PHE E 191 24.97 17.77 8.63
C PHE E 191 26.45 18.03 8.79
N THR E 192 26.99 18.98 8.03
CA THR E 192 28.43 19.22 8.03
C THR E 192 28.96 19.40 9.44
N THR E 193 28.28 20.22 10.26
CA THR E 193 28.74 20.51 11.60
C THR E 193 28.10 19.63 12.66
N LEU E 194 26.90 19.11 12.43
CA LEU E 194 26.25 18.29 13.44
C LEU E 194 26.64 16.82 13.38
N GLN E 195 27.34 16.38 12.32
CA GLN E 195 27.77 14.98 12.20
C GLN E 195 29.22 14.97 11.71
N ALA E 196 30.15 14.92 12.65
CA ALA E 196 31.57 14.83 12.30
C ALA E 196 31.93 13.48 11.68
N ASN E 197 31.02 12.51 11.75
CA ASN E 197 31.30 11.19 11.18
C ASN E 197 31.46 11.28 9.67
N LYS E 198 30.63 12.08 9.01
CA LYS E 198 30.59 12.21 7.55
C LYS E 198 30.12 10.93 6.86
N SER E 199 29.47 10.03 7.59
CA SER E 199 28.92 8.83 6.99
C SER E 199 27.54 8.48 7.54
N GLU E 200 26.87 9.42 8.20
CA GLU E 200 25.55 9.14 8.76
C GLU E 200 24.47 9.12 7.70
N VAL E 201 24.62 9.92 6.65
CA VAL E 201 23.56 10.11 5.66
C VAL E 201 24.13 9.89 4.26
N PRO E 202 23.29 9.84 3.23
CA PRO E 202 23.80 9.56 1.88
C PRO E 202 24.84 10.57 1.43
N LEU E 203 25.39 10.30 0.24
CA LEU E 203 26.58 10.99 -0.22
C LEU E 203 26.30 12.42 -0.64
N ASP E 204 25.08 12.71 -1.11
CA ASP E 204 24.77 14.03 -1.65
C ASP E 204 24.29 15.01 -0.60
N ILE E 205 24.16 14.59 0.66
CA ILE E 205 23.82 15.50 1.75
C ILE E 205 24.72 15.35 2.95
N CYS E 206 25.78 14.55 2.87
CA CYS E 206 26.65 14.35 4.02
C CYS E 206 27.46 15.59 4.35
N THR E 207 27.59 16.53 3.43
CA THR E 207 28.31 17.79 3.66
C THR E 207 27.50 18.96 3.11
N SER E 208 26.21 18.98 3.41
CA SER E 208 25.33 20.05 2.96
C SER E 208 24.32 20.35 4.07
N ILE E 209 23.51 21.38 3.83
CA ILE E 209 22.45 21.78 4.75
C ILE E 209 21.12 21.51 4.06
N CYS E 210 20.28 20.70 4.69
CA CYS E 210 18.93 20.46 4.22
C CYS E 210 17.99 21.47 4.87
N LYS E 211 17.39 22.33 4.06
CA LYS E 211 16.55 23.41 4.55
C LYS E 211 15.10 23.17 4.16
N TYR E 212 14.20 23.60 5.04
CA TYR E 212 12.77 23.51 4.84
C TYR E 212 12.16 24.90 4.83
N PRO E 213 11.23 25.20 3.92
CA PRO E 213 10.67 26.55 3.89
C PRO E 213 10.00 26.90 5.21
N ASP E 214 10.16 28.15 5.63
CA ASP E 214 9.59 28.62 6.89
C ASP E 214 8.25 29.28 6.59
N TYR E 215 7.22 28.44 6.45
CA TYR E 215 5.91 28.95 6.08
C TYR E 215 5.36 29.89 7.16
N ILE E 216 5.60 29.58 8.42
CA ILE E 216 5.06 30.41 9.50
C ILE E 216 5.58 31.83 9.37
N LYS E 217 6.90 31.99 9.26
CA LYS E 217 7.47 33.33 9.16
C LYS E 217 7.10 33.98 7.83
N MET E 218 7.21 33.23 6.74
CA MET E 218 6.94 33.78 5.42
C MET E 218 5.49 34.15 5.21
N VAL E 219 4.59 33.67 6.08
CA VAL E 219 3.20 34.13 6.06
C VAL E 219 2.93 35.18 7.12
N SER E 220 3.72 35.25 8.19
CA SER E 220 3.50 36.19 9.26
C SER E 220 4.27 37.49 9.13
N GLU E 221 5.14 37.64 8.14
CA GLU E 221 5.78 38.94 7.98
C GLU E 221 4.74 39.98 7.62
N PRO E 222 4.95 41.24 7.99
CA PRO E 222 3.85 42.23 7.88
C PRO E 222 3.38 42.46 6.45
N TYR E 223 4.29 42.75 5.52
CA TYR E 223 3.91 43.15 4.18
C TYR E 223 3.61 41.98 3.26
N GLY E 224 3.95 40.76 3.65
CA GLY E 224 3.70 39.61 2.79
C GLY E 224 4.38 39.70 1.45
N ASP E 225 5.60 40.25 1.42
CA ASP E 225 6.34 40.31 0.16
C ASP E 225 6.92 38.95 -0.21
N SER E 226 7.52 38.25 0.75
CA SER E 226 8.27 37.04 0.44
C SER E 226 7.40 35.94 -0.14
N LEU E 227 6.09 35.98 0.07
CA LEU E 227 5.24 34.85 -0.28
C LEU E 227 3.82 35.34 -0.49
N PHE E 228 3.35 35.31 -1.73
CA PHE E 228 1.92 35.48 -2.01
C PHE E 228 1.38 34.33 -2.84
N PHE E 229 2.05 33.18 -2.80
CA PHE E 229 1.53 31.96 -3.41
C PHE E 229 2.44 30.81 -3.04
N TYR E 230 1.85 29.65 -2.78
CA TYR E 230 2.66 28.47 -2.51
C TYR E 230 1.80 27.23 -2.52
N LEU E 231 2.32 26.17 -3.17
CA LEU E 231 1.76 24.83 -3.07
C LEU E 231 2.81 23.92 -2.48
N ARG E 232 2.36 22.88 -1.78
CA ARG E 232 3.26 21.89 -1.22
C ARG E 232 2.61 20.52 -1.30
N ARG E 233 3.45 19.49 -1.46
CA ARG E 233 2.96 18.12 -1.58
C ARG E 233 4.13 17.21 -1.23
N GLU E 234 4.00 16.47 -0.13
CA GLU E 234 5.10 15.63 0.32
C GLU E 234 4.54 14.37 0.95
N GLN E 235 5.26 13.26 0.77
CA GLN E 235 4.84 11.99 1.35
C GLN E 235 6.04 11.10 1.53
N MET E 236 5.97 10.20 2.50
CA MET E 236 7.04 9.26 2.76
C MET E 236 6.54 8.14 3.67
N PHE E 237 7.35 7.09 3.77
CA PHE E 237 7.16 6.06 4.77
C PHE E 237 8.49 5.36 5.01
N VAL E 238 8.60 4.69 6.15
CA VAL E 238 9.85 4.02 6.51
C VAL E 238 9.92 2.68 5.79
N ARG E 239 11.02 2.45 5.07
CA ARG E 239 11.23 1.21 4.36
C ARG E 239 11.95 0.18 5.23
N HIS E 240 13.02 0.59 5.90
CA HIS E 240 13.80 -0.29 6.74
C HIS E 240 14.12 0.42 8.05
N LEU E 241 14.40 -0.38 9.08
CA LEU E 241 14.66 0.12 10.42
C LEU E 241 16.04 -0.36 10.84
N PHE E 242 17.04 0.50 10.74
CA PHE E 242 18.42 0.14 10.97
C PHE E 242 18.87 0.59 12.35
N ASN E 243 20.16 0.46 12.62
CA ASN E 243 20.76 0.74 13.92
C ASN E 243 22.10 1.42 13.66
N ARG E 244 22.52 2.30 14.57
CA ARG E 244 23.79 2.99 14.39
C ARG E 244 24.92 2.24 15.07
N ALA E 245 26.15 2.53 14.64
CA ALA E 245 27.35 1.96 15.21
C ALA E 245 28.22 3.07 15.76
N GLY E 246 28.63 2.93 17.01
CA GLY E 246 29.45 3.93 17.66
C GLY E 246 29.19 3.97 19.15
N THR E 247 30.15 4.55 19.86
CA THR E 247 30.03 4.63 21.32
C THR E 247 28.78 5.42 21.69
N VAL E 248 28.09 4.96 22.72
CA VAL E 248 26.86 5.60 23.18
C VAL E 248 27.23 6.82 24.01
N GLY E 249 26.70 7.98 23.63
CA GLY E 249 26.93 9.18 24.41
C GLY E 249 26.05 9.30 25.63
N GLU E 250 24.89 8.64 25.63
CA GLU E 250 23.96 8.68 26.75
C GLU E 250 23.47 7.26 27.01
N ASN E 251 23.99 6.66 28.06
CA ASN E 251 23.61 5.29 28.40
C ASN E 251 22.15 5.23 28.78
N VAL E 252 21.51 4.10 28.45
CA VAL E 252 20.11 3.92 28.81
C VAL E 252 19.98 3.93 30.33
N PRO E 253 19.00 4.62 30.90
CA PRO E 253 18.81 4.55 32.36
C PRO E 253 18.55 3.13 32.81
N ASP E 254 19.01 2.81 34.02
CA ASP E 254 18.82 1.47 34.53
C ASP E 254 17.37 1.20 34.86
N ASP E 255 16.53 2.24 34.93
CA ASP E 255 15.14 2.06 35.31
C ASP E 255 14.30 1.45 34.20
N LEU E 256 14.81 1.39 32.98
CA LEU E 256 14.01 1.01 31.82
C LEU E 256 14.22 -0.43 31.38
N TYR E 257 15.03 -1.21 32.08
CA TYR E 257 15.23 -2.60 31.69
C TYR E 257 15.81 -3.38 32.87
N ILE E 258 15.85 -4.70 32.70
CA ILE E 258 16.39 -5.62 33.70
C ILE E 258 17.68 -6.20 33.15
N LYS E 259 18.73 -6.19 33.98
CA LYS E 259 20.04 -6.63 33.53
C LYS E 259 19.99 -8.04 32.98
N GLY E 260 20.69 -8.27 31.88
CA GLY E 260 20.80 -9.59 31.29
C GLY E 260 22.00 -10.35 31.83
N SER E 261 22.24 -11.51 31.22
CA SER E 261 23.36 -12.35 31.60
C SER E 261 23.82 -13.15 30.40
N GLY E 262 25.13 -13.22 30.21
CA GLY E 262 25.69 -13.98 29.10
C GLY E 262 25.71 -13.21 27.80
N SER E 263 24.91 -13.66 26.82
CA SER E 263 24.89 -12.99 25.54
C SER E 263 24.38 -11.56 25.67
N THR E 264 23.34 -11.36 26.47
CA THR E 264 22.72 -10.04 26.63
C THR E 264 23.32 -9.24 27.77
N ALA E 265 24.57 -9.52 28.15
CA ALA E 265 25.20 -8.77 29.24
C ALA E 265 25.36 -7.30 28.86
N ASN E 266 25.72 -7.03 27.61
CA ASN E 266 25.95 -5.66 27.14
C ASN E 266 24.86 -5.30 26.15
N LEU E 267 24.21 -4.16 26.38
CA LEU E 267 23.10 -3.75 25.53
C LEU E 267 23.59 -3.40 24.13
N ALA E 268 22.74 -3.67 23.15
CA ALA E 268 23.01 -3.28 21.78
C ALA E 268 22.75 -1.79 21.60
N SER E 269 23.25 -1.24 20.51
CA SER E 269 23.09 0.17 20.24
C SER E 269 21.61 0.52 20.15
N SER E 270 21.24 1.66 20.75
CA SER E 270 19.86 2.11 20.77
C SER E 270 19.65 3.39 19.99
N ASN E 271 20.46 3.63 18.96
CA ASN E 271 20.29 4.79 18.09
C ASN E 271 19.70 4.30 16.76
N TYR E 272 18.38 4.20 16.73
CA TYR E 272 17.70 3.72 15.54
C TYR E 272 17.48 4.85 14.55
N PHE E 273 17.44 4.50 13.26
CA PHE E 273 17.14 5.47 12.22
C PHE E 273 16.44 4.74 11.08
N PRO E 274 15.37 5.31 10.52
CA PRO E 274 14.73 4.71 9.36
C PRO E 274 15.26 5.27 8.05
N THR E 275 15.17 4.45 7.01
CA THR E 275 15.48 4.91 5.67
C THR E 275 14.18 5.33 5.00
N PRO E 276 14.05 6.58 4.53
CA PRO E 276 12.78 7.01 3.97
C PRO E 276 12.46 6.29 2.67
N SER E 277 11.26 6.57 2.16
CA SER E 277 10.85 6.07 0.86
C SER E 277 9.69 6.92 0.38
N GLY E 278 9.82 7.46 -0.82
CA GLY E 278 8.81 8.34 -1.36
C GLY E 278 7.56 7.66 -1.86
N SER E 279 7.54 6.34 -1.88
CA SER E 279 6.39 5.60 -2.39
C SER E 279 6.25 5.92 -3.88
N MET E 280 5.00 5.99 -4.37
CA MET E 280 4.73 6.02 -5.79
C MET E 280 4.62 7.45 -6.29
N VAL E 281 5.31 7.77 -7.37
CA VAL E 281 5.11 9.01 -8.11
C VAL E 281 4.06 8.76 -9.17
N THR E 282 3.04 9.59 -9.22
CA THR E 282 1.93 9.41 -10.13
C THR E 282 1.64 10.73 -10.82
N SER E 283 1.00 10.64 -11.99
CA SER E 283 0.76 11.82 -12.81
C SER E 283 -0.39 12.67 -12.28
N ASP E 284 -1.41 12.05 -11.69
CA ASP E 284 -2.55 12.80 -11.21
C ASP E 284 -2.21 13.67 -10.02
N ALA E 285 -1.14 13.36 -9.29
CA ALA E 285 -0.73 14.13 -8.12
C ALA E 285 0.30 15.19 -8.47
N GLN E 286 0.32 15.66 -9.70
CA GLN E 286 1.32 16.61 -10.16
C GLN E 286 0.88 18.04 -9.86
N ILE E 287 1.85 18.86 -9.46
CA ILE E 287 1.60 20.28 -9.21
C ILE E 287 1.95 21.13 -10.42
N PHE E 288 2.86 20.70 -11.28
CA PHE E 288 3.40 21.51 -12.36
C PHE E 288 2.66 21.23 -13.66
N ASN E 289 3.13 21.86 -14.74
CA ASN E 289 2.45 21.80 -16.04
C ASN E 289 0.99 22.19 -15.89
N LYS E 290 0.75 23.25 -15.11
CA LYS E 290 -0.60 23.63 -14.74
C LYS E 290 -0.62 25.09 -14.32
N PRO E 291 -1.54 25.90 -14.83
CA PRO E 291 -1.51 27.33 -14.53
C PRO E 291 -2.15 27.65 -13.19
N TYR E 292 -1.51 28.52 -12.44
CA TYR E 292 -2.05 29.06 -11.20
C TYR E 292 -2.34 30.54 -11.41
N TRP E 293 -3.50 30.99 -10.96
CA TRP E 293 -3.90 32.39 -11.10
C TRP E 293 -3.76 33.07 -9.75
N LEU E 294 -2.99 34.15 -9.71
CA LEU E 294 -2.70 34.87 -8.48
C LEU E 294 -3.68 36.02 -8.25
N GLN E 295 -4.97 35.72 -8.30
CA GLN E 295 -5.98 36.77 -8.25
C GLN E 295 -6.32 37.24 -6.84
N ARG E 296 -5.92 36.50 -5.81
CA ARG E 296 -6.22 36.90 -4.44
C ARG E 296 -5.08 36.41 -3.55
N ALA E 297 -4.09 37.27 -3.32
CA ALA E 297 -2.96 36.90 -2.50
C ALA E 297 -3.40 36.72 -1.05
N GLN E 298 -2.69 35.83 -0.35
CA GLN E 298 -3.00 35.60 1.05
C GLN E 298 -2.75 36.84 1.89
N GLY E 299 -1.64 37.53 1.64
CA GLY E 299 -1.21 38.65 2.45
C GLY E 299 -1.66 39.98 1.89
N HIS E 300 -0.87 41.02 2.18
CA HIS E 300 -1.21 42.38 1.77
C HIS E 300 -0.63 42.77 0.42
N ASN E 301 0.48 42.16 0.01
CA ASN E 301 1.02 42.41 -1.32
C ASN E 301 0.27 41.52 -2.30
N ASN E 302 -0.62 42.12 -3.08
CA ASN E 302 -1.49 41.38 -3.99
C ASN E 302 -0.84 41.19 -5.36
N GLY E 303 0.39 40.67 -5.36
CA GLY E 303 1.09 40.38 -6.60
C GLY E 303 1.96 41.48 -7.13
N ILE E 304 2.10 42.60 -6.42
CA ILE E 304 2.93 43.70 -6.89
C ILE E 304 4.39 43.28 -6.84
N CYS E 305 5.11 43.50 -7.95
CA CYS E 305 6.51 43.12 -8.06
C CYS E 305 7.37 44.36 -7.83
N TRP E 306 7.59 44.68 -6.56
CA TRP E 306 8.41 45.83 -6.20
C TRP E 306 9.83 45.64 -6.69
N GLY E 307 10.38 46.68 -7.31
CA GLY E 307 11.73 46.61 -7.82
C GLY E 307 11.88 45.90 -9.14
N ASN E 308 10.78 45.47 -9.75
CA ASN E 308 10.83 44.75 -11.02
C ASN E 308 11.53 43.40 -10.86
N GLN E 309 11.06 42.60 -9.90
CA GLN E 309 11.69 41.33 -9.59
C GLN E 309 10.63 40.27 -9.28
N LEU E 310 11.06 39.02 -9.33
CA LEU E 310 10.31 37.89 -8.81
C LEU E 310 11.30 36.87 -8.27
N PHE E 311 10.78 35.89 -7.55
CA PHE E 311 11.58 34.77 -7.07
C PHE E 311 10.68 33.55 -7.04
N VAL E 312 10.91 32.63 -7.98
CA VAL E 312 10.12 31.41 -8.09
C VAL E 312 11.01 30.26 -7.60
N THR E 313 10.67 29.71 -6.44
CA THR E 313 11.37 28.58 -5.88
C THR E 313 10.59 27.31 -6.17
N VAL E 314 11.26 26.34 -6.80
CA VAL E 314 10.61 25.10 -7.24
C VAL E 314 11.44 23.92 -6.76
N VAL E 315 10.75 22.92 -6.22
CA VAL E 315 11.36 21.63 -5.87
C VAL E 315 10.51 20.54 -6.47
N ASP E 316 11.16 19.54 -7.06
CA ASP E 316 10.43 18.47 -7.74
C ASP E 316 11.30 17.22 -7.71
N THR E 317 10.98 16.30 -6.81
CA THR E 317 11.70 15.05 -6.68
C THR E 317 11.00 13.90 -7.40
N THR E 318 9.97 14.18 -8.19
CA THR E 318 9.30 13.18 -8.99
C THR E 318 9.82 13.12 -10.42
N ARG E 319 10.87 13.86 -10.73
CA ARG E 319 11.58 13.75 -12.00
C ARG E 319 13.07 13.64 -11.75
N SER E 320 13.45 12.78 -10.82
CA SER E 320 14.83 12.66 -10.36
C SER E 320 15.51 11.41 -10.91
N THR E 321 15.24 11.03 -12.15
CA THR E 321 15.82 9.83 -12.72
C THR E 321 17.27 10.10 -13.15
N ASN E 322 18.21 9.44 -12.50
CA ASN E 322 19.60 9.50 -12.90
C ASN E 322 19.84 8.50 -14.03
N MET E 323 20.62 8.92 -15.02
CA MET E 323 20.93 8.07 -16.16
C MET E 323 22.38 7.61 -16.07
N SER E 324 22.59 6.30 -16.13
CA SER E 324 23.93 5.72 -16.11
C SER E 324 24.50 5.73 -17.51
N LEU E 325 25.72 6.22 -17.65
CA LEU E 325 26.43 6.19 -18.93
C LEU E 325 27.62 5.25 -18.80
N CYS E 326 28.04 4.70 -19.93
CA CYS E 326 29.14 3.75 -19.98
C CYS E 326 29.99 4.03 -21.21
N ALA E 327 31.30 3.92 -21.05
CA ALA E 327 32.24 4.13 -22.15
C ALA E 327 33.24 3.00 -22.17
N ALA E 328 33.65 2.60 -23.37
CA ALA E 328 34.55 1.48 -23.53
C ALA E 328 35.98 1.96 -23.73
N ILE E 329 36.88 1.51 -22.86
CA ILE E 329 38.28 1.94 -22.96
C ILE E 329 38.88 1.47 -24.27
N SER E 330 38.64 0.22 -24.65
CA SER E 330 39.09 -0.32 -25.93
C SER E 330 37.97 -1.15 -26.54
N THR E 331 37.85 -1.08 -27.85
CA THR E 331 36.75 -1.70 -28.57
C THR E 331 37.13 -3.01 -29.26
N SER E 332 38.37 -3.48 -29.10
CA SER E 332 38.81 -4.70 -29.78
C SER E 332 38.45 -5.97 -29.01
N GLU E 333 38.01 -5.85 -27.76
CA GLU E 333 37.73 -7.04 -26.96
C GLU E 333 36.47 -7.74 -27.44
N THR E 334 36.47 -9.07 -27.33
CA THR E 334 35.35 -9.89 -27.76
C THR E 334 34.56 -10.47 -26.60
N THR E 335 35.09 -10.42 -25.37
CA THR E 335 34.40 -10.91 -24.20
C THR E 335 34.31 -9.80 -23.16
N TYR E 336 33.32 -9.91 -22.28
CA TYR E 336 33.06 -8.86 -21.30
C TYR E 336 34.07 -8.92 -20.17
N LYS E 337 34.62 -7.75 -19.81
CA LYS E 337 35.50 -7.60 -18.68
C LYS E 337 35.14 -6.31 -17.96
N ASN E 338 35.11 -6.37 -16.63
CA ASN E 338 34.70 -5.19 -15.86
C ASN E 338 35.65 -4.02 -16.09
N THR E 339 36.96 -4.30 -16.11
CA THR E 339 37.94 -3.23 -16.18
C THR E 339 37.92 -2.49 -17.51
N ASN E 340 37.22 -3.00 -18.51
CA ASN E 340 37.21 -2.41 -19.84
C ASN E 340 36.12 -1.38 -20.04
N PHE E 341 35.30 -1.09 -19.02
CA PHE E 341 34.17 -0.18 -19.16
C PHE E 341 34.11 0.77 -17.97
N LYS E 342 34.14 2.07 -18.25
CA LYS E 342 33.93 3.09 -17.23
C LYS E 342 32.44 3.42 -17.13
N GLU E 343 32.04 3.88 -15.95
CA GLU E 343 30.63 4.17 -15.69
C GLU E 343 30.50 5.50 -14.97
N TYR E 344 29.52 6.31 -15.40
CA TYR E 344 29.28 7.64 -14.87
C TYR E 344 27.80 7.79 -14.57
N LEU E 345 27.44 8.89 -13.93
CA LEU E 345 26.06 9.26 -13.67
C LEU E 345 25.84 10.69 -14.12
N ARG E 346 24.66 10.97 -14.66
CA ARG E 346 24.32 12.32 -15.07
C ARG E 346 22.82 12.52 -14.86
N HIS E 347 22.43 13.77 -14.67
CA HIS E 347 21.04 14.12 -14.43
C HIS E 347 20.69 15.37 -15.22
N GLY E 348 19.54 15.34 -15.88
CA GLY E 348 19.11 16.45 -16.71
C GLY E 348 17.78 17.04 -16.30
N GLU E 349 17.76 18.35 -16.08
CA GLU E 349 16.56 19.10 -15.69
C GLU E 349 16.09 19.95 -16.86
N GLU E 350 14.77 20.12 -16.96
CA GLU E 350 14.18 20.97 -17.97
C GLU E 350 13.10 21.82 -17.34
N TYR E 351 13.12 23.12 -17.60
CA TYR E 351 12.17 24.08 -17.04
C TYR E 351 11.69 25.01 -18.14
N ASP E 352 10.49 25.56 -17.94
CA ASP E 352 9.93 26.54 -18.86
C ASP E 352 8.91 27.37 -18.11
N LEU E 353 9.29 28.60 -17.77
CA LEU E 353 8.48 29.49 -16.95
C LEU E 353 7.73 30.47 -17.83
N GLN E 354 6.43 30.62 -17.56
CA GLN E 354 5.58 31.55 -18.31
C GLN E 354 4.77 32.38 -17.32
N PHE E 355 4.66 33.67 -17.60
CA PHE E 355 4.01 34.62 -16.71
C PHE E 355 3.05 35.50 -17.48
N ILE E 356 2.02 35.98 -16.78
CA ILE E 356 1.11 37.00 -17.29
C ILE E 356 1.21 38.18 -16.35
N PHE E 357 1.57 39.34 -16.88
CA PHE E 357 1.79 40.54 -16.10
C PHE E 357 0.76 41.60 -16.46
N GLN E 358 0.31 42.36 -15.46
CA GLN E 358 -0.65 43.43 -15.64
C GLN E 358 -0.02 44.72 -15.14
N LEU E 359 -0.06 45.75 -15.98
CA LEU E 359 0.51 47.04 -15.62
C LEU E 359 -0.34 47.70 -14.54
N CYS E 360 0.32 48.45 -13.65
CA CYS E 360 -0.34 49.17 -12.58
C CYS E 360 0.34 50.53 -12.41
N LYS E 361 -0.33 51.42 -11.69
CA LYS E 361 0.17 52.77 -11.50
C LYS E 361 -0.10 53.25 -10.08
N ILE E 362 0.82 54.07 -9.58
CA ILE E 362 0.76 54.60 -8.22
C ILE E 362 0.89 56.11 -8.27
N THR E 363 -0.02 56.81 -7.61
CA THR E 363 0.03 58.27 -7.51
C THR E 363 0.99 58.65 -6.39
N LEU E 364 1.94 59.53 -6.70
CA LEU E 364 2.99 59.91 -5.75
C LEU E 364 2.54 61.12 -4.92
N THR E 365 1.52 60.90 -4.11
CA THR E 365 1.10 61.92 -3.15
C THR E 365 1.90 61.77 -1.86
N ALA E 366 1.69 62.70 -0.93
CA ALA E 366 2.52 62.76 0.27
C ALA E 366 2.37 61.49 1.11
N ASP E 367 1.14 61.11 1.45
CA ASP E 367 0.94 59.95 2.30
C ASP E 367 1.37 58.66 1.61
N VAL E 368 1.12 58.56 0.30
CA VAL E 368 1.56 57.38 -0.44
C VAL E 368 3.07 57.27 -0.42
N MET E 369 3.77 58.37 -0.65
CA MET E 369 5.23 58.35 -0.64
C MET E 369 5.76 58.00 0.74
N THR E 370 5.17 58.55 1.80
CA THR E 370 5.62 58.22 3.14
C THR E 370 5.40 56.74 3.44
N TYR E 371 4.25 56.20 3.04
CA TYR E 371 3.98 54.78 3.27
C TYR E 371 4.98 53.91 2.51
N ILE E 372 5.26 54.25 1.25
CA ILE E 372 6.19 53.45 0.47
C ILE E 372 7.60 53.55 1.05
N HIS E 373 7.99 54.73 1.52
CA HIS E 373 9.30 54.88 2.14
C HIS E 373 9.41 54.04 3.39
N SER E 374 8.37 54.05 4.23
CA SER E 374 8.39 53.22 5.43
C SER E 374 8.45 51.74 5.08
N MET E 375 7.67 51.32 4.08
CA MET E 375 7.68 49.92 3.68
C MET E 375 9.07 49.50 3.19
N ASN E 376 9.64 50.26 2.27
CA ASN E 376 10.94 49.93 1.69
C ASN E 376 11.50 51.20 1.07
N SER E 377 12.62 51.69 1.60
CA SER E 377 13.16 52.96 1.15
C SER E 377 13.57 52.91 -0.31
N THR E 378 14.13 51.79 -0.76
CA THR E 378 14.71 51.71 -2.10
C THR E 378 13.67 51.89 -3.20
N ILE E 379 12.38 51.77 -2.87
CA ILE E 379 11.35 51.85 -3.90
C ILE E 379 11.39 53.22 -4.57
N LEU E 380 11.46 54.28 -3.76
CA LEU E 380 11.43 55.63 -4.29
C LEU E 380 12.74 56.01 -4.98
N GLU E 381 13.86 55.42 -4.57
CA GLU E 381 15.12 55.67 -5.26
C GLU E 381 15.18 54.97 -6.61
N ASP E 382 14.61 53.76 -6.72
CA ASP E 382 14.64 53.07 -8.00
C ASP E 382 13.88 53.83 -9.08
N TRP E 383 12.95 54.70 -8.69
CA TRP E 383 12.12 55.43 -9.63
C TRP E 383 12.81 56.68 -10.17
N ASN E 384 14.12 56.77 -10.08
CA ASN E 384 14.87 57.90 -10.62
C ASN E 384 14.56 58.09 -12.10
N GLU E 390 25.30 49.40 -4.92
CA GLU E 390 25.50 48.06 -5.45
C GLU E 390 24.32 47.17 -5.08
N ASP E 391 24.12 46.12 -5.87
CA ASP E 391 22.99 45.21 -5.66
C ASP E 391 23.08 44.57 -4.28
N PRO E 392 22.05 44.69 -3.43
CA PRO E 392 22.12 44.06 -2.10
C PRO E 392 21.89 42.57 -2.14
N LEU E 393 21.00 42.13 -3.04
CA LEU E 393 20.68 40.72 -3.16
C LEU E 393 21.72 39.94 -3.96
N LYS E 394 22.69 40.61 -4.57
CA LYS E 394 23.73 39.92 -5.33
C LYS E 394 24.87 39.47 -4.41
N LYS E 395 24.50 38.80 -3.32
CA LYS E 395 25.43 38.13 -2.44
C LYS E 395 25.15 36.63 -2.37
N TYR E 396 24.03 36.19 -2.92
CA TYR E 396 23.62 34.79 -2.95
C TYR E 396 23.76 34.25 -4.37
N THR E 397 23.31 33.03 -4.57
CA THR E 397 23.31 32.38 -5.87
C THR E 397 21.87 32.13 -6.30
N PHE E 398 21.51 32.66 -7.45
CA PHE E 398 20.19 32.45 -8.04
C PHE E 398 20.35 32.14 -9.52
N TRP E 399 19.41 31.36 -10.05
CA TRP E 399 19.38 31.07 -11.48
C TRP E 399 18.80 32.28 -12.19
N GLU E 400 19.67 33.25 -12.48
CA GLU E 400 19.22 34.51 -13.07
C GLU E 400 18.48 34.26 -14.38
N VAL E 401 17.30 34.84 -14.49
CA VAL E 401 16.50 34.82 -15.71
C VAL E 401 16.23 36.25 -16.11
N ASN E 402 16.54 36.60 -17.35
CA ASN E 402 16.44 37.96 -17.86
C ASN E 402 15.33 38.02 -18.90
N LEU E 403 14.18 38.58 -18.51
CA LEU E 403 13.03 38.70 -19.39
C LEU E 403 12.84 40.13 -19.91
N LYS E 404 13.91 40.93 -19.91
CA LYS E 404 13.76 42.32 -20.32
C LYS E 404 13.39 42.44 -21.78
N GLU E 405 13.64 41.41 -22.58
CA GLU E 405 13.36 41.43 -24.01
C GLU E 405 12.35 40.37 -24.42
N LYS E 406 11.57 39.83 -23.49
CA LYS E 406 10.63 38.76 -23.77
C LYS E 406 9.18 39.17 -23.65
N PHE E 407 8.90 40.38 -23.17
CA PHE E 407 7.51 40.80 -23.00
C PHE E 407 6.84 40.99 -24.36
N SER E 408 5.60 40.52 -24.46
CA SER E 408 4.82 40.62 -25.68
C SER E 408 3.39 40.98 -25.33
N ALA E 409 2.80 41.89 -26.08
CA ALA E 409 1.47 42.40 -25.78
C ALA E 409 0.36 41.53 -26.36
N ASP E 410 0.69 40.51 -27.14
CA ASP E 410 -0.31 39.64 -27.76
C ASP E 410 -0.40 38.37 -26.92
N LEU E 411 -1.48 38.26 -26.13
CA LEU E 411 -1.66 37.07 -25.32
C LEU E 411 -2.14 35.88 -26.14
N ASP E 412 -2.86 36.12 -27.22
CA ASP E 412 -3.38 35.03 -28.03
C ASP E 412 -2.29 34.21 -28.68
N GLN E 413 -1.08 34.74 -28.80
CA GLN E 413 -0.01 34.05 -29.49
C GLN E 413 0.74 33.06 -28.61
N PHE E 414 0.40 32.95 -27.33
CA PHE E 414 1.09 32.06 -26.42
C PHE E 414 0.08 31.20 -25.67
N PRO E 415 0.48 29.99 -25.25
CA PRO E 415 -0.50 29.08 -24.64
C PRO E 415 -1.02 29.55 -23.29
N LEU E 416 -0.16 30.07 -22.43
CA LEU E 416 -0.64 30.60 -21.16
C LEU E 416 -1.58 31.78 -21.38
N GLY E 417 -1.27 32.63 -22.35
CA GLY E 417 -2.19 33.72 -22.67
C GLY E 417 -3.53 33.22 -23.17
N ARG E 418 -3.52 32.19 -24.01
CA ARG E 418 -4.78 31.62 -24.49
C ARG E 418 -5.60 31.04 -23.34
N LYS E 419 -4.93 30.37 -22.40
CA LYS E 419 -5.66 29.88 -21.22
C LYS E 419 -6.19 31.04 -20.39
N PHE E 420 -5.39 32.09 -20.22
CA PHE E 420 -5.81 33.22 -19.39
C PHE E 420 -7.04 33.91 -19.96
N LEU E 421 -7.06 34.12 -21.28
CA LEU E 421 -8.18 34.83 -21.88
C LEU E 421 -9.50 34.10 -21.70
N LEU E 422 -9.50 32.77 -21.61
CA LEU E 422 -10.72 32.05 -21.29
C LEU E 422 -11.21 32.40 -19.90
N GLN E 423 -10.30 32.48 -18.93
CA GLN E 423 -10.67 32.90 -17.59
C GLN E 423 -11.11 34.37 -17.58
N LEU E 424 -10.56 35.17 -18.49
CA LEU E 424 -10.83 36.60 -18.53
C LEU E 424 -10.41 37.27 -17.23
N GLN F 1 29.82 -27.46 2.65
CA GLN F 1 31.20 -27.74 3.01
C GLN F 1 32.15 -27.44 1.84
N VAL F 2 33.44 -27.66 2.07
CA VAL F 2 34.48 -27.44 1.07
C VAL F 2 35.50 -28.57 1.20
N GLN F 3 36.54 -28.50 0.38
CA GLN F 3 37.65 -29.46 0.42
C GLN F 3 38.90 -28.74 0.88
N LEU F 4 39.59 -29.31 1.86
CA LEU F 4 40.81 -28.74 2.39
C LEU F 4 42.01 -29.57 1.96
N GLN F 5 43.21 -29.01 2.15
CA GLN F 5 44.44 -29.66 1.77
C GLN F 5 45.50 -29.34 2.82
N GLN F 6 46.51 -30.20 2.91
CA GLN F 6 47.55 -30.06 3.92
C GLN F 6 48.91 -30.36 3.33
N TRP F 7 49.90 -29.53 3.67
CA TRP F 7 51.29 -29.86 3.42
C TRP F 7 52.17 -28.88 4.19
N GLY F 8 53.19 -29.39 4.85
CA GLY F 8 54.05 -28.55 5.67
C GLY F 8 55.27 -29.32 6.13
N ALA F 9 55.94 -28.75 7.12
CA ALA F 9 57.18 -29.33 7.66
C ALA F 9 56.82 -30.50 8.55
N GLY F 10 56.73 -31.69 7.95
CA GLY F 10 56.39 -32.88 8.72
C GLY F 10 57.46 -33.25 9.72
N LEU F 11 58.73 -33.13 9.32
CA LEU F 11 59.86 -33.49 10.17
C LEU F 11 60.55 -32.21 10.64
N LEU F 12 60.89 -32.15 11.93
CA LEU F 12 61.45 -30.95 12.52
C LEU F 12 62.50 -31.34 13.56
N LYS F 13 63.15 -30.32 14.10
CA LYS F 13 64.19 -30.40 15.11
C LYS F 13 63.90 -29.36 16.19
N PRO F 14 64.29 -29.59 17.43
CA PRO F 14 64.01 -28.61 18.48
C PRO F 14 64.58 -27.24 18.14
N SER F 15 63.82 -26.20 18.47
CA SER F 15 64.14 -24.79 18.25
C SER F 15 63.99 -24.37 16.79
N GLU F 16 63.42 -25.22 15.94
CA GLU F 16 63.11 -24.83 14.58
C GLU F 16 61.80 -24.04 14.55
N THR F 17 61.47 -23.52 13.37
CA THR F 17 60.21 -22.81 13.14
C THR F 17 59.36 -23.65 12.19
N LEU F 18 58.12 -23.91 12.60
CA LEU F 18 57.19 -24.73 11.83
C LEU F 18 56.38 -23.83 10.89
N SER F 19 56.19 -24.30 9.66
CA SER F 19 55.41 -23.59 8.66
C SER F 19 54.40 -24.53 8.03
N LEU F 20 53.14 -24.07 7.98
CA LEU F 20 52.04 -24.85 7.43
C LEU F 20 51.32 -24.03 6.38
N THR F 21 50.63 -24.72 5.47
CA THR F 21 49.82 -24.09 4.45
C THR F 21 48.67 -25.02 4.09
N CYS F 22 47.49 -24.43 3.88
CA CYS F 22 46.31 -25.17 3.47
C CYS F 22 45.63 -24.44 2.33
N ALA F 23 45.13 -25.20 1.37
CA ALA F 23 44.53 -24.66 0.14
C ALA F 23 43.08 -25.11 0.06
N VAL F 24 42.16 -24.15 0.06
CA VAL F 24 40.74 -24.48 -0.10
C VAL F 24 40.45 -24.79 -1.55
N ASN F 25 39.63 -25.82 -1.78
CA ASN F 25 39.29 -26.28 -3.11
C ASN F 25 37.78 -26.54 -3.17
N GLY F 26 37.20 -26.29 -4.34
CA GLY F 26 35.77 -26.44 -4.50
C GLY F 26 34.95 -25.36 -3.85
N GLY F 27 35.59 -24.33 -3.32
CA GLY F 27 34.87 -23.25 -2.67
C GLY F 27 35.78 -22.07 -2.42
N SER F 28 35.21 -21.04 -1.78
CA SER F 28 35.95 -19.83 -1.48
C SER F 28 35.82 -19.54 0.02
N PHE F 29 36.62 -18.58 0.48
CA PHE F 29 36.65 -18.28 1.91
C PHE F 29 35.30 -17.75 2.39
N SER F 30 34.67 -16.88 1.60
CA SER F 30 33.37 -16.32 1.99
C SER F 30 33.55 -15.53 3.29
N ILE F 31 32.53 -15.55 4.16
CA ILE F 31 32.56 -14.76 5.39
C ILE F 31 32.82 -15.67 6.57
N TYR F 32 33.29 -16.89 6.32
CA TYR F 32 33.58 -17.83 7.38
C TYR F 32 35.03 -17.70 7.83
N TYR F 33 35.29 -18.18 9.05
CA TYR F 33 36.65 -18.21 9.58
C TYR F 33 37.30 -19.56 9.27
N TRP F 34 38.61 -19.63 9.48
CA TRP F 34 39.38 -20.84 9.24
C TRP F 34 40.44 -20.98 10.32
N SER F 35 40.50 -22.16 10.95
CA SER F 35 41.30 -22.37 12.14
C SER F 35 42.13 -23.65 12.00
N TRP F 36 43.04 -23.84 12.95
CA TRP F 36 43.91 -25.01 13.01
C TRP F 36 43.76 -25.70 14.36
N ILE F 37 43.73 -27.03 14.31
CA ILE F 37 43.55 -27.87 15.50
C ILE F 37 44.53 -29.02 15.43
N ARG F 38 45.17 -29.32 16.57
CA ARG F 38 46.18 -30.36 16.65
C ARG F 38 45.83 -31.34 17.76
N GLN F 39 46.24 -32.55 17.65
CA GLN F 39 46.02 -33.69 18.49
C GLN F 39 47.30 -34.34 18.92
N PRO F 40 48.06 -33.73 19.83
CA PRO F 40 49.30 -34.37 20.28
C PRO F 40 49.01 -35.71 20.92
N PRO F 41 49.90 -36.69 20.76
CA PRO F 41 49.68 -37.99 21.41
C PRO F 41 49.60 -37.84 22.92
N GLY F 42 48.75 -38.57 23.56
CA GLY F 42 48.47 -38.44 24.90
C GLY F 42 47.75 -37.26 25.36
N LYS F 43 47.04 -36.60 24.51
CA LYS F 43 46.29 -35.41 24.64
C LYS F 43 44.98 -35.46 23.90
N GLY F 44 44.17 -34.47 24.00
CA GLY F 44 43.06 -34.21 23.20
C GLY F 44 43.29 -33.40 22.00
N LEU F 45 42.49 -32.46 21.66
CA LEU F 45 42.60 -31.49 20.64
C LEU F 45 42.83 -30.10 21.19
N ASP F 46 43.80 -29.37 20.76
CA ASP F 46 44.21 -28.08 21.14
C ASP F 46 43.94 -27.06 20.07
N TRP F 47 43.12 -26.05 20.36
CA TRP F 47 42.80 -25.03 19.38
C TRP F 47 43.94 -24.03 19.26
N ILE F 48 44.18 -23.56 18.04
CA ILE F 48 45.34 -22.71 17.76
C ILE F 48 44.90 -21.28 17.52
N GLY F 49 44.09 -21.07 16.49
CA GLY F 49 43.65 -19.74 16.14
C GLY F 49 42.83 -19.78 14.87
N GLU F 50 42.46 -18.59 14.39
CA GLU F 50 41.60 -18.50 13.22
C GLU F 50 41.90 -17.22 12.45
N ILE F 51 41.47 -17.20 11.19
CA ILE F 51 41.74 -16.09 10.28
C ILE F 51 40.71 -16.13 9.17
N ASN F 52 40.10 -14.97 8.89
CA ASN F 52 39.16 -14.81 7.80
C ASN F 52 39.82 -14.00 6.68
N GLN F 53 39.03 -13.67 5.65
CA GLN F 53 39.58 -13.01 4.47
C GLN F 53 40.19 -11.67 4.82
N SER F 54 39.53 -10.89 5.68
CA SER F 54 39.92 -9.51 5.92
C SER F 54 41.17 -9.36 6.77
N GLY F 55 41.76 -10.46 7.24
CA GLY F 55 42.98 -10.39 8.04
C GLY F 55 42.76 -10.46 9.53
N SER F 56 41.51 -10.52 10.01
CA SER F 56 41.26 -10.57 11.44
C SER F 56 41.68 -11.92 11.99
N THR F 57 42.43 -11.91 13.09
CA THR F 57 42.98 -13.11 13.68
C THR F 57 42.62 -13.21 15.15
N ASN F 58 42.26 -14.41 15.59
CA ASN F 58 42.07 -14.73 17.00
C ASN F 58 42.99 -15.88 17.36
N TYR F 59 43.59 -15.82 18.54
CA TYR F 59 44.62 -16.77 18.91
C TYR F 59 44.35 -17.37 20.28
N ASN F 60 44.87 -18.56 20.49
CA ASN F 60 44.78 -19.21 21.79
C ASN F 60 45.63 -18.45 22.80
N PRO F 61 45.10 -18.12 23.98
CA PRO F 61 45.85 -17.23 24.87
C PRO F 61 47.21 -17.78 25.29
N SER F 62 47.33 -19.09 25.48
CA SER F 62 48.61 -19.66 25.87
C SER F 62 49.59 -19.70 24.71
N LEU F 63 49.13 -20.11 23.53
CA LEU F 63 50.02 -20.34 22.40
C LEU F 63 50.20 -19.11 21.51
N LYS F 64 49.52 -18.01 21.80
CA LYS F 64 49.64 -16.83 20.95
C LYS F 64 51.02 -16.21 21.05
N SER F 65 51.83 -16.60 22.02
CA SER F 65 53.17 -16.06 22.16
C SER F 65 54.13 -16.59 21.09
N ARG F 66 53.75 -17.66 20.39
CA ARG F 66 54.60 -18.25 19.37
C ARG F 66 53.91 -18.45 18.03
N VAL F 67 52.61 -18.14 17.92
CA VAL F 67 51.81 -18.46 16.75
C VAL F 67 51.54 -17.18 15.96
N THR F 68 51.68 -17.27 14.64
CA THR F 68 51.36 -16.18 13.74
C THR F 68 50.69 -16.77 12.50
N MET F 69 49.86 -15.97 11.83
CA MET F 69 49.05 -16.45 10.73
C MET F 69 48.95 -15.38 9.65
N SER F 70 48.61 -15.84 8.44
CA SER F 70 48.39 -14.94 7.32
C SER F 70 47.51 -15.66 6.30
N VAL F 71 46.90 -14.89 5.40
CA VAL F 71 45.99 -15.41 4.40
C VAL F 71 46.29 -14.76 3.06
N ASP F 72 45.92 -15.47 2.00
CA ASP F 72 46.05 -14.95 0.64
C ASP F 72 44.90 -15.47 -0.20
N THR F 73 44.13 -14.55 -0.77
CA THR F 73 42.97 -14.91 -1.57
C THR F 73 43.32 -15.29 -3.01
N SER F 74 44.53 -14.99 -3.46
CA SER F 74 44.88 -15.24 -4.85
C SER F 74 44.82 -16.72 -5.18
N LYS F 75 45.48 -17.55 -4.36
CA LYS F 75 45.53 -19.00 -4.58
C LYS F 75 44.58 -19.75 -3.66
N SER F 76 43.73 -19.05 -2.91
CA SER F 76 42.81 -19.68 -1.97
C SER F 76 43.57 -20.54 -0.96
N GLN F 77 44.40 -19.90 -0.15
CA GLN F 77 45.22 -20.60 0.82
C GLN F 77 45.52 -19.70 2.01
N PHE F 78 45.58 -20.30 3.19
CA PHE F 78 45.94 -19.62 4.43
C PHE F 78 47.03 -20.43 5.13
N SER F 79 48.02 -19.73 5.68
CA SER F 79 49.21 -20.36 6.22
C SER F 79 49.33 -20.08 7.71
N LEU F 80 50.26 -20.82 8.34
CA LEU F 80 50.49 -20.77 9.77
C LEU F 80 51.98 -20.81 10.05
N ARG F 81 52.38 -20.27 11.20
CA ARG F 81 53.75 -20.34 11.68
C ARG F 81 53.75 -20.51 13.19
N MET F 82 54.70 -21.30 13.68
CA MET F 82 54.86 -21.52 15.12
C MET F 82 56.33 -21.79 15.40
N THR F 83 57.01 -20.81 15.98
CA THR F 83 58.44 -20.89 16.23
C THR F 83 58.73 -21.67 17.51
N SER F 84 60.01 -22.06 17.65
CA SER F 84 60.49 -22.72 18.87
C SER F 84 59.76 -24.03 19.13
N VAL F 85 59.78 -24.91 18.12
CA VAL F 85 59.10 -26.19 18.23
C VAL F 85 59.83 -27.07 19.23
N THR F 86 59.07 -27.74 20.09
CA THR F 86 59.59 -28.66 21.09
C THR F 86 58.99 -30.05 20.88
N ALA F 87 59.31 -30.96 21.80
CA ALA F 87 58.77 -32.32 21.71
C ALA F 87 57.26 -32.32 21.84
N ALA F 88 56.72 -31.49 22.74
CA ALA F 88 55.28 -31.44 22.95
C ALA F 88 54.51 -30.89 21.76
N ASP F 89 55.20 -30.31 20.78
CA ASP F 89 54.54 -29.78 19.59
C ASP F 89 54.21 -30.85 18.56
N THR F 90 54.61 -32.10 18.79
CA THR F 90 54.22 -33.18 17.89
C THR F 90 52.73 -33.43 17.98
N ALA F 91 52.07 -33.50 16.84
CA ALA F 91 50.64 -33.73 16.80
C ALA F 91 50.19 -33.87 15.35
N ILE F 92 49.07 -34.56 15.16
CA ILE F 92 48.44 -34.69 13.86
C ILE F 92 47.62 -33.43 13.62
N TYR F 93 48.20 -32.45 12.93
CA TYR F 93 47.52 -31.19 12.68
C TYR F 93 46.35 -31.40 11.73
N TYR F 94 45.36 -30.51 11.84
CA TYR F 94 44.16 -30.54 11.02
C TYR F 94 43.79 -29.13 10.61
N CYS F 95 43.10 -29.01 9.50
CA CYS F 95 42.53 -27.74 9.06
C CYS F 95 41.01 -27.87 9.03
N ALA F 96 40.32 -26.88 9.59
CA ALA F 96 38.88 -26.93 9.72
C ALA F 96 38.28 -25.58 9.37
N ARG F 97 37.05 -25.60 8.89
CA ARG F 97 36.28 -24.40 8.62
C ARG F 97 35.40 -24.08 9.83
N ALA F 98 35.18 -22.79 10.03
CA ALA F 98 34.33 -22.29 11.12
C ALA F 98 33.17 -21.52 10.50
N PRO F 99 32.01 -22.13 10.31
CA PRO F 99 30.91 -21.42 9.66
C PRO F 99 30.15 -20.49 10.60
N ARG F 100 30.77 -20.16 11.72
CA ARG F 100 30.14 -19.30 12.72
C ARG F 100 29.67 -18.00 12.12
N ILE F 101 28.42 -17.62 12.42
CA ILE F 101 27.84 -16.36 12.01
C ILE F 101 27.08 -15.77 13.20
N ARG F 102 26.79 -14.48 13.11
CA ARG F 102 26.02 -13.79 14.13
C ARG F 102 24.56 -13.75 13.71
N TRP F 103 23.66 -13.84 14.68
CA TRP F 103 22.23 -13.92 14.43
C TRP F 103 21.48 -13.07 15.44
N GLY F 104 20.90 -11.97 15.00
CA GLY F 104 20.08 -11.15 15.86
C GLY F 104 20.83 -10.17 16.72
N SER F 105 22.12 -9.97 16.49
CA SER F 105 22.96 -8.99 17.16
C SER F 105 23.36 -9.39 18.57
N TYR F 106 22.95 -10.56 19.06
CA TYR F 106 23.30 -10.96 20.42
C TYR F 106 23.97 -12.33 20.50
N ARG F 107 23.52 -13.30 19.70
CA ARG F 107 23.98 -14.68 19.84
C ARG F 107 24.36 -15.25 18.49
N LEU F 108 25.31 -16.19 18.51
CA LEU F 108 25.88 -16.78 17.31
C LEU F 108 25.19 -18.08 16.96
N LYS F 109 25.45 -18.55 15.74
CA LYS F 109 24.90 -19.80 15.24
C LYS F 109 25.97 -20.51 14.42
N GLN F 110 25.81 -21.83 14.27
CA GLN F 110 26.78 -22.64 13.52
C GLN F 110 28.19 -22.42 14.04
N THR F 111 28.37 -22.65 15.34
CA THR F 111 29.67 -22.44 15.97
C THR F 111 30.58 -23.65 15.86
N ASN F 112 30.13 -24.72 15.22
CA ASN F 112 30.91 -25.94 15.13
C ASN F 112 32.09 -25.78 14.16
N PHE F 113 32.86 -26.86 14.03
CA PHE F 113 33.82 -27.02 12.95
C PHE F 113 33.28 -28.02 11.94
N ASP F 114 33.79 -27.95 10.72
CA ASP F 114 33.39 -28.88 9.68
C ASP F 114 34.42 -28.82 8.55
N SER F 115 34.18 -29.62 7.50
CA SER F 115 35.13 -29.75 6.40
C SER F 115 36.49 -30.20 6.89
N TRP F 116 36.50 -31.10 7.88
CA TRP F 116 37.74 -31.54 8.50
C TRP F 116 38.68 -32.14 7.46
N GLY F 117 39.97 -31.82 7.58
CA GLY F 117 40.97 -32.47 6.76
C GLY F 117 41.35 -33.83 7.31
N GLN F 118 41.94 -34.65 6.43
CA GLN F 118 42.37 -35.98 6.85
C GLN F 118 43.46 -35.90 7.91
N GLY F 119 44.32 -34.89 7.85
CA GLY F 119 45.33 -34.69 8.87
C GLY F 119 46.74 -34.87 8.36
N THR F 120 47.69 -34.21 9.01
CA THR F 120 49.10 -34.31 8.69
C THR F 120 49.88 -34.51 9.98
N LEU F 121 50.86 -35.41 9.95
CA LEU F 121 51.64 -35.73 11.14
C LEU F 121 52.92 -34.90 11.18
N VAL F 122 53.09 -34.14 12.25
CA VAL F 122 54.30 -33.33 12.47
C VAL F 122 54.96 -33.81 13.74
N THR F 123 56.24 -34.16 13.64
CA THR F 123 57.02 -34.66 14.76
C THR F 123 58.27 -33.82 14.94
N VAL F 124 58.59 -33.50 16.19
CA VAL F 124 59.76 -32.69 16.51
C VAL F 124 60.86 -33.57 17.09
N GLN G 1 39.66 -21.66 26.79
CA GLN G 1 40.53 -21.32 27.91
C GLN G 1 40.97 -22.59 28.65
N SER G 2 40.08 -23.43 29.03
CA SER G 2 40.22 -24.63 29.76
C SER G 2 39.57 -25.82 29.10
N ALA G 3 40.18 -26.96 29.06
CA ALA G 3 39.68 -28.17 28.54
C ALA G 3 38.46 -28.62 29.30
N LEU G 4 37.44 -29.08 28.66
CA LEU G 4 36.24 -29.60 29.19
C LEU G 4 36.43 -30.99 29.75
N THR G 5 35.75 -31.34 30.84
CA THR G 5 36.03 -32.55 31.64
C THR G 5 34.99 -33.66 31.47
N GLN G 6 35.45 -34.88 31.16
CA GLN G 6 34.61 -35.96 30.60
C GLN G 6 34.88 -37.34 31.24
N PRO G 7 33.94 -38.30 31.17
CA PRO G 7 34.17 -39.71 31.49
C PRO G 7 34.99 -40.40 30.40
N ALA G 8 36.31 -40.52 30.60
CA ALA G 8 37.25 -40.90 29.53
C ALA G 8 37.03 -42.30 28.91
N SER G 9 36.46 -43.25 29.64
CA SER G 9 36.13 -44.59 29.16
C SER G 9 34.69 -44.97 29.51
N VAL G 10 33.93 -45.43 28.52
CA VAL G 10 32.51 -45.82 28.64
C VAL G 10 32.27 -47.12 27.87
N SER G 11 31.36 -47.98 28.32
CA SER G 11 31.05 -49.26 27.66
C SER G 11 29.59 -49.70 27.84
N GLY G 12 29.11 -50.55 26.92
CA GLY G 12 27.77 -51.15 26.98
C GLY G 12 27.63 -52.36 26.06
N SER G 13 26.62 -53.20 26.28
CA SER G 13 26.30 -54.32 25.40
C SER G 13 25.69 -53.84 24.06
N PRO G 14 25.77 -54.63 22.98
CA PRO G 14 25.05 -54.32 21.73
C PRO G 14 23.57 -53.98 21.98
N GLY G 15 23.08 -52.93 21.32
CA GLY G 15 21.70 -52.45 21.45
C GLY G 15 21.40 -51.56 22.67
N GLN G 16 22.31 -51.44 23.65
CA GLN G 16 22.12 -50.51 24.78
C GLN G 16 22.16 -49.04 24.33
N SER G 17 21.61 -48.15 25.16
CA SER G 17 21.55 -46.75 25.04
C SER G 17 22.41 -46.08 26.08
N ILE G 18 23.55 -45.53 25.66
CA ILE G 18 24.54 -44.90 26.51
C ILE G 18 24.69 -43.42 26.12
N THR G 19 24.95 -42.59 27.11
CA THR G 19 25.15 -41.15 26.94
C THR G 19 26.57 -40.77 27.34
N ILE G 20 27.32 -40.14 26.45
CA ILE G 20 28.50 -39.37 26.85
C ILE G 20 28.00 -38.06 27.47
N SER G 21 28.23 -37.86 28.76
CA SER G 21 27.82 -36.68 29.53
C SER G 21 29.03 -35.91 30.03
N CYS G 22 29.10 -34.61 29.74
CA CYS G 22 30.34 -33.84 29.73
C CYS G 22 30.17 -32.40 30.27
N THR G 23 31.10 -31.93 31.10
CA THR G 23 31.01 -30.88 32.04
C THR G 23 31.88 -29.70 31.68
N GLY G 24 31.45 -28.50 31.88
CA GLY G 24 32.10 -27.29 31.69
C GLY G 24 31.95 -26.22 32.67
N THR G 25 31.86 -24.98 32.30
CA THR G 25 31.71 -23.81 33.08
C THR G 25 30.55 -22.96 32.61
N SER G 26 30.24 -21.91 33.36
CA SER G 26 29.19 -20.99 32.93
C SER G 26 29.58 -20.26 31.66
N ASN G 27 30.86 -19.89 31.54
CA ASN G 27 31.30 -19.03 30.44
C ASN G 27 31.33 -19.75 29.10
N ASP G 28 31.20 -21.02 29.01
CA ASP G 28 31.30 -21.83 27.84
C ASP G 28 30.14 -22.74 27.52
N VAL G 29 29.51 -23.32 28.49
CA VAL G 29 28.48 -24.30 28.40
C VAL G 29 27.20 -23.87 29.07
N GLY G 30 27.35 -23.08 30.13
CA GLY G 30 26.21 -22.69 30.93
C GLY G 30 25.30 -21.69 30.22
N ASP G 31 25.82 -20.51 29.94
CA ASP G 31 25.03 -19.44 29.35
C ASP G 31 24.95 -19.54 27.82
N TYR G 32 25.67 -20.47 27.22
CA TYR G 32 25.74 -20.57 25.76
C TYR G 32 25.45 -22.01 25.34
N ASP G 33 24.74 -22.15 24.22
CA ASP G 33 24.42 -23.46 23.65
C ASP G 33 25.36 -23.80 22.50
N TYR G 34 26.63 -23.40 22.61
CA TYR G 34 27.60 -23.53 21.54
C TYR G 34 28.35 -24.86 21.59
N VAL G 35 27.78 -25.92 22.05
CA VAL G 35 28.31 -27.21 22.23
C VAL G 35 28.25 -28.02 20.96
N SER G 36 29.26 -28.75 20.61
CA SER G 36 29.42 -29.60 19.48
C SER G 36 30.16 -30.86 19.81
N TRP G 37 30.03 -31.91 19.06
CA TRP G 37 30.59 -33.20 19.19
C TRP G 37 31.34 -33.66 17.97
N TYR G 38 32.33 -34.47 18.10
CA TYR G 38 33.20 -35.04 17.14
C TYR G 38 33.36 -36.52 17.31
N GLN G 39 33.51 -37.29 16.28
CA GLN G 39 33.74 -38.68 16.21
C GLN G 39 35.01 -39.03 15.47
N LEU G 40 36.01 -39.54 16.09
CA LEU G 40 37.33 -39.84 15.64
C LEU G 40 37.54 -41.31 15.42
N HIS G 41 37.38 -41.80 14.20
CA HIS G 41 37.85 -43.13 13.86
C HIS G 41 39.37 -43.13 13.80
N PRO G 42 40.01 -44.29 13.98
CA PRO G 42 41.48 -44.32 14.03
C PRO G 42 42.14 -43.62 12.84
N GLY G 43 42.83 -42.52 13.13
CA GLY G 43 43.58 -41.80 12.11
C GLY G 43 42.74 -41.29 10.97
N LYS G 44 41.63 -40.62 11.29
CA LYS G 44 40.73 -40.10 10.27
C LYS G 44 40.32 -38.68 10.63
N ALA G 45 39.78 -37.97 9.64
CA ALA G 45 39.29 -36.62 9.88
C ALA G 45 38.16 -36.66 10.88
N PRO G 46 38.18 -35.81 11.93
CA PRO G 46 37.06 -35.79 12.88
C PRO G 46 35.72 -35.55 12.18
N LYS G 47 34.68 -36.24 12.63
CA LYS G 47 33.37 -36.16 12.00
C LYS G 47 32.40 -35.45 12.94
N LEU G 48 31.88 -34.30 12.49
CA LEU G 48 30.89 -33.58 13.26
C LEU G 48 29.62 -34.41 13.38
N LEU G 49 29.08 -34.58 14.55
CA LEU G 49 27.87 -35.19 14.90
C LEU G 49 26.75 -34.24 15.22
N ILE G 50 26.94 -33.45 16.27
CA ILE G 50 25.93 -32.53 16.78
C ILE G 50 26.55 -31.15 16.93
N PHE G 51 25.79 -30.13 16.54
CA PHE G 51 26.18 -28.74 16.73
C PHE G 51 25.00 -27.99 17.34
N ASP G 52 25.29 -26.87 17.98
CA ASP G 52 24.27 -26.06 18.63
C ASP G 52 23.46 -26.92 19.60
N VAL G 53 24.17 -27.79 20.31
CA VAL G 53 23.69 -28.68 21.37
C VAL G 53 22.78 -29.79 20.87
N SER G 54 21.82 -29.49 19.99
CA SER G 54 20.82 -30.48 19.60
C SER G 54 20.47 -30.40 18.12
N ARG G 55 21.42 -30.02 17.28
CA ARG G 55 21.23 -29.98 15.84
C ARG G 55 22.07 -31.05 15.18
N ARG G 56 21.49 -31.75 14.20
CA ARG G 56 22.16 -32.82 13.49
C ARG G 56 22.35 -32.46 12.02
N PRO G 57 23.56 -32.52 11.48
CA PRO G 57 23.75 -32.32 10.05
C PRO G 57 23.28 -33.55 9.25
N SER G 58 23.30 -33.40 7.93
CA SER G 58 22.97 -34.50 7.06
C SER G 58 24.12 -35.51 7.00
N GLY G 59 23.76 -36.76 6.73
CA GLY G 59 24.75 -37.82 6.60
C GLY G 59 25.17 -38.45 7.91
N VAL G 60 24.58 -38.04 9.02
CA VAL G 60 24.89 -38.60 10.34
C VAL G 60 23.74 -39.50 10.77
N SER G 61 24.00 -40.55 11.46
CA SER G 61 23.07 -41.45 12.01
C SER G 61 22.03 -40.75 12.84
N ASP G 62 20.76 -41.04 12.63
CA ASP G 62 19.71 -40.41 13.43
C ASP G 62 19.69 -40.94 14.86
N ARG G 63 20.40 -41.96 15.20
CA ARG G 63 20.57 -42.55 16.47
C ARG G 63 21.27 -41.66 17.46
N PHE G 64 21.94 -40.64 17.05
CA PHE G 64 22.64 -39.65 17.78
C PHE G 64 21.75 -38.48 18.14
N SER G 65 21.67 -38.07 19.35
CA SER G 65 20.92 -37.02 19.92
C SER G 65 21.73 -36.15 20.84
N GLY G 66 21.40 -34.92 21.02
CA GLY G 66 21.97 -33.98 21.86
C GLY G 66 21.14 -33.35 22.89
N SER G 67 21.64 -33.01 24.03
CA SER G 67 21.00 -32.48 25.16
C SER G 67 21.92 -31.67 26.03
N LYS G 68 21.44 -30.80 26.85
CA LYS G 68 22.11 -29.95 27.75
C LYS G 68 21.34 -29.70 29.02
N SER G 69 21.98 -29.54 30.14
CA SER G 69 21.47 -29.28 31.43
C SER G 69 22.48 -28.60 32.32
N GLY G 70 22.28 -27.41 32.77
CA GLY G 70 23.21 -26.70 33.49
C GLY G 70 24.48 -26.50 32.79
N ASP G 71 25.59 -26.83 33.36
CA ASP G 71 26.91 -26.78 32.86
C ASP G 71 27.37 -28.01 32.12
N THR G 72 26.59 -29.03 32.02
CA THR G 72 26.83 -30.33 31.52
C THR G 72 26.06 -30.63 30.26
N ALA G 73 26.65 -30.85 29.14
CA ALA G 73 26.14 -31.31 27.91
C ALA G 73 26.11 -32.81 27.85
N SER G 74 25.52 -33.41 26.87
CA SER G 74 25.37 -34.78 26.62
C SER G 74 25.18 -35.15 25.17
N LEU G 75 25.62 -36.28 24.72
CA LEU G 75 25.48 -36.90 23.46
C LEU G 75 25.00 -38.31 23.59
N THR G 76 23.76 -38.62 23.43
CA THR G 76 23.08 -39.83 23.63
C THR G 76 23.11 -40.73 22.41
N ILE G 77 23.43 -41.97 22.52
CA ILE G 77 23.48 -43.01 21.56
C ILE G 77 22.41 -44.03 21.81
N SER G 78 21.49 -44.27 20.93
CA SER G 78 20.40 -45.17 20.96
C SER G 78 20.66 -46.37 20.09
N GLY G 79 20.64 -47.57 20.58
CA GLY G 79 20.96 -48.71 19.89
C GLY G 79 22.37 -48.88 19.49
N LEU G 80 23.23 -49.12 20.48
CA LEU G 80 24.68 -49.25 20.30
C LEU G 80 24.98 -50.32 19.23
N GLN G 81 25.78 -49.96 18.23
CA GLN G 81 26.13 -50.66 17.05
C GLN G 81 27.59 -50.60 16.72
N ALA G 82 28.03 -51.20 15.67
CA ALA G 82 29.36 -51.28 15.21
C ALA G 82 29.95 -49.91 14.96
N GLU G 83 29.25 -49.05 14.29
CA GLU G 83 29.65 -47.77 13.86
C GLU G 83 29.94 -46.81 14.99
N ASP G 84 29.48 -47.07 16.17
CA ASP G 84 29.70 -46.36 17.37
C ASP G 84 31.08 -46.55 17.95
N GLU G 85 31.87 -47.44 17.45
CA GLU G 85 33.19 -47.77 17.83
C GLU G 85 34.16 -46.68 17.46
N ALA G 86 34.30 -45.62 18.18
CA ALA G 86 35.11 -44.50 17.93
C ALA G 86 35.20 -43.55 19.09
N ASP G 87 36.17 -42.71 19.16
CA ASP G 87 36.37 -41.67 20.09
C ASP G 87 35.31 -40.61 19.94
N TYR G 88 35.05 -39.82 20.93
CA TYR G 88 34.16 -38.74 21.02
C TYR G 88 34.74 -37.54 21.70
N TYR G 89 34.89 -36.42 21.08
CA TYR G 89 35.39 -35.18 21.51
C TYR G 89 34.37 -34.09 21.46
N CYS G 90 34.07 -33.39 22.50
CA CYS G 90 33.22 -32.28 22.62
C CYS G 90 33.96 -30.98 22.41
N SER G 91 33.30 -29.92 22.10
CA SER G 91 33.77 -28.62 21.84
C SER G 91 32.80 -27.55 22.24
N SER G 92 33.21 -26.36 22.49
CA SER G 92 32.46 -25.25 22.90
C SER G 92 33.08 -23.92 22.54
N TYR G 93 32.25 -22.91 22.33
CA TYR G 93 32.72 -21.55 22.06
C TYR G 93 32.50 -20.72 23.31
N THR G 94 33.60 -20.27 23.91
CA THR G 94 33.51 -19.46 25.12
C THR G 94 33.18 -18.01 24.78
N GLY G 95 32.69 -17.29 25.78
CA GLY G 95 32.37 -15.89 25.60
C GLY G 95 33.58 -15.02 25.33
N SER G 96 34.77 -15.51 25.67
CA SER G 96 36.01 -14.77 25.45
C SER G 96 36.56 -14.92 24.04
N SER G 97 35.76 -15.44 23.11
CA SER G 97 36.16 -15.56 21.70
C SER G 97 37.26 -16.61 21.53
N THR G 98 37.12 -17.74 22.20
CA THR G 98 38.07 -18.85 22.08
C THR G 98 37.30 -20.16 21.99
N TYR G 99 37.97 -21.16 21.44
CA TYR G 99 37.41 -22.50 21.31
C TYR G 99 38.06 -23.43 22.32
N VAL G 100 37.35 -24.39 22.84
CA VAL G 100 37.70 -25.36 23.80
C VAL G 100 37.36 -26.76 23.37
N PHE G 101 38.03 -27.75 23.84
CA PHE G 101 37.93 -29.13 23.57
C PHE G 101 37.92 -29.99 24.80
N GLY G 102 37.27 -31.10 24.81
CA GLY G 102 37.25 -32.04 25.81
C GLY G 102 38.41 -32.94 25.92
N THR G 103 38.47 -33.80 26.95
CA THR G 103 39.59 -34.75 27.15
C THR G 103 39.62 -35.84 26.08
N GLY G 104 38.52 -36.02 25.37
CA GLY G 104 38.19 -37.24 24.64
C GLY G 104 37.55 -38.26 25.55
N THR G 105 36.63 -39.04 24.97
CA THR G 105 36.03 -40.23 25.56
C THR G 105 36.05 -41.35 24.52
N LYS G 106 36.21 -42.61 24.93
CA LYS G 106 36.14 -43.77 24.03
C LYS G 106 35.03 -44.75 24.44
N VAL G 107 34.20 -45.12 23.48
CA VAL G 107 33.12 -46.13 23.62
C VAL G 107 33.69 -47.54 23.47
N SER G 108 33.01 -48.54 24.02
CA SER G 108 33.35 -49.96 23.88
C SER G 108 32.11 -50.87 23.93
N VAL G 109 31.86 -51.62 22.85
CA VAL G 109 30.85 -52.68 22.77
C VAL G 109 31.33 -53.92 23.56
N LEU G 110 30.64 -54.26 24.64
CA LEU G 110 30.93 -55.43 25.47
C LEU G 110 30.68 -56.74 24.72
#